data_8B76
#
_entry.id   8B76
#
_cell.length_a   154.160
_cell.length_b   69.880
_cell.length_c   159.050
_cell.angle_alpha   90.000
_cell.angle_beta   112.630
_cell.angle_gamma   90.000
#
_symmetry.space_group_name_H-M   'P 1 2 1'
#
loop_
_entity.id
_entity.type
_entity.pdbx_description
1 polymer 'DNA polymerase epsilon catalytic subunit A'
2 polymer 'Primer DNA sequence'
3 polymer 'Template DNA sequence'
4 non-polymer 'CALCIUM ION'
5 non-polymer "THYMIDINE-5'-TRIPHOSPHATE"
6 non-polymer 'ACETATE ION'
7 water water
#
loop_
_entity_poly.entity_id
_entity_poly.type
_entity_poly.pdbx_seq_one_letter_code
_entity_poly.pdbx_strand_id
1 'polypeptide(L)'
;GGDPHMMFGKKKNNGGSSTARYSAGNKYNTLSNNYALSAQQLLNASKIDDIDSMMGFERYVPPQYNGRFDAKDIDQIPGR
VGWLTNMHATLVSQETLSSGSNGGGNSNDGERVTTNQGISGVDFYFLDEEGGSFKSTVVYDPYFFIACNDESRVNDVEEL
VKKYLESCLKSLQIIRKEDLTMDNHLLGLQKTLIKLSFVNSNQLFEARKLLRPILQDNANNNVQRNIYNVAANGSEKVDA
KHLIEDIREYDVPYHVRVSIDKDIRVGKWYKVTQQGFIEDTRKIAFADPVVMAFDIETTKPPLKFPDSAVDQIMMISYMI
DGEGFLITNREIISEDIEDFEYTPKPEYPGFFTIFNENDEVALLQRFFEHIRDVRPTVISTFNGDFFDWPFIHNRSKIHG
LDMFDEIGFAPDAEGEYKSSYCSHMDCFRWVKRDSYLPQGSQGLKAVTQSKLGYNPIELDPELMTPYAFEKPQHLSEYSV
SDAVATYYLYMKYVHPFIFSLCTIIPLNPDETLRKGTGTLCEMLLMVQAYQHNILLPNKHTDPIERFYDGHLLESETYVG
GHVESLEAGVFRSDLKNEFKIDPSAIDELLQELPEALKFSVEVENKSSVDKVTNFEEIKNQITQKLLELKENNIRNELPL
IYHVDVASGYPNIMTTNRLQPDSIKAERDCASCDFNRPGKTCARKLKWAWRGEFFPSKMDEYNMIKRALQNETFPNKNKF
SKKKVLTFDELSYADQVIHIKKRLTEYSRKVYHRVKVSEIVEREAIVCQRENPFYVDTVKSFRDRRYEFKGLAKTWKGNL
SKIDPSDKHARDEAKKMIVLYDSLQLAHKVILNSFYGYVMRKGSRWYSMEMAGITCLTGATIIQMARALVERVGRPLELD
TDGIWCILPKSFPETYFFTLENGKKLYLSYPCSMLNYRVHQKFTNHQYQELKDPLNYIYETHSENTIFFEVDGPYKAMIL
PSSKEEGKGIKKRYAVFNEDGSLAELKGFELKRRGELQLIKNFQSDIFKVFLEGDTLEGCYSAVASVCNRWLDVLDSHGL
MLEDEDLVSLICENRSMSKTLKEYEGQKSTSITTARRLGDFLGEDMVKDKGLQCKYIISSKPFNAPVTERAIPVAIFSAD
IPIKRSFLRRWTLDPSLEDLDIRTIIDWGYYRERLGSAIQKIITIPAALQGVSNPVPRVEHPDWLKRKIAT
;
A,B
2 'polydeoxyribonucleotide' (DT)(DA)(DA)(DC)(DC)(DG)(DC)(DG)(DT)(DT)(DOC) C,P
3 'polydeoxyribonucleotide' (DC)(DT)(DC)(DT)(DA)(DG)(DA)(DA)(DC)(DG)(DC)(DG)(DG)(DT)(DT)(DA) D,T
#
loop_
_chem_comp.id
_chem_comp.type
_chem_comp.name
_chem_comp.formula
ACT non-polymer 'ACETATE ION' 'C2 H3 O2 -1'
CA non-polymer 'CALCIUM ION' 'Ca 2'
DA DNA linking 2'-DEOXYADENOSINE-5'-MONOPHOSPHATE 'C10 H14 N5 O6 P'
DC DNA linking 2'-DEOXYCYTIDINE-5'-MONOPHOSPHATE 'C9 H14 N3 O7 P'
DG DNA linking 2'-DEOXYGUANOSINE-5'-MONOPHOSPHATE 'C10 H14 N5 O7 P'
DOC DNA linking 2',3'-DIDEOXYCYTIDINE-5'-MONOPHOSPHATE 'C9 H14 N3 O6 P'
DT DNA linking THYMIDINE-5'-MONOPHOSPHATE 'C10 H15 N2 O8 P'
TTP non-polymer THYMIDINE-5'-TRIPHOSPHATE 'C10 H17 N2 O14 P3'
#
# COMPACT_ATOMS: atom_id res chain seq x y z
N ASN A 33 -10.20 -10.20 63.46
CA ASN A 33 -10.41 -9.60 62.15
C ASN A 33 -11.04 -8.22 62.29
N ASN A 34 -12.31 -8.19 62.69
CA ASN A 34 -13.00 -6.93 62.87
C ASN A 34 -12.40 -6.13 64.01
N TYR A 35 -12.39 -6.70 65.23
CA TYR A 35 -11.71 -6.02 66.33
C TYR A 35 -10.22 -5.87 66.02
N ALA A 36 -9.69 -6.79 65.21
CA ALA A 36 -8.30 -6.72 64.80
C ALA A 36 -8.12 -5.63 63.75
N LEU A 37 -8.97 -5.58 62.72
CA LEU A 37 -8.80 -4.48 61.78
C LEU A 37 -9.11 -3.14 62.42
N SER A 38 -10.09 -3.08 63.33
CA SER A 38 -10.11 -1.94 64.24
C SER A 38 -8.72 -1.54 64.77
N ALA A 39 -7.79 -2.48 65.06
CA ALA A 39 -6.48 -2.10 65.62
C ALA A 39 -5.68 -1.12 64.74
N GLN A 40 -5.34 -1.50 63.50
CA GLN A 40 -4.81 -0.52 62.54
C GLN A 40 -5.63 0.78 62.58
N GLN A 41 -6.96 0.62 62.62
CA GLN A 41 -7.87 1.76 62.56
C GLN A 41 -7.94 2.51 63.89
N LEU A 42 -7.96 1.80 65.03
CA LEU A 42 -7.95 2.52 66.31
C LEU A 42 -6.56 2.99 66.71
N LEU A 43 -5.50 2.35 66.19
CA LEU A 43 -4.15 2.87 66.42
C LEU A 43 -3.91 4.14 65.61
N ASN A 44 -4.26 4.11 64.31
CA ASN A 44 -4.16 5.30 63.48
C ASN A 44 -4.93 6.47 64.09
N ALA A 45 -6.04 6.18 64.77
CA ALA A 45 -6.83 7.23 65.39
C ALA A 45 -6.07 7.89 66.55
N SER A 46 -5.45 7.08 67.41
CA SER A 46 -4.69 7.64 68.52
C SER A 46 -3.47 8.41 68.03
N LYS A 47 -2.83 7.92 66.95
CA LYS A 47 -1.75 8.68 66.34
C LYS A 47 -2.25 10.03 65.83
N ILE A 48 -3.42 10.03 65.18
CA ILE A 48 -4.00 11.27 64.68
C ILE A 48 -4.35 12.20 65.83
N ASP A 49 -4.89 11.64 66.92
CA ASP A 49 -5.23 12.47 68.08
C ASP A 49 -3.98 13.06 68.72
N ASP A 50 -2.86 12.34 68.70
CA ASP A 50 -1.61 12.89 69.21
C ASP A 50 -1.07 13.96 68.26
N ILE A 51 -1.07 13.68 66.96
CA ILE A 51 -0.65 14.67 65.96
C ILE A 51 -1.50 15.92 66.07
N ASP A 52 -2.82 15.76 66.22
CA ASP A 52 -3.71 16.91 66.31
C ASP A 52 -3.40 17.75 67.53
N SER A 53 -3.25 17.10 68.70
CA SER A 53 -2.91 17.83 69.92
C SER A 53 -1.60 18.58 69.75
N MET A 54 -0.62 17.97 69.08
CA MET A 54 0.65 18.65 68.84
C MET A 54 0.44 19.92 68.02
N MET A 55 -0.49 19.89 67.07
CA MET A 55 -0.74 21.02 66.18
C MET A 55 -1.87 21.92 66.68
N GLY A 56 -2.32 21.75 67.92
CA GLY A 56 -3.29 22.63 68.52
C GLY A 56 -4.73 22.20 68.44
N PHE A 57 -5.00 20.93 68.17
CA PHE A 57 -6.38 20.42 68.05
C PHE A 57 -6.63 19.40 69.14
N GLU A 58 -6.86 19.89 70.36
CA GLU A 58 -7.30 19.03 71.44
C GLU A 58 -8.80 18.79 71.34
N ARG A 59 -9.21 17.52 71.51
CA ARG A 59 -10.62 17.17 71.39
C ARG A 59 -11.45 17.87 72.46
N TYR A 60 -12.28 18.81 72.04
CA TYR A 60 -13.11 19.58 72.95
C TYR A 60 -14.44 18.88 73.18
N VAL A 61 -14.86 18.84 74.45
CA VAL A 61 -16.15 18.30 74.84
C VAL A 61 -16.93 19.43 75.51
N PRO A 62 -18.10 19.80 75.01
CA PRO A 62 -18.84 20.92 75.59
C PRO A 62 -19.47 20.53 76.92
N PRO A 63 -19.84 21.50 77.75
CA PRO A 63 -20.49 21.17 79.03
C PRO A 63 -21.84 20.52 78.82
N GLN A 64 -22.42 20.06 79.93
CA GLN A 64 -23.77 19.51 79.89
C GLN A 64 -24.80 20.63 79.94
N TYR A 65 -26.00 20.31 79.45
CA TYR A 65 -27.07 21.30 79.38
C TYR A 65 -28.40 20.57 79.36
N ASN A 66 -29.29 20.91 80.28
CA ASN A 66 -30.59 20.25 80.41
C ASN A 66 -31.73 21.10 79.85
N GLY A 67 -31.42 22.16 79.13
CA GLY A 67 -32.43 22.98 78.49
C GLY A 67 -32.81 22.47 77.12
N ARG A 68 -33.47 23.35 76.36
CA ARG A 68 -34.01 22.98 75.06
C ARG A 68 -33.01 23.23 73.94
N PHE A 69 -33.13 22.41 72.89
CA PHE A 69 -32.25 22.55 71.70
C PHE A 69 -32.94 23.45 70.67
N ASP A 70 -32.89 24.75 70.88
CA ASP A 70 -33.44 25.74 69.95
C ASP A 70 -32.34 26.73 69.59
N ALA A 71 -32.06 26.87 68.29
CA ALA A 71 -30.94 27.67 67.82
C ALA A 71 -31.09 29.16 68.12
N LYS A 72 -32.28 29.63 68.47
CA LYS A 72 -32.45 31.01 68.90
C LYS A 72 -31.68 31.33 70.17
N ASP A 73 -31.36 30.32 70.98
CA ASP A 73 -30.69 30.48 72.27
C ASP A 73 -29.23 30.06 72.20
N ILE A 74 -28.56 30.36 71.09
CA ILE A 74 -27.17 29.97 70.91
C ILE A 74 -26.28 30.61 71.97
N ASP A 75 -26.60 31.85 72.38
CA ASP A 75 -25.75 32.56 73.34
C ASP A 75 -25.89 32.00 74.74
N GLN A 76 -27.02 31.36 75.04
CA GLN A 76 -27.26 30.79 76.37
C GLN A 76 -26.79 29.36 76.48
N ILE A 77 -26.76 28.61 75.38
CA ILE A 77 -26.41 27.19 75.46
C ILE A 77 -24.91 27.05 75.65
N PRO A 78 -24.44 26.26 76.63
CA PRO A 78 -23.00 26.10 76.84
C PRO A 78 -22.33 25.44 75.64
N GLY A 79 -21.24 26.04 75.19
CA GLY A 79 -20.50 25.49 74.07
C GLY A 79 -19.40 26.44 73.63
N ARG A 80 -18.68 26.01 72.59
CA ARG A 80 -17.57 26.75 72.03
C ARG A 80 -17.82 27.00 70.55
N VAL A 81 -17.72 28.26 70.14
CA VAL A 81 -17.95 28.65 68.74
C VAL A 81 -16.65 28.52 67.97
N GLY A 82 -16.74 27.97 66.76
CA GLY A 82 -15.59 27.83 65.91
C GLY A 82 -15.98 27.82 64.44
N TRP A 83 -14.99 28.14 63.60
CA TRP A 83 -15.16 28.09 62.15
C TRP A 83 -14.68 26.72 61.66
N LEU A 84 -15.59 25.97 61.04
CA LEU A 84 -15.27 24.61 60.64
C LEU A 84 -14.33 24.63 59.43
N THR A 85 -13.14 24.05 59.59
CA THR A 85 -12.14 24.04 58.54
C THR A 85 -11.85 22.65 57.98
N ASN A 86 -12.27 21.58 58.66
CA ASN A 86 -11.98 20.24 58.18
C ASN A 86 -12.86 19.23 58.91
N MET A 87 -12.91 18.02 58.35
CA MET A 87 -13.61 16.91 58.97
C MET A 87 -13.04 15.60 58.42
N HIS A 88 -12.96 14.58 59.29
CA HIS A 88 -12.44 13.27 58.89
C HIS A 88 -13.16 12.19 59.68
N ALA A 89 -13.40 11.06 59.02
CA ALA A 89 -13.95 9.90 59.71
C ALA A 89 -12.89 9.29 60.62
N THR A 90 -13.32 8.83 61.79
CA THR A 90 -12.41 8.33 62.81
C THR A 90 -13.08 7.18 63.56
N LEU A 91 -12.33 6.59 64.48
CA LEU A 91 -12.83 5.55 65.37
C LEU A 91 -12.53 5.97 66.81
N VAL A 92 -13.54 5.93 67.67
CA VAL A 92 -13.39 6.35 69.05
C VAL A 92 -13.75 5.19 69.96
N SER A 93 -13.15 5.19 71.15
CA SER A 93 -13.38 4.16 72.16
C SER A 93 -14.19 4.76 73.31
N GLN A 94 -15.25 4.05 73.70
CA GLN A 94 -16.10 4.47 74.82
C GLN A 94 -16.65 5.87 74.63
N ASN A 116 -15.50 -4.12 72.99
CA ASN A 116 -14.16 -3.53 73.00
C ASN A 116 -13.87 -2.86 71.66
N GLN A 117 -14.82 -2.97 70.74
CA GLN A 117 -14.66 -2.45 69.38
C GLN A 117 -14.92 -0.94 69.33
N GLY A 118 -14.39 -0.31 68.29
CA GLY A 118 -14.46 1.13 68.18
C GLY A 118 -15.79 1.61 67.64
N ILE A 119 -16.13 2.84 68.03
CA ILE A 119 -17.36 3.50 67.60
C ILE A 119 -17.02 4.43 66.43
N SER A 120 -17.80 4.32 65.36
CA SER A 120 -17.58 5.20 64.21
C SER A 120 -18.00 6.63 64.55
N GLY A 121 -17.27 7.59 63.99
CA GLY A 121 -17.55 8.98 64.22
C GLY A 121 -16.74 9.85 63.28
N VAL A 122 -16.93 11.16 63.42
CA VAL A 122 -16.26 12.14 62.57
C VAL A 122 -15.62 13.20 63.45
N ASP A 123 -14.34 13.45 63.23
CA ASP A 123 -13.64 14.58 63.85
C ASP A 123 -13.91 15.84 63.04
N PHE A 124 -14.30 16.92 63.72
CA PHE A 124 -14.54 18.21 63.08
C PHE A 124 -13.54 19.22 63.62
N TYR A 125 -12.74 19.80 62.74
CA TYR A 125 -11.65 20.68 63.12
C TYR A 125 -12.09 22.14 63.00
N PHE A 126 -11.89 22.91 64.06
CA PHE A 126 -12.39 24.27 64.15
C PHE A 126 -11.26 25.26 64.39
N LEU A 127 -11.50 26.51 63.99
CA LEU A 127 -10.72 27.66 64.42
C LEU A 127 -11.64 28.55 65.23
N ASP A 128 -11.28 28.82 66.48
CA ASP A 128 -12.15 29.57 67.36
C ASP A 128 -11.95 31.07 67.16
N GLU A 129 -12.78 31.87 67.86
CA GLU A 129 -12.74 33.32 67.73
C GLU A 129 -11.56 33.94 68.44
N GLU A 130 -10.98 33.26 69.43
CA GLU A 130 -9.86 33.79 70.20
C GLU A 130 -8.50 33.45 69.60
N GLY A 131 -8.44 33.27 68.29
CA GLY A 131 -7.17 32.96 67.65
C GLY A 131 -6.64 31.58 67.93
N GLY A 132 -7.48 30.68 68.44
CA GLY A 132 -7.05 29.32 68.72
C GLY A 132 -7.79 28.30 67.88
N SER A 133 -7.57 27.01 68.15
CA SER A 133 -8.18 25.94 67.38
C SER A 133 -8.53 24.78 68.30
N PHE A 134 -9.52 24.01 67.86
CA PHE A 134 -9.94 22.81 68.58
C PHE A 134 -10.64 21.89 67.59
N LYS A 135 -10.92 20.67 68.04
CA LYS A 135 -11.70 19.73 67.27
C LYS A 135 -12.73 19.05 68.17
N SER A 136 -13.84 18.65 67.57
CA SER A 136 -14.92 17.98 68.28
C SER A 136 -15.40 16.81 67.44
N THR A 137 -15.91 15.79 68.12
CA THR A 137 -16.29 14.53 67.48
C THR A 137 -17.80 14.33 67.57
N VAL A 138 -18.37 13.86 66.46
CA VAL A 138 -19.76 13.42 66.42
C VAL A 138 -19.76 11.93 66.10
N VAL A 139 -20.41 11.14 66.95
CA VAL A 139 -20.61 9.72 66.66
C VAL A 139 -21.97 9.56 66.02
N TYR A 140 -22.07 8.56 65.15
CA TYR A 140 -23.26 8.35 64.34
C TYR A 140 -23.21 6.95 63.74
N ASP A 141 -24.21 6.13 64.02
CA ASP A 141 -24.20 4.75 63.56
C ASP A 141 -24.29 4.68 62.05
N PRO A 142 -23.33 4.07 61.36
CA PRO A 142 -23.51 3.79 59.94
C PRO A 142 -24.75 2.93 59.72
N TYR A 143 -25.28 2.99 58.49
CA TYR A 143 -26.51 2.27 58.21
C TYR A 143 -26.69 2.13 56.71
N PHE A 144 -27.34 1.03 56.32
CA PHE A 144 -27.91 0.91 54.98
C PHE A 144 -29.26 0.21 55.10
N PHE A 145 -29.97 0.12 53.99
CA PHE A 145 -31.33 -0.41 53.98
C PHE A 145 -31.39 -1.73 53.24
N ILE A 146 -32.38 -2.54 53.60
CA ILE A 146 -32.77 -3.72 52.86
C ILE A 146 -34.15 -3.47 52.27
N ALA A 147 -34.31 -3.78 50.99
CA ALA A 147 -35.60 -3.64 50.32
C ALA A 147 -36.23 -5.01 50.14
N CYS A 148 -37.56 -5.08 50.25
CA CYS A 148 -38.29 -6.32 50.14
C CYS A 148 -39.22 -6.29 48.94
N ASN A 149 -39.39 -7.45 48.31
CA ASN A 149 -40.32 -7.60 47.19
C ASN A 149 -41.74 -7.95 47.65
N ASP A 150 -41.96 -8.08 48.95
CA ASP A 150 -43.30 -8.30 49.51
C ASP A 150 -43.43 -7.42 50.74
N GLU A 151 -44.20 -6.33 50.62
CA GLU A 151 -44.31 -5.37 51.71
C GLU A 151 -44.98 -5.97 52.93
N SER A 152 -45.88 -6.93 52.73
CA SER A 152 -46.62 -7.49 53.86
C SER A 152 -45.73 -8.30 54.78
N ARG A 153 -44.77 -9.02 54.21
CA ARG A 153 -43.92 -9.94 54.97
C ARG A 153 -42.62 -9.31 55.44
N VAL A 154 -42.57 -7.97 55.52
CA VAL A 154 -41.35 -7.28 55.95
C VAL A 154 -40.89 -7.78 57.30
N ASN A 155 -41.84 -8.13 58.18
CA ASN A 155 -41.49 -8.57 59.52
C ASN A 155 -40.75 -9.90 59.51
N ASP A 156 -41.10 -10.79 58.57
CA ASP A 156 -40.38 -12.05 58.45
C ASP A 156 -38.91 -11.82 58.14
N VAL A 157 -38.63 -10.90 57.19
CA VAL A 157 -37.25 -10.57 56.86
C VAL A 157 -36.55 -9.94 58.05
N GLU A 158 -37.28 -9.15 58.84
CA GLU A 158 -36.74 -8.60 60.08
C GLU A 158 -36.17 -9.70 60.96
N GLU A 159 -36.97 -10.74 61.22
CA GLU A 159 -36.54 -11.80 62.12
C GLU A 159 -35.40 -12.62 61.54
N LEU A 160 -35.31 -12.71 60.21
CA LEU A 160 -34.20 -13.44 59.60
C LEU A 160 -32.89 -12.69 59.76
N VAL A 161 -32.84 -11.44 59.28
CA VAL A 161 -31.59 -10.69 59.28
C VAL A 161 -31.14 -10.36 60.69
N LYS A 162 -32.10 -10.19 61.62
CA LYS A 162 -31.72 -9.98 63.01
C LYS A 162 -30.97 -11.18 63.57
N LYS A 163 -31.38 -12.39 63.18
CA LYS A 163 -30.67 -13.60 63.59
C LYS A 163 -29.47 -13.86 62.68
N TYR A 164 -29.61 -13.59 61.39
CA TYR A 164 -28.52 -13.87 60.45
C TYR A 164 -27.34 -12.94 60.66
N LEU A 165 -27.60 -11.68 61.04
CA LEU A 165 -26.54 -10.70 61.22
C LEU A 165 -26.29 -10.39 62.69
N GLU A 166 -26.53 -11.35 63.58
CA GLU A 166 -26.18 -11.16 64.99
C GLU A 166 -24.71 -10.81 65.17
N SER A 167 -23.87 -11.25 64.23
CA SER A 167 -22.43 -11.05 64.35
C SER A 167 -22.06 -9.57 64.34
N CYS A 168 -22.80 -8.75 63.59
CA CYS A 168 -22.43 -7.35 63.39
C CYS A 168 -23.55 -6.35 63.61
N LEU A 169 -24.81 -6.75 63.53
CA LEU A 169 -25.92 -5.80 63.56
C LEU A 169 -26.07 -5.20 64.96
N LYS A 170 -26.04 -3.87 65.06
CA LYS A 170 -26.28 -3.22 66.35
C LYS A 170 -27.76 -3.09 66.63
N SER A 171 -28.53 -2.58 65.66
CA SER A 171 -29.97 -2.39 65.84
C SER A 171 -30.65 -2.45 64.49
N LEU A 172 -31.98 -2.45 64.53
CA LEU A 172 -32.78 -2.65 63.33
C LEU A 172 -34.06 -1.84 63.47
N GLN A 173 -34.59 -1.38 62.32
CA GLN A 173 -35.77 -0.52 62.36
C GLN A 173 -36.44 -0.50 60.99
N ILE A 174 -37.74 -0.23 60.99
CA ILE A 174 -38.54 -0.12 59.77
C ILE A 174 -38.79 1.35 59.49
N ILE A 175 -38.40 1.81 58.30
CA ILE A 175 -38.62 3.19 57.89
C ILE A 175 -39.23 3.19 56.49
N ARG A 176 -39.82 4.32 56.13
CA ARG A 176 -40.40 4.54 54.82
C ARG A 176 -39.70 5.69 54.12
N LYS A 177 -39.46 5.52 52.82
CA LYS A 177 -38.89 6.59 52.01
C LYS A 177 -39.60 6.62 50.67
N GLU A 178 -39.53 7.78 50.01
CA GLU A 178 -40.17 7.96 48.72
C GLU A 178 -39.32 7.32 47.62
N ASP A 179 -39.94 6.42 46.85
CA ASP A 179 -39.27 5.70 45.78
C ASP A 179 -39.81 6.21 44.45
N LEU A 180 -38.95 6.84 43.66
CA LEU A 180 -39.39 7.47 42.41
C LEU A 180 -39.63 6.46 41.30
N THR A 181 -39.33 5.18 41.50
CA THR A 181 -39.67 4.14 40.55
C THR A 181 -40.92 3.37 40.94
N MET A 182 -41.55 3.73 42.06
CA MET A 182 -42.69 2.99 42.59
C MET A 182 -44.00 3.60 42.10
N ASP A 183 -44.92 2.75 41.70
CA ASP A 183 -46.24 3.21 41.29
C ASP A 183 -46.93 3.95 42.43
N ASN A 184 -47.64 5.02 42.07
CA ASN A 184 -48.43 5.84 43.01
C ASN A 184 -47.56 6.56 44.03
N HIS A 185 -46.28 6.79 43.75
CA HIS A 185 -45.46 7.52 44.71
C HIS A 185 -45.82 9.00 44.74
N LEU A 186 -46.32 9.54 43.62
CA LEU A 186 -46.76 10.92 43.58
C LEU A 186 -48.06 11.13 44.36
N LEU A 187 -48.76 10.06 44.73
CA LEU A 187 -49.97 10.15 45.54
C LEU A 187 -49.69 10.01 47.03
N GLY A 188 -48.42 9.90 47.42
CA GLY A 188 -48.04 9.81 48.81
C GLY A 188 -47.56 8.44 49.26
N LEU A 189 -47.68 7.43 48.41
CA LEU A 189 -47.23 6.09 48.77
C LEU A 189 -45.71 6.06 48.94
N GLN A 190 -45.25 5.19 49.84
CA GLN A 190 -43.85 5.12 50.21
C GLN A 190 -43.39 3.68 50.29
N LYS A 191 -42.09 3.46 50.16
CA LYS A 191 -41.50 2.14 50.16
C LYS A 191 -41.01 1.79 51.56
N THR A 192 -41.47 0.65 52.07
CA THR A 192 -41.07 0.18 53.38
C THR A 192 -39.69 -0.47 53.29
N LEU A 193 -38.78 -0.05 54.17
CA LEU A 193 -37.40 -0.50 54.14
C LEU A 193 -36.95 -0.87 55.55
N ILE A 194 -36.06 -1.85 55.63
CA ILE A 194 -35.44 -2.26 56.88
C ILE A 194 -34.11 -1.54 57.02
N LYS A 195 -34.00 -0.70 58.04
CA LYS A 195 -32.78 0.10 58.25
C LYS A 195 -31.86 -0.66 59.20
N LEU A 196 -30.72 -1.11 58.68
CA LEU A 196 -29.72 -1.82 59.47
C LEU A 196 -28.67 -0.83 59.97
N SER A 197 -28.48 -0.76 61.28
CA SER A 197 -27.52 0.16 61.88
C SER A 197 -26.37 -0.61 62.52
N PHE A 198 -25.22 0.04 62.62
CA PHE A 198 -24.00 -0.63 63.03
C PHE A 198 -23.18 0.27 63.96
N VAL A 199 -22.28 -0.36 64.71
CA VAL A 199 -21.42 0.39 65.61
C VAL A 199 -20.30 1.08 64.87
N ASN A 200 -19.85 0.50 63.74
CA ASN A 200 -18.82 1.12 62.93
C ASN A 200 -18.92 0.59 61.50
N SER A 201 -18.11 1.19 60.63
CA SER A 201 -18.16 0.84 59.21
C SER A 201 -17.60 -0.56 58.94
N ASN A 202 -16.69 -1.03 59.79
CA ASN A 202 -16.22 -2.41 59.65
C ASN A 202 -17.39 -3.40 59.79
N GLN A 203 -18.25 -3.17 60.78
CA GLN A 203 -19.41 -4.03 60.96
C GLN A 203 -20.40 -3.88 59.80
N LEU A 204 -20.56 -2.66 59.29
CA LEU A 204 -21.41 -2.46 58.12
C LEU A 204 -20.90 -3.27 56.93
N PHE A 205 -19.58 -3.27 56.73
CA PHE A 205 -19.02 -4.05 55.64
C PHE A 205 -19.20 -5.54 55.86
N GLU A 206 -19.09 -5.99 57.11
CA GLU A 206 -19.32 -7.40 57.42
C GLU A 206 -20.71 -7.85 56.99
N ALA A 207 -21.73 -7.07 57.35
CA ALA A 207 -23.09 -7.43 56.96
C ALA A 207 -23.25 -7.44 55.44
N ARG A 208 -22.55 -6.54 54.74
CA ARG A 208 -22.58 -6.56 53.28
C ARG A 208 -22.00 -7.85 52.75
N LYS A 209 -20.92 -8.35 53.36
CA LYS A 209 -20.34 -9.62 52.95
C LYS A 209 -21.31 -10.78 53.22
N LEU A 210 -22.02 -10.72 54.34
CA LEU A 210 -22.94 -11.80 54.68
C LEU A 210 -24.20 -11.76 53.82
N LEU A 211 -24.61 -10.58 53.37
CA LEU A 211 -25.86 -10.43 52.64
C LEU A 211 -25.71 -10.63 51.13
N ARG A 212 -24.50 -10.48 50.59
CA ARG A 212 -24.31 -10.67 49.15
C ARG A 212 -24.60 -12.10 48.70
N PRO A 213 -24.21 -13.17 49.41
CA PRO A 213 -24.62 -14.50 48.97
C PRO A 213 -26.13 -14.67 48.87
N ILE A 214 -26.88 -14.14 49.84
CA ILE A 214 -28.34 -14.21 49.77
C ILE A 214 -28.85 -13.51 48.53
N LEU A 215 -28.28 -12.34 48.22
CA LEU A 215 -28.72 -11.60 47.04
C LEU A 215 -28.37 -12.35 45.74
N GLN A 216 -27.29 -13.13 45.75
CA GLN A 216 -26.92 -13.89 44.56
C GLN A 216 -27.78 -15.14 44.41
N ASP A 217 -28.01 -15.86 45.50
CA ASP A 217 -28.85 -17.07 45.43
C ASP A 217 -30.27 -16.73 45.00
N ASN A 218 -30.76 -15.53 45.36
CA ASN A 218 -32.11 -15.14 44.95
C ASN A 218 -32.17 -14.81 43.46
N ALA A 219 -31.08 -14.29 42.89
CA ALA A 219 -31.06 -14.01 41.45
C ALA A 219 -30.93 -15.29 40.63
N ASN A 220 -30.21 -16.29 41.13
CA ASN A 220 -30.05 -17.55 40.42
C ASN A 220 -31.30 -18.42 40.60
N ASN A 221 -31.30 -19.55 39.91
CA ASN A 221 -32.44 -20.46 39.96
C ASN A 221 -32.50 -21.16 41.32
N ASN A 222 -33.71 -21.57 41.69
CA ASN A 222 -33.92 -22.25 42.96
C ASN A 222 -33.60 -23.73 42.84
N VAL A 223 -33.23 -24.33 43.97
CA VAL A 223 -33.04 -25.78 44.01
C VAL A 223 -34.39 -26.48 43.84
N GLN A 224 -34.33 -27.73 43.38
CA GLN A 224 -35.50 -28.42 42.85
C GLN A 224 -36.29 -29.17 43.91
N ARG A 225 -35.70 -30.22 44.49
CA ARG A 225 -36.34 -31.09 45.50
C ARG A 225 -37.59 -31.70 44.87
N ASN A 226 -38.74 -31.71 45.55
CA ASN A 226 -39.94 -32.36 45.02
C ASN A 226 -40.42 -31.62 43.78
N ILE A 227 -40.48 -32.33 42.65
CA ILE A 227 -40.93 -31.74 41.39
C ILE A 227 -42.45 -31.77 41.25
N TYR A 228 -43.15 -32.56 42.05
CA TYR A 228 -44.61 -32.60 42.03
C TYR A 228 -45.24 -31.61 43.00
N ASN A 229 -44.45 -31.05 43.92
CA ASN A 229 -44.93 -30.01 44.81
C ASN A 229 -45.46 -28.83 44.00
N VAL A 230 -46.75 -28.52 44.18
CA VAL A 230 -47.39 -27.48 43.40
C VAL A 230 -46.83 -26.10 43.78
N VAL A 238 -42.75 -18.68 50.48
CA VAL A 238 -41.32 -18.81 50.19
C VAL A 238 -40.50 -18.51 51.44
N ASP A 239 -39.22 -18.87 51.40
CA ASP A 239 -38.35 -18.72 52.55
C ASP A 239 -37.99 -17.25 52.76
N ALA A 240 -37.56 -16.95 54.00
CA ALA A 240 -37.30 -15.55 54.38
C ALA A 240 -36.19 -14.92 53.55
N LYS A 241 -35.21 -15.72 53.13
CA LYS A 241 -34.08 -15.17 52.38
C LYS A 241 -34.51 -14.62 51.03
N HIS A 242 -35.53 -15.23 50.41
CA HIS A 242 -35.90 -14.87 49.04
C HIS A 242 -36.76 -13.62 48.95
N LEU A 243 -37.18 -13.04 50.08
CA LEU A 243 -37.87 -11.75 50.04
C LEU A 243 -36.94 -10.56 50.11
N ILE A 244 -35.63 -10.79 50.26
CA ILE A 244 -34.65 -9.71 50.26
C ILE A 244 -34.44 -9.30 48.81
N GLU A 245 -35.04 -8.18 48.41
CA GLU A 245 -34.97 -7.74 47.02
C GLU A 245 -33.60 -7.18 46.68
N ASP A 246 -33.06 -6.32 47.53
CA ASP A 246 -31.81 -5.61 47.27
C ASP A 246 -31.41 -4.86 48.53
N ILE A 247 -30.13 -4.50 48.59
CA ILE A 247 -29.64 -3.58 49.62
C ILE A 247 -29.49 -2.20 48.98
N ARG A 248 -29.64 -1.17 49.80
CA ARG A 248 -29.73 0.19 49.29
C ARG A 248 -28.93 1.14 50.18
N GLU A 249 -28.31 2.13 49.54
CA GLU A 249 -27.52 3.16 50.24
C GLU A 249 -26.42 2.52 51.10
N TYR A 250 -25.80 1.48 50.55
CA TYR A 250 -24.74 0.74 51.24
C TYR A 250 -23.35 1.31 50.97
N ASP A 251 -23.21 2.11 49.91
CA ASP A 251 -21.91 2.56 49.44
C ASP A 251 -21.77 4.08 49.56
N VAL A 252 -22.34 4.65 50.60
CA VAL A 252 -22.21 6.08 50.88
C VAL A 252 -20.99 6.27 51.78
N PRO A 253 -20.00 7.07 51.38
CA PRO A 253 -18.88 7.37 52.27
C PRO A 253 -19.37 7.85 53.62
N TYR A 254 -18.79 7.32 54.70
CA TYR A 254 -19.36 7.54 56.02
C TYR A 254 -19.35 9.02 56.40
N HIS A 255 -18.26 9.72 56.13
CA HIS A 255 -18.19 11.13 56.50
C HIS A 255 -19.18 11.96 55.68
N VAL A 256 -19.41 11.57 54.42
CA VAL A 256 -20.49 12.18 53.65
C VAL A 256 -21.84 11.87 54.31
N ARG A 257 -21.99 10.64 54.79
CA ARG A 257 -23.24 10.24 55.46
C ARG A 257 -23.50 11.10 56.70
N VAL A 258 -22.45 11.41 57.46
CA VAL A 258 -22.62 12.24 58.65
C VAL A 258 -22.86 13.70 58.24
N SER A 259 -22.12 14.19 57.24
CA SER A 259 -22.27 15.57 56.82
C SER A 259 -23.66 15.84 56.23
N ILE A 260 -24.26 14.84 55.58
CA ILE A 260 -25.59 15.02 55.01
C ILE A 260 -26.65 14.93 56.10
N ASP A 261 -26.64 13.84 56.87
CA ASP A 261 -27.69 13.61 57.86
C ASP A 261 -27.69 14.69 58.94
N LYS A 262 -26.51 15.16 59.32
CA LYS A 262 -26.39 16.18 60.36
C LYS A 262 -26.36 17.59 59.81
N ASP A 263 -26.35 17.76 58.48
CA ASP A 263 -26.36 19.06 57.83
C ASP A 263 -25.22 19.95 58.34
N ILE A 264 -24.02 19.40 58.34
CA ILE A 264 -22.81 20.10 58.74
C ILE A 264 -21.94 20.30 57.51
N ARG A 265 -21.32 21.48 57.39
CA ARG A 265 -20.55 21.84 56.22
C ARG A 265 -19.29 22.59 56.63
N VAL A 266 -18.16 22.21 56.02
CA VAL A 266 -16.93 22.96 56.24
C VAL A 266 -17.07 24.35 55.63
N GLY A 267 -16.60 25.36 56.37
CA GLY A 267 -16.71 26.74 55.95
C GLY A 267 -17.78 27.52 56.67
N LYS A 268 -18.66 26.85 57.41
CA LYS A 268 -19.68 27.50 58.22
C LYS A 268 -19.18 27.66 59.65
N TRP A 269 -19.88 28.51 60.40
CA TRP A 269 -19.60 28.71 61.82
C TRP A 269 -20.62 27.94 62.64
N TYR A 270 -20.14 27.16 63.60
CA TYR A 270 -21.01 26.41 64.49
C TYR A 270 -20.60 26.68 65.93
N LYS A 271 -21.52 26.41 66.85
CA LYS A 271 -21.24 26.36 68.27
C LYS A 271 -21.40 24.91 68.72
N VAL A 272 -20.31 24.29 69.12
CA VAL A 272 -20.32 22.89 69.52
C VAL A 272 -20.93 22.80 70.91
N THR A 273 -22.16 22.31 70.99
CA THR A 273 -22.88 22.14 72.25
C THR A 273 -23.13 20.66 72.50
N GLN A 274 -23.67 20.37 73.69
CA GLN A 274 -23.96 18.98 74.03
C GLN A 274 -25.00 18.37 73.11
N GLN A 275 -26.03 19.15 72.77
CA GLN A 275 -27.09 18.65 71.90
C GLN A 275 -26.68 18.55 70.45
N GLY A 276 -25.61 19.22 70.05
CA GLY A 276 -25.10 19.12 68.70
C GLY A 276 -24.51 20.43 68.24
N PHE A 277 -24.18 20.47 66.95
CA PHE A 277 -23.66 21.68 66.34
C PHE A 277 -24.82 22.63 66.02
N ILE A 278 -24.67 23.89 66.40
CA ILE A 278 -25.64 24.93 66.08
C ILE A 278 -24.95 25.94 65.16
N GLU A 279 -25.48 26.07 63.94
CA GLU A 279 -24.91 27.06 63.02
C GLU A 279 -25.15 28.46 63.55
N ASP A 280 -24.08 29.26 63.58
CA ASP A 280 -24.15 30.65 64.01
C ASP A 280 -24.32 31.49 62.75
N THR A 281 -25.58 31.76 62.40
CA THR A 281 -25.88 32.57 61.22
C THR A 281 -25.41 34.01 61.38
N ARG A 282 -25.12 34.45 62.61
CA ARG A 282 -24.63 35.80 62.83
C ARG A 282 -23.22 35.96 62.28
N LYS A 283 -22.34 34.99 62.54
CA LYS A 283 -20.99 35.02 61.99
C LYS A 283 -21.05 34.94 60.47
N ILE A 284 -20.34 35.84 59.81
CA ILE A 284 -20.54 36.11 58.39
C ILE A 284 -19.35 35.63 57.54
N ALA A 285 -18.16 36.14 57.80
CA ALA A 285 -17.00 35.84 56.96
C ALA A 285 -16.19 34.68 57.52
N PHE A 286 -15.40 34.07 56.64
CA PHE A 286 -14.55 32.96 57.05
C PHE A 286 -13.50 33.45 58.04
N ALA A 287 -13.16 32.57 58.98
CA ALA A 287 -11.94 32.79 59.76
C ALA A 287 -10.74 32.73 58.83
N ASP A 288 -9.63 33.31 59.28
CA ASP A 288 -8.44 33.35 58.45
C ASP A 288 -7.46 32.26 58.88
N PRO A 289 -7.41 31.13 58.18
CA PRO A 289 -6.47 30.08 58.56
C PRO A 289 -5.04 30.47 58.23
N VAL A 290 -4.10 29.82 58.91
CA VAL A 290 -2.69 29.98 58.60
C VAL A 290 -2.39 29.19 57.34
N VAL A 291 -2.01 29.89 56.28
CA VAL A 291 -1.81 29.31 54.96
C VAL A 291 -0.32 29.30 54.65
N MET A 292 0.21 28.13 54.30
CA MET A 292 1.58 27.99 53.84
C MET A 292 1.57 27.35 52.46
N ALA A 293 2.36 27.91 51.54
CA ALA A 293 2.55 27.34 50.21
C ALA A 293 4.04 27.16 49.99
N PHE A 294 4.45 25.98 49.52
CA PHE A 294 5.86 25.68 49.37
C PHE A 294 6.13 25.02 48.03
N ASP A 295 7.40 25.13 47.61
CA ASP A 295 7.88 24.50 46.36
C ASP A 295 9.26 23.93 46.66
N ILE A 296 9.61 22.82 46.04
CA ILE A 296 10.93 22.18 46.27
C ILE A 296 11.67 22.10 44.94
N GLU A 297 12.98 22.34 44.95
CA GLU A 297 13.79 22.18 43.72
C GLU A 297 14.91 21.18 44.03
N THR A 298 15.31 20.35 43.07
CA THR A 298 16.24 19.27 43.34
C THR A 298 17.28 19.17 42.23
N THR A 299 18.31 18.37 42.50
CA THR A 299 19.36 18.11 41.50
C THR A 299 18.81 17.12 40.49
N LYS A 300 19.42 17.01 39.32
CA LYS A 300 18.84 16.13 38.28
C LYS A 300 19.93 15.65 37.32
N PRO A 301 19.88 14.38 36.87
CA PRO A 301 20.83 13.89 35.89
C PRO A 301 20.68 14.72 34.61
N PRO A 302 21.77 14.98 33.87
CA PRO A 302 21.69 15.75 32.64
C PRO A 302 20.72 15.10 31.65
N LEU A 303 19.77 15.88 31.13
CA LEU A 303 18.80 15.37 30.11
C LEU A 303 17.91 14.29 30.70
N LYS A 304 17.70 14.28 32.02
CA LYS A 304 16.92 13.17 32.63
C LYS A 304 16.06 13.69 33.78
N PHE A 305 15.17 12.85 34.32
CA PHE A 305 14.26 13.28 35.40
C PHE A 305 14.90 12.92 36.74
N PRO A 306 14.61 13.66 37.83
CA PRO A 306 15.21 13.39 39.14
C PRO A 306 14.75 12.06 39.69
N ASP A 307 15.59 11.48 40.54
CA ASP A 307 15.27 10.24 41.26
C ASP A 307 15.46 10.49 42.74
N SER A 308 14.37 10.44 43.51
CA SER A 308 14.45 10.57 44.96
C SER A 308 15.43 9.59 45.59
N ALA A 309 15.76 8.50 44.89
CA ALA A 309 16.71 7.53 45.42
C ALA A 309 18.08 8.14 45.65
N VAL A 310 18.56 8.92 44.68
CA VAL A 310 19.92 9.46 44.70
C VAL A 310 19.91 10.98 44.86
N ASP A 311 19.11 11.67 44.06
CA ASP A 311 19.17 13.13 44.01
C ASP A 311 18.72 13.75 45.32
N GLN A 312 19.22 14.96 45.58
CA GLN A 312 18.99 15.66 46.83
C GLN A 312 18.17 16.93 46.58
N ILE A 313 17.48 17.39 47.62
CA ILE A 313 16.74 18.63 47.54
C ILE A 313 17.70 19.78 47.79
N MET A 314 17.82 20.67 46.80
CA MET A 314 18.67 21.85 46.98
C MET A 314 18.05 22.82 47.97
N MET A 315 16.78 23.17 47.76
CA MET A 315 16.19 24.28 48.47
C MET A 315 14.68 24.08 48.54
N ILE A 316 14.07 24.66 49.57
CA ILE A 316 12.62 24.64 49.74
C ILE A 316 12.18 26.07 49.99
N SER A 317 11.48 26.66 49.02
CA SER A 317 10.92 27.99 49.15
C SER A 317 9.47 27.90 49.59
N TYR A 318 9.06 28.80 50.47
CA TYR A 318 7.68 28.78 50.95
C TYR A 318 7.27 30.18 51.40
N MET A 319 5.97 30.32 51.64
CA MET A 319 5.37 31.57 52.09
C MET A 319 4.28 31.24 53.10
N ILE A 320 4.29 31.91 54.24
CA ILE A 320 3.35 31.65 55.32
C ILE A 320 2.61 32.96 55.61
N ASP A 321 1.35 33.03 55.18
CA ASP A 321 0.49 34.19 55.42
C ASP A 321 1.16 35.48 54.92
N GLY A 322 1.85 35.37 53.78
CA GLY A 322 2.44 36.52 53.14
C GLY A 322 3.92 36.75 53.45
N GLU A 323 4.49 36.00 54.38
CA GLU A 323 5.89 36.15 54.77
C GLU A 323 6.71 35.09 54.04
N GLY A 324 7.66 35.53 53.21
CA GLY A 324 8.46 34.60 52.45
C GLY A 324 9.61 34.02 53.25
N PHE A 325 9.95 32.77 52.92
CA PHE A 325 11.07 32.08 53.55
C PHE A 325 11.75 31.19 52.52
N LEU A 326 13.01 30.87 52.79
CA LEU A 326 13.79 30.00 51.91
C LEU A 326 14.83 29.26 52.75
N ILE A 327 14.86 27.94 52.62
CA ILE A 327 15.85 27.10 53.27
C ILE A 327 16.72 26.47 52.17
N THR A 328 18.02 26.38 52.43
CA THR A 328 18.99 25.94 51.44
C THR A 328 19.80 24.76 51.95
N ASN A 329 20.21 23.90 51.01
CA ASN A 329 21.14 22.80 51.30
C ASN A 329 22.52 23.23 50.84
N ARG A 330 23.33 23.74 51.78
CA ARG A 330 24.60 24.34 51.43
C ARG A 330 25.59 23.32 50.87
N GLU A 331 25.36 22.04 51.08
CA GLU A 331 26.21 21.02 50.45
C GLU A 331 26.00 20.93 48.95
N ILE A 332 25.11 21.74 48.38
CA ILE A 332 24.86 21.75 46.94
C ILE A 332 24.82 23.20 46.46
N ILE A 333 24.33 24.09 47.30
CA ILE A 333 24.31 25.52 46.99
C ILE A 333 25.62 26.15 47.46
N SER A 334 26.27 26.88 46.55
CA SER A 334 27.64 27.31 46.79
C SER A 334 27.73 28.39 47.85
N GLU A 335 26.98 29.48 47.69
CA GLU A 335 27.08 30.61 48.59
C GLU A 335 25.91 30.62 49.56
N ASP A 336 26.17 31.11 50.77
CA ASP A 336 25.08 31.46 51.68
C ASP A 336 24.26 32.58 51.06
N ILE A 337 22.97 32.37 50.95
CA ILE A 337 22.09 33.34 50.31
C ILE A 337 21.58 34.32 51.36
N GLU A 338 21.44 35.58 50.97
CA GLU A 338 20.97 36.64 51.84
C GLU A 338 19.50 36.96 51.56
N ASP A 339 18.84 37.49 52.58
CA ASP A 339 17.44 37.92 52.45
C ASP A 339 17.29 38.87 51.27
N PHE A 340 16.40 38.53 50.35
CA PHE A 340 16.11 39.37 49.20
C PHE A 340 14.60 39.51 49.04
N GLU A 341 14.19 40.22 48.00
CA GLU A 341 12.79 40.53 47.76
C GLU A 341 12.43 40.23 46.32
N TYR A 342 11.28 39.58 46.15
CA TYR A 342 10.67 39.33 44.84
C TYR A 342 9.20 39.66 45.02
N THR A 343 8.84 40.91 44.74
CA THR A 343 7.45 41.34 44.73
C THR A 343 7.04 41.51 43.27
N PRO A 344 6.67 40.42 42.60
CA PRO A 344 6.44 40.47 41.14
C PRO A 344 5.50 41.56 40.71
N LYS A 345 4.58 41.98 41.59
CA LYS A 345 3.68 43.10 41.36
C LYS A 345 3.23 43.62 42.73
N PRO A 346 2.98 44.93 42.86
CA PRO A 346 2.68 45.49 44.20
C PRO A 346 1.69 44.69 45.00
N GLU A 347 0.65 44.16 44.36
CA GLU A 347 -0.38 43.35 45.00
C GLU A 347 0.16 42.04 45.57
N TYR A 348 1.38 41.65 45.22
CA TYR A 348 1.96 40.37 45.64
C TYR A 348 3.25 40.61 46.40
N PRO A 349 3.17 41.14 47.63
CA PRO A 349 4.39 41.37 48.43
C PRO A 349 5.19 40.08 48.56
N GLY A 350 6.51 40.21 48.56
CA GLY A 350 7.36 39.02 48.59
C GLY A 350 8.74 39.23 49.21
N PHE A 351 8.79 39.50 50.51
CA PHE A 351 10.04 39.62 51.23
C PHE A 351 10.40 38.27 51.84
N PHE A 352 11.55 37.72 51.44
CA PHE A 352 11.91 36.33 51.75
C PHE A 352 13.12 36.30 52.69
N THR A 353 12.87 35.90 53.93
CA THR A 353 13.96 35.56 54.85
C THR A 353 14.56 34.22 54.44
N ILE A 354 15.89 34.09 54.58
CA ILE A 354 16.61 32.91 54.13
C ILE A 354 17.10 32.13 55.34
N PHE A 355 17.04 30.80 55.24
CA PHE A 355 17.57 29.88 56.26
C PHE A 355 18.57 28.96 55.57
N ASN A 356 19.83 29.38 55.52
CA ASN A 356 20.87 28.52 54.97
C ASN A 356 21.23 27.44 55.98
N GLU A 357 21.33 26.20 55.53
CA GLU A 357 21.58 25.06 56.40
C GLU A 357 22.67 24.18 55.81
N ASN A 358 23.24 23.34 56.68
CA ASN A 358 24.44 22.59 56.31
C ASN A 358 24.11 21.45 55.34
N ASP A 359 23.35 20.46 55.79
CA ASP A 359 23.06 19.30 54.96
C ASP A 359 21.57 19.20 54.67
N GLU A 360 21.26 18.33 53.70
CA GLU A 360 19.87 18.09 53.32
C GLU A 360 19.01 17.74 54.52
N VAL A 361 19.50 16.83 55.37
CA VAL A 361 18.76 16.44 56.56
C VAL A 361 18.43 17.66 57.42
N ALA A 362 19.33 18.64 57.45
CA ALA A 362 19.07 19.85 58.22
C ALA A 362 17.96 20.68 57.58
N LEU A 363 17.97 20.79 56.26
CA LEU A 363 16.88 21.44 55.54
C LEU A 363 15.54 20.83 55.90
N LEU A 364 15.47 19.50 55.91
CA LEU A 364 14.21 18.82 56.21
C LEU A 364 13.73 19.12 57.62
N GLN A 365 14.63 19.10 58.60
CA GLN A 365 14.23 19.38 59.98
C GLN A 365 13.89 20.85 60.19
N ARG A 366 14.39 21.75 59.35
CA ARG A 366 13.97 23.14 59.43
C ARG A 366 12.57 23.31 58.87
N PHE A 367 12.28 22.69 57.72
CA PHE A 367 10.94 22.72 57.15
C PHE A 367 9.93 22.05 58.06
N PHE A 368 10.30 20.93 58.67
CA PHE A 368 9.39 20.22 59.56
C PHE A 368 9.19 20.97 60.88
N GLU A 369 10.20 21.71 61.34
CA GLU A 369 10.07 22.44 62.60
C GLU A 369 9.35 23.77 62.40
N HIS A 370 9.58 24.44 61.27
CA HIS A 370 8.84 25.66 60.98
C HIS A 370 7.35 25.36 60.85
N ILE A 371 7.00 24.26 60.17
CA ILE A 371 5.60 23.86 60.06
C ILE A 371 5.00 23.65 61.45
N ARG A 372 5.71 22.93 62.31
CA ARG A 372 5.26 22.76 63.69
C ARG A 372 5.13 24.10 64.39
N ASP A 373 5.95 25.09 64.01
CA ASP A 373 5.90 26.39 64.66
C ASP A 373 4.64 27.15 64.29
N VAL A 374 4.38 27.31 62.99
CA VAL A 374 3.27 28.17 62.57
C VAL A 374 1.93 27.44 62.69
N ARG A 375 1.93 26.11 62.65
CA ARG A 375 0.73 25.29 62.72
C ARG A 375 -0.24 25.63 61.58
N PRO A 376 0.08 25.24 60.34
CA PRO A 376 -0.78 25.60 59.21
C PRO A 376 -1.97 24.64 59.10
N THR A 377 -3.17 25.20 58.96
CA THR A 377 -4.35 24.41 58.66
C THR A 377 -4.57 24.23 57.17
N VAL A 378 -3.76 24.88 56.34
CA VAL A 378 -3.76 24.70 54.89
C VAL A 378 -2.32 24.75 54.40
N ILE A 379 -1.92 23.73 53.63
CA ILE A 379 -0.62 23.72 52.96
C ILE A 379 -0.87 23.58 51.47
N SER A 380 -0.39 24.53 50.70
CA SER A 380 -0.64 24.60 49.26
C SER A 380 0.63 24.31 48.48
N THR A 381 0.48 23.58 47.37
CA THR A 381 1.58 23.28 46.47
C THR A 381 1.09 23.42 45.04
N PHE A 382 2.01 23.26 44.10
CA PHE A 382 1.67 23.15 42.68
C PHE A 382 2.29 21.85 42.17
N ASN A 383 1.44 20.84 41.94
CA ASN A 383 1.86 19.49 41.59
C ASN A 383 2.63 18.82 42.73
N GLY A 384 2.36 19.26 43.96
CA GLY A 384 3.08 18.71 45.10
C GLY A 384 2.65 17.32 45.51
N ASP A 385 1.48 16.86 45.05
CA ASP A 385 1.01 15.54 45.44
C ASP A 385 1.77 14.42 44.74
N PHE A 386 2.39 14.69 43.59
CA PHE A 386 3.07 13.65 42.83
C PHE A 386 4.55 13.94 42.59
N PHE A 387 5.06 15.08 43.04
CA PHE A 387 6.50 15.33 42.96
C PHE A 387 7.07 15.79 44.30
N ASP A 388 6.64 16.98 44.76
CA ASP A 388 7.26 17.58 45.94
C ASP A 388 7.12 16.68 47.17
N TRP A 389 5.87 16.43 47.58
CA TRP A 389 5.64 15.59 48.76
C TRP A 389 6.29 14.21 48.64
N PRO A 390 6.17 13.46 47.54
CA PRO A 390 6.86 12.17 47.47
C PRO A 390 8.36 12.28 47.62
N PHE A 391 8.97 13.37 47.13
CA PHE A 391 10.40 13.57 47.31
C PHE A 391 10.74 13.77 48.77
N ILE A 392 10.15 14.80 49.40
CA ILE A 392 10.38 15.10 50.82
C ILE A 392 10.18 13.86 51.68
N HIS A 393 9.24 13.00 51.29
CA HIS A 393 9.03 11.76 52.04
C HIS A 393 10.19 10.79 51.85
N ASN A 394 10.59 10.55 50.60
CA ASN A 394 11.67 9.59 50.33
C ASN A 394 12.98 10.09 50.92
N ARG A 395 13.24 11.39 50.84
CA ARG A 395 14.47 11.93 51.40
C ARG A 395 14.46 11.89 52.93
N SER A 396 13.29 12.07 53.55
CA SER A 396 13.18 11.95 55.00
C SER A 396 13.48 10.52 55.45
N LYS A 397 13.00 9.54 54.69
CA LYS A 397 13.25 8.13 55.04
C LYS A 397 14.74 7.82 54.97
N ILE A 398 15.38 8.17 53.86
CA ILE A 398 16.81 7.91 53.68
C ILE A 398 17.61 8.47 54.85
N HIS A 399 17.20 9.63 55.36
CA HIS A 399 17.89 10.29 56.46
C HIS A 399 17.34 9.88 57.83
N GLY A 400 16.61 8.78 57.89
CA GLY A 400 16.11 8.29 59.19
C GLY A 400 15.11 9.21 59.85
N LEU A 401 14.18 9.76 59.08
CA LEU A 401 13.15 10.65 59.62
C LEU A 401 11.79 10.12 59.20
N ASP A 402 10.86 10.08 60.16
CA ASP A 402 9.49 9.69 59.88
C ASP A 402 8.67 10.96 59.72
N MET A 403 8.17 11.20 58.50
CA MET A 403 7.45 12.44 58.23
C MET A 403 6.16 12.52 59.03
N PHE A 404 5.56 11.37 59.35
CA PHE A 404 4.29 11.40 60.11
C PHE A 404 4.56 12.00 61.50
N ASP A 405 5.46 11.38 62.28
CA ASP A 405 5.72 11.92 63.61
C ASP A 405 6.15 13.37 63.55
N GLU A 406 6.76 13.78 62.43
CA GLU A 406 7.29 15.13 62.31
C GLU A 406 6.17 16.15 62.07
N ILE A 407 5.38 15.94 61.01
CA ILE A 407 4.38 16.92 60.60
C ILE A 407 3.01 16.30 60.37
N GLY A 408 2.85 14.99 60.51
CA GLY A 408 1.55 14.37 60.38
C GLY A 408 1.07 14.14 58.97
N PHE A 409 1.96 14.19 57.99
CA PHE A 409 1.60 13.97 56.60
C PHE A 409 2.07 12.59 56.14
N ALA A 410 1.27 11.98 55.25
CA ALA A 410 1.53 10.63 54.79
C ALA A 410 0.75 10.41 53.50
N PRO A 411 1.19 9.46 52.66
CA PRO A 411 0.40 9.13 51.47
C PRO A 411 -0.87 8.37 51.84
N ASP A 412 -1.92 8.60 51.06
CA ASP A 412 -3.19 7.91 51.26
C ASP A 412 -3.36 6.82 50.21
N ALA A 413 -4.55 6.21 50.18
CA ALA A 413 -4.80 5.06 49.31
C ALA A 413 -4.64 5.40 47.83
N GLU A 414 -4.69 6.68 47.47
CA GLU A 414 -4.47 7.11 46.09
C GLU A 414 -3.05 7.63 45.87
N GLY A 415 -2.16 7.44 46.85
CA GLY A 415 -0.80 7.94 46.72
C GLY A 415 -0.65 9.43 46.89
N GLU A 416 -1.70 10.14 47.27
CA GLU A 416 -1.63 11.57 47.54
C GLU A 416 -1.33 11.81 49.01
N TYR A 417 -0.73 12.96 49.30
CA TYR A 417 -0.24 13.26 50.63
C TYR A 417 -1.23 14.15 51.36
N LYS A 418 -1.77 13.64 52.46
CA LYS A 418 -2.78 14.32 53.25
C LYS A 418 -2.34 14.37 54.71
N SER A 419 -3.16 15.02 55.53
CA SER A 419 -2.97 15.05 56.97
C SER A 419 -4.32 15.24 57.62
N SER A 420 -4.35 15.10 58.95
CA SER A 420 -5.60 15.22 59.67
C SER A 420 -5.98 16.68 59.91
N TYR A 421 -5.03 17.48 60.37
CA TYR A 421 -5.30 18.85 60.80
C TYR A 421 -5.17 19.87 59.69
N CYS A 422 -4.53 19.53 58.57
CA CYS A 422 -4.15 20.51 57.56
C CYS A 422 -4.51 19.99 56.17
N SER A 423 -5.38 20.70 55.48
CA SER A 423 -5.68 20.38 54.09
C SER A 423 -4.45 20.61 53.22
N HIS A 424 -4.23 19.71 52.27
CA HIS A 424 -3.20 19.88 51.25
C HIS A 424 -3.89 20.34 49.96
N MET A 425 -3.68 21.61 49.62
CA MET A 425 -4.35 22.22 48.47
C MET A 425 -3.36 22.30 47.32
N ASP A 426 -3.41 21.30 46.44
CA ASP A 426 -2.54 21.24 45.26
C ASP A 426 -3.21 22.05 44.16
N CYS A 427 -2.69 23.25 43.91
CA CYS A 427 -3.32 24.16 42.94
C CYS A 427 -3.43 23.53 41.56
N PHE A 428 -2.56 22.56 41.25
CA PHE A 428 -2.62 21.91 39.94
C PHE A 428 -3.94 21.17 39.73
N ARG A 429 -4.55 20.69 40.82
CA ARG A 429 -5.86 20.07 40.69
C ARG A 429 -6.92 21.10 40.32
N TRP A 430 -6.85 22.29 40.91
CA TRP A 430 -7.78 23.36 40.54
C TRP A 430 -7.59 23.75 39.08
N VAL A 431 -6.33 23.91 38.64
CA VAL A 431 -6.05 24.29 37.26
C VAL A 431 -6.60 23.25 36.30
N LYS A 432 -6.44 21.98 36.65
CA LYS A 432 -6.86 20.90 35.75
C LYS A 432 -8.37 20.79 35.65
N ARG A 433 -9.10 21.12 36.71
CA ARG A 433 -10.54 20.89 36.75
C ARG A 433 -11.39 22.15 36.60
N ASP A 434 -10.94 23.27 37.14
CA ASP A 434 -11.81 24.44 37.26
C ASP A 434 -11.27 25.70 36.60
N SER A 435 -10.13 25.64 35.93
CA SER A 435 -9.58 26.83 35.30
C SER A 435 -10.19 27.11 33.94
N TYR A 436 -10.59 26.06 33.22
CA TYR A 436 -11.00 26.13 31.81
C TYR A 436 -9.88 26.61 30.91
N LEU A 437 -8.64 26.55 31.40
CA LEU A 437 -7.46 26.88 30.63
C LEU A 437 -7.04 25.69 29.77
N PRO A 438 -6.56 25.93 28.55
CA PRO A 438 -6.07 24.83 27.72
C PRO A 438 -4.92 24.11 28.39
N GLN A 439 -4.75 22.84 28.02
CA GLN A 439 -3.67 22.04 28.60
C GLN A 439 -2.31 22.62 28.27
N GLY A 440 -2.19 23.32 27.14
CA GLY A 440 -0.97 24.03 26.84
C GLY A 440 -0.68 25.17 27.80
N SER A 441 -1.69 25.59 28.57
CA SER A 441 -1.54 26.71 29.50
C SER A 441 -1.73 26.28 30.95
N GLN A 442 -1.56 25.00 31.25
CA GLN A 442 -1.82 24.50 32.59
C GLN A 442 -0.57 24.42 33.46
N GLY A 443 0.58 24.88 32.97
CA GLY A 443 1.76 24.98 33.79
C GLY A 443 1.72 26.22 34.67
N LEU A 444 2.52 26.19 35.74
CA LEU A 444 2.51 27.29 36.70
C LEU A 444 2.87 28.61 36.02
N LYS A 445 3.77 28.56 35.03
CA LYS A 445 4.12 29.78 34.30
C LYS A 445 2.89 30.41 33.65
N ALA A 446 2.22 29.66 32.77
CA ALA A 446 1.08 30.21 32.04
C ALA A 446 -0.07 30.55 33.00
N VAL A 447 -0.29 29.71 34.02
CA VAL A 447 -1.34 29.99 34.99
C VAL A 447 -1.07 31.31 35.71
N THR A 448 0.20 31.55 36.07
CA THR A 448 0.55 32.81 36.71
C THR A 448 0.31 33.99 35.77
N GLN A 449 0.65 33.83 34.49
CA GLN A 449 0.40 34.90 33.52
C GLN A 449 -1.10 35.14 33.36
N SER A 450 -1.87 34.06 33.23
CA SER A 450 -3.31 34.20 32.98
C SER A 450 -4.04 34.77 34.20
N LYS A 451 -3.73 34.28 35.39
CA LYS A 451 -4.54 34.58 36.56
C LYS A 451 -3.94 35.63 37.49
N LEU A 452 -2.62 35.70 37.61
CA LEU A 452 -1.99 36.70 38.47
C LEU A 452 -1.52 37.93 37.70
N GLY A 453 -1.45 37.86 36.37
CA GLY A 453 -1.15 39.02 35.56
C GLY A 453 0.29 39.51 35.66
N TYR A 454 1.25 38.62 35.43
CA TYR A 454 2.65 38.98 35.31
C TYR A 454 3.41 37.76 34.79
N ASN A 455 4.71 37.94 34.55
CA ASN A 455 5.57 36.86 34.10
C ASN A 455 6.47 36.41 35.24
N PRO A 456 6.48 35.12 35.58
CA PRO A 456 7.38 34.64 36.63
C PRO A 456 8.74 34.26 36.08
N ILE A 457 9.70 34.12 37.00
CA ILE A 457 11.06 33.79 36.61
C ILE A 457 11.10 32.44 35.92
N GLU A 458 11.89 32.35 34.85
CA GLU A 458 12.06 31.14 34.07
C GLU A 458 13.50 30.67 34.16
N LEU A 459 13.69 29.36 34.00
CA LEU A 459 15.02 28.78 34.10
C LEU A 459 14.98 27.38 33.49
N ASP A 460 15.82 27.14 32.49
CA ASP A 460 15.92 25.83 31.88
C ASP A 460 16.21 24.78 32.95
N PRO A 461 15.38 23.75 33.09
CA PRO A 461 15.65 22.70 34.09
C PRO A 461 17.00 22.04 33.94
N GLU A 462 17.58 22.08 32.73
CA GLU A 462 18.91 21.53 32.50
C GLU A 462 20.02 22.41 33.08
N LEU A 463 19.70 23.63 33.49
CA LEU A 463 20.67 24.53 34.08
C LEU A 463 20.50 24.69 35.59
N MET A 464 19.48 24.05 36.17
CA MET A 464 19.20 24.23 37.59
C MET A 464 20.22 23.50 38.46
N THR A 465 20.51 22.24 38.15
CA THR A 465 21.58 21.54 38.84
C THR A 465 22.95 22.22 38.68
N PRO A 466 23.34 22.70 37.48
CA PRO A 466 24.59 23.48 37.39
C PRO A 466 24.54 24.80 38.14
N TYR A 467 23.55 25.64 37.86
CA TYR A 467 23.45 26.95 38.49
C TYR A 467 23.38 26.88 40.01
N ALA A 468 23.22 25.68 40.59
CA ALA A 468 23.34 25.54 42.03
C ALA A 468 24.71 25.98 42.53
N PHE A 469 25.76 25.75 41.72
CA PHE A 469 27.12 26.15 42.08
C PHE A 469 27.62 27.37 41.32
N GLU A 470 27.15 27.59 40.09
CA GLU A 470 27.68 28.67 39.28
C GLU A 470 27.02 30.01 39.59
N LYS A 471 25.69 30.06 39.57
CA LYS A 471 24.94 31.27 39.94
C LYS A 471 23.78 30.87 40.84
N PRO A 472 24.04 30.64 42.13
CA PRO A 472 22.98 30.21 43.05
C PRO A 472 22.01 31.32 43.42
N GLN A 473 22.39 32.58 43.27
CA GLN A 473 21.43 33.66 43.52
C GLN A 473 20.34 33.68 42.47
N HIS A 474 20.67 33.36 41.22
CA HIS A 474 19.65 33.23 40.18
C HIS A 474 18.74 32.03 40.45
N LEU A 475 19.32 30.96 40.98
CA LEU A 475 18.51 29.80 41.38
C LEU A 475 17.57 30.15 42.52
N SER A 476 18.02 31.00 43.44
CA SER A 476 17.18 31.38 44.57
C SER A 476 16.04 32.30 44.14
N GLU A 477 16.30 33.18 43.16
CA GLU A 477 15.25 34.05 42.66
C GLU A 477 14.19 33.27 41.89
N TYR A 478 14.55 32.13 41.31
CA TYR A 478 13.58 31.31 40.59
C TYR A 478 12.68 30.57 41.56
N SER A 479 13.27 29.95 42.58
CA SER A 479 12.48 29.17 43.53
C SER A 479 11.46 30.04 44.24
N VAL A 480 11.87 31.23 44.69
CA VAL A 480 10.92 32.12 45.34
C VAL A 480 9.83 32.52 44.38
N SER A 481 10.16 32.63 43.08
CA SER A 481 9.14 32.95 42.08
C SER A 481 8.06 31.88 42.05
N ASP A 482 8.45 30.60 41.97
CA ASP A 482 7.48 29.52 42.04
C ASP A 482 6.68 29.57 43.33
N ALA A 483 7.29 30.08 44.41
CA ALA A 483 6.60 30.14 45.70
C ALA A 483 5.59 31.27 45.75
N VAL A 484 5.97 32.48 45.30
CA VAL A 484 5.03 33.59 45.31
C VAL A 484 3.85 33.29 44.40
N ALA A 485 4.08 32.58 43.29
CA ALA A 485 2.99 32.28 42.37
C ALA A 485 2.01 31.29 43.00
N THR A 486 2.52 30.32 43.77
CA THR A 486 1.65 29.32 44.36
C THR A 486 0.81 29.90 45.49
N TYR A 487 1.43 30.71 46.37
CA TYR A 487 0.69 31.28 47.49
C TYR A 487 -0.45 32.17 47.01
N TYR A 488 -0.16 33.07 46.07
CA TYR A 488 -1.16 34.04 45.64
C TYR A 488 -2.19 33.42 44.70
N LEU A 489 -1.78 32.44 43.90
CA LEU A 489 -2.77 31.68 43.12
C LEU A 489 -3.76 31.00 44.04
N TYR A 490 -3.28 30.42 45.15
CA TYR A 490 -4.18 29.80 46.10
C TYR A 490 -5.04 30.82 46.81
N MET A 491 -4.44 31.92 47.27
CA MET A 491 -5.15 32.86 48.13
C MET A 491 -6.19 33.67 47.36
N LYS A 492 -5.98 33.90 46.07
CA LYS A 492 -6.88 34.72 45.28
C LYS A 492 -7.91 33.92 44.51
N TYR A 493 -7.61 32.68 44.12
CA TYR A 493 -8.50 31.91 43.27
C TYR A 493 -8.96 30.60 43.89
N VAL A 494 -8.06 29.84 44.51
CA VAL A 494 -8.40 28.49 44.97
C VAL A 494 -9.11 28.54 46.32
N HIS A 495 -8.46 29.13 47.32
CA HIS A 495 -9.03 29.18 48.67
C HIS A 495 -10.46 29.74 48.72
N PRO A 496 -10.77 30.87 48.08
CA PRO A 496 -12.17 31.34 48.12
C PRO A 496 -13.15 30.35 47.48
N PHE A 497 -12.78 29.76 46.35
CA PHE A 497 -13.71 28.90 45.62
C PHE A 497 -13.97 27.60 46.36
N ILE A 498 -12.91 26.95 46.83
CA ILE A 498 -13.06 25.61 47.41
C ILE A 498 -13.76 25.69 48.77
N PHE A 499 -13.35 26.63 49.62
CA PHE A 499 -13.96 26.73 50.95
C PHE A 499 -15.39 27.23 50.88
N SER A 500 -15.73 28.03 49.86
CA SER A 500 -17.12 28.41 49.67
C SER A 500 -17.93 27.24 49.13
N LEU A 501 -17.36 26.45 48.23
CA LEU A 501 -18.04 25.27 47.71
C LEU A 501 -18.27 24.24 48.82
N CYS A 502 -17.34 24.15 49.78
CA CYS A 502 -17.52 23.26 50.92
C CYS A 502 -18.72 23.65 51.77
N THR A 503 -19.17 24.91 51.69
CA THR A 503 -20.36 25.31 52.42
C THR A 503 -21.63 24.66 51.86
N ILE A 504 -21.59 24.16 50.64
CA ILE A 504 -22.75 23.54 50.03
C ILE A 504 -22.51 22.11 49.58
N ILE A 505 -21.27 21.66 49.46
CA ILE A 505 -20.95 20.28 49.11
C ILE A 505 -20.43 19.58 50.36
N PRO A 506 -20.96 18.40 50.73
CA PRO A 506 -20.60 17.75 51.99
C PRO A 506 -19.28 16.98 51.91
N LEU A 507 -18.22 17.68 51.51
CA LEU A 507 -16.88 17.13 51.48
C LEU A 507 -15.94 18.10 52.20
N ASN A 508 -14.78 17.61 52.60
CA ASN A 508 -13.77 18.48 53.19
C ASN A 508 -12.93 19.13 52.10
N PRO A 509 -12.15 20.16 52.43
CA PRO A 509 -11.37 20.85 51.39
C PRO A 509 -10.58 19.95 50.45
N ASP A 510 -9.86 18.96 50.99
CA ASP A 510 -9.06 18.08 50.14
C ASP A 510 -9.91 17.40 49.08
N GLU A 511 -11.11 16.94 49.45
CA GLU A 511 -11.96 16.23 48.51
C GLU A 511 -12.66 17.19 47.56
N THR A 512 -13.17 18.31 48.09
CA THR A 512 -13.81 19.31 47.23
C THR A 512 -12.85 19.81 46.15
N LEU A 513 -11.55 19.74 46.40
CA LEU A 513 -10.56 20.17 45.42
C LEU A 513 -10.33 19.12 44.34
N ARG A 514 -10.41 17.83 44.69
CA ARG A 514 -9.90 16.78 43.83
C ARG A 514 -10.97 15.92 43.16
N LYS A 515 -12.16 15.83 43.73
CA LYS A 515 -13.18 14.96 43.16
C LYS A 515 -13.64 15.46 41.80
N GLY A 516 -13.98 14.52 40.93
CA GLY A 516 -14.50 14.88 39.62
C GLY A 516 -15.79 15.69 39.75
N THR A 517 -16.05 16.53 38.74
CA THR A 517 -17.22 17.39 38.80
C THR A 517 -18.51 16.58 38.74
N GLY A 518 -18.47 15.38 38.16
CA GLY A 518 -19.63 14.50 38.23
C GLY A 518 -19.90 14.03 39.64
N THR A 519 -18.85 13.77 40.41
CA THR A 519 -19.03 13.38 41.81
C THR A 519 -19.57 14.54 42.64
N LEU A 520 -19.06 15.75 42.40
CA LEU A 520 -19.60 16.94 43.07
C LEU A 520 -21.09 17.07 42.81
N CYS A 521 -21.50 16.93 41.55
CA CYS A 521 -22.92 16.93 41.21
C CYS A 521 -23.67 15.88 42.00
N GLU A 522 -23.11 14.67 42.08
CA GLU A 522 -23.76 13.59 42.82
C GLU A 522 -23.92 13.94 44.29
N MET A 523 -22.91 14.57 44.89
CA MET A 523 -23.01 14.98 46.29
C MET A 523 -24.15 15.96 46.48
N LEU A 524 -24.21 16.99 45.63
CA LEU A 524 -25.29 17.97 45.72
C LEU A 524 -26.66 17.31 45.57
N LEU A 525 -26.78 16.39 44.60
CA LEU A 525 -28.05 15.73 44.36
C LEU A 525 -28.47 14.85 45.53
N MET A 526 -27.51 14.22 46.21
CA MET A 526 -27.85 13.35 47.33
C MET A 526 -28.38 14.14 48.51
N VAL A 527 -27.86 15.36 48.71
CA VAL A 527 -28.41 16.22 49.76
C VAL A 527 -29.88 16.52 49.50
N GLN A 528 -30.20 16.88 48.26
CA GLN A 528 -31.60 17.13 47.89
C GLN A 528 -32.43 15.87 48.04
N ALA A 529 -31.90 14.73 47.60
CA ALA A 529 -32.66 13.48 47.70
C ALA A 529 -32.91 13.10 49.15
N TYR A 530 -31.89 13.23 50.00
CA TYR A 530 -32.05 12.89 51.41
C TYR A 530 -33.05 13.82 52.08
N GLN A 531 -32.90 15.13 51.87
CA GLN A 531 -33.75 16.10 52.54
C GLN A 531 -35.20 16.04 52.07
N HIS A 532 -35.45 15.48 50.89
CA HIS A 532 -36.80 15.23 50.43
C HIS A 532 -37.23 13.78 50.69
N ASN A 533 -36.49 13.06 51.52
CA ASN A 533 -36.82 11.68 51.89
C ASN A 533 -36.96 10.79 50.66
N ILE A 534 -36.09 11.01 49.68
CA ILE A 534 -36.09 10.24 48.44
C ILE A 534 -35.02 9.16 48.54
N LEU A 535 -35.41 7.91 48.29
CA LEU A 535 -34.48 6.79 48.40
C LEU A 535 -33.44 6.87 47.28
N LEU A 536 -32.17 6.81 47.66
CA LEU A 536 -31.09 6.89 46.69
C LEU A 536 -31.09 5.65 45.79
N PRO A 537 -31.05 5.81 44.47
CA PRO A 537 -30.82 4.64 43.61
C PRO A 537 -29.38 4.16 43.72
N ASN A 538 -29.21 2.86 43.48
CA ASN A 538 -27.87 2.29 43.46
C ASN A 538 -27.12 2.74 42.21
N LYS A 539 -25.80 2.63 42.26
CA LYS A 539 -24.97 3.09 41.15
C LYS A 539 -25.23 2.28 39.90
N HIS A 540 -25.32 2.97 38.76
CA HIS A 540 -25.59 2.32 37.49
C HIS A 540 -24.46 1.37 37.10
N THR A 541 -24.81 0.30 36.43
CA THR A 541 -23.86 -0.70 35.96
C THR A 541 -24.13 -1.01 34.50
N ASP A 542 -23.07 -1.02 33.69
CA ASP A 542 -23.23 -1.28 32.27
C ASP A 542 -23.39 -2.79 32.02
N PRO A 543 -24.25 -3.18 31.09
CA PRO A 543 -24.26 -4.58 30.65
C PRO A 543 -22.93 -4.94 30.02
N ILE A 544 -22.47 -6.15 30.31
CA ILE A 544 -21.15 -6.57 29.85
C ILE A 544 -21.12 -6.68 28.32
N GLU A 545 -22.27 -6.91 27.69
CA GLU A 545 -22.39 -6.75 26.26
C GLU A 545 -23.86 -6.52 25.92
N ARG A 546 -24.11 -5.62 24.98
CA ARG A 546 -25.46 -5.31 24.50
C ARG A 546 -25.54 -5.63 23.01
N PHE A 547 -26.77 -5.77 22.53
CA PHE A 547 -27.00 -6.24 21.16
C PHE A 547 -28.00 -5.33 20.45
N TYR A 548 -27.87 -5.25 19.14
CA TYR A 548 -28.79 -4.51 18.28
C TYR A 548 -29.01 -5.31 17.00
N ASP A 549 -30.27 -5.63 16.72
CA ASP A 549 -30.65 -6.38 15.51
C ASP A 549 -29.88 -7.69 15.39
N GLY A 550 -29.55 -8.29 16.53
CA GLY A 550 -28.74 -9.51 16.56
C GLY A 550 -27.25 -9.28 16.48
N HIS A 551 -26.80 -8.07 16.16
CA HIS A 551 -25.38 -7.76 16.12
C HIS A 551 -24.90 -7.36 17.51
N LEU A 552 -23.69 -7.79 17.84
CA LEU A 552 -23.07 -7.33 19.08
C LEU A 552 -22.67 -5.87 18.94
N LEU A 553 -23.11 -5.04 19.87
CA LEU A 553 -22.75 -3.63 19.85
C LEU A 553 -21.33 -3.44 20.37
N GLU A 554 -20.59 -2.55 19.71
CA GLU A 554 -19.28 -2.14 20.22
C GLU A 554 -19.37 -0.89 21.08
N SER A 555 -20.32 -0.01 20.79
CA SER A 555 -20.53 1.24 21.51
C SER A 555 -21.82 1.86 21.02
N GLU A 556 -22.53 2.51 21.93
CA GLU A 556 -23.72 3.26 21.57
C GLU A 556 -23.70 4.60 22.29
N THR A 557 -24.40 5.57 21.71
CA THR A 557 -24.44 6.93 22.24
C THR A 557 -25.59 7.66 21.54
N TYR A 558 -25.62 8.98 21.69
CA TYR A 558 -26.61 9.83 21.07
C TYR A 558 -25.91 10.89 20.22
N VAL A 559 -26.66 11.48 19.29
CA VAL A 559 -26.12 12.54 18.44
C VAL A 559 -26.03 13.82 19.27
N GLY A 560 -24.81 14.34 19.40
CA GLY A 560 -24.58 15.50 20.24
C GLY A 560 -24.91 16.82 19.57
N GLY A 561 -23.99 17.79 19.70
CA GLY A 561 -24.25 19.12 19.17
C GLY A 561 -24.07 19.20 17.67
N HIS A 562 -24.78 20.16 17.08
CA HIS A 562 -24.72 20.43 15.65
C HIS A 562 -23.65 21.50 15.39
N VAL A 563 -22.73 21.20 14.48
CA VAL A 563 -21.63 22.10 14.15
C VAL A 563 -21.59 22.28 12.64
N GLU A 564 -21.44 23.53 12.20
CA GLU A 564 -21.40 23.85 10.77
C GLU A 564 -20.28 24.84 10.50
N SER A 565 -19.48 24.56 9.48
CA SER A 565 -18.58 25.55 8.88
C SER A 565 -19.24 26.04 7.60
N LEU A 566 -19.69 27.30 7.62
CA LEU A 566 -20.47 27.84 6.51
C LEU A 566 -19.68 28.74 5.59
N GLU A 567 -18.71 29.50 6.12
CA GLU A 567 -17.93 30.42 5.31
C GLU A 567 -16.54 30.56 5.93
N ALA A 568 -15.56 30.79 5.06
CA ALA A 568 -14.19 31.07 5.48
C ALA A 568 -13.75 32.41 4.89
N GLY A 569 -12.61 32.89 5.36
CA GLY A 569 -12.00 34.10 4.84
C GLY A 569 -11.87 35.17 5.91
N VAL A 570 -11.58 36.38 5.44
CA VAL A 570 -11.37 37.54 6.31
C VAL A 570 -12.63 38.40 6.27
N PHE A 571 -13.09 38.82 7.44
CA PHE A 571 -14.23 39.71 7.57
C PHE A 571 -13.87 40.81 8.54
N ARG A 572 -14.15 42.06 8.17
CA ARG A 572 -13.68 43.21 8.95
C ARG A 572 -14.73 44.31 8.89
N SER A 573 -14.73 45.15 9.93
CA SER A 573 -15.73 46.21 10.02
C SER A 573 -15.55 47.29 8.96
N ASP A 574 -14.37 47.37 8.34
CA ASP A 574 -14.10 48.41 7.35
C ASP A 574 -14.10 47.89 5.91
N LEU A 575 -14.27 46.58 5.71
CA LEU A 575 -14.31 45.99 4.39
C LEU A 575 -15.73 45.56 4.06
N LYS A 576 -16.24 46.00 2.91
CA LYS A 576 -17.64 45.77 2.56
C LYS A 576 -17.89 44.31 2.21
N ASN A 577 -19.15 43.91 2.34
CA ASN A 577 -19.59 42.55 2.06
C ASN A 577 -20.93 42.59 1.33
N GLU A 578 -21.22 41.52 0.59
CA GLU A 578 -22.43 41.43 -0.21
C GLU A 578 -23.48 40.63 0.55
N PHE A 579 -24.68 41.20 0.68
CA PHE A 579 -25.78 40.58 1.40
C PHE A 579 -26.99 40.46 0.48
N LYS A 580 -27.64 39.29 0.52
CA LYS A 580 -28.89 39.05 -0.20
C LYS A 580 -29.97 38.82 0.85
N ILE A 581 -30.80 39.83 1.09
CA ILE A 581 -31.80 39.81 2.14
C ILE A 581 -33.08 39.18 1.59
N ASP A 582 -33.58 38.17 2.29
CA ASP A 582 -34.86 37.56 1.93
C ASP A 582 -35.98 38.51 2.32
N PRO A 583 -36.76 39.04 1.35
CA PRO A 583 -37.83 39.96 1.72
C PRO A 583 -38.95 39.30 2.52
N SER A 584 -39.22 38.02 2.28
CA SER A 584 -40.24 37.34 3.08
C SER A 584 -39.81 37.23 4.54
N ALA A 585 -38.50 37.20 4.80
CA ALA A 585 -38.03 37.21 6.18
C ALA A 585 -38.31 38.55 6.85
N ILE A 586 -38.09 39.64 6.13
CA ILE A 586 -38.37 40.96 6.67
C ILE A 586 -39.86 41.12 6.95
N ASP A 587 -40.71 40.49 6.14
CA ASP A 587 -42.14 40.49 6.42
C ASP A 587 -42.42 39.83 7.76
N GLU A 588 -41.84 38.65 7.99
CA GLU A 588 -42.04 37.94 9.25
C GLU A 588 -41.57 38.76 10.43
N LEU A 589 -40.37 39.34 10.32
CA LEU A 589 -39.86 40.19 11.39
C LEU A 589 -40.79 41.36 11.67
N LEU A 590 -41.37 41.94 10.62
CA LEU A 590 -42.32 43.05 10.81
C LEU A 590 -43.61 42.55 11.44
N GLN A 591 -44.07 41.36 11.06
CA GLN A 591 -45.22 40.76 11.71
C GLN A 591 -44.95 40.55 13.20
N GLU A 592 -43.76 40.02 13.52
CA GLU A 592 -43.41 39.68 14.90
C GLU A 592 -42.99 40.89 15.71
N LEU A 593 -42.68 42.02 15.07
CA LEU A 593 -42.04 43.12 15.77
C LEU A 593 -42.82 43.67 16.96
N PRO A 594 -44.15 43.86 16.91
CA PRO A 594 -44.83 44.41 18.11
C PRO A 594 -44.76 43.48 19.31
N GLU A 595 -44.87 42.17 19.09
CA GLU A 595 -44.83 41.23 20.21
C GLU A 595 -43.39 40.97 20.67
N ALA A 596 -42.44 40.97 19.73
CA ALA A 596 -41.05 40.74 20.11
C ALA A 596 -40.50 41.89 20.94
N LEU A 597 -40.92 43.12 20.63
CA LEU A 597 -40.50 44.27 21.43
C LEU A 597 -41.17 44.26 22.79
N LYS A 598 -42.41 43.78 22.88
CA LYS A 598 -43.03 43.56 24.17
C LYS A 598 -42.33 42.43 24.92
N PHE A 599 -41.99 41.36 24.21
CA PHE A 599 -41.24 40.26 24.82
C PHE A 599 -39.90 40.75 25.34
N SER A 600 -39.25 41.66 24.62
CA SER A 600 -37.98 42.22 25.09
C SER A 600 -38.17 42.99 26.39
N VAL A 601 -39.32 43.63 26.58
CA VAL A 601 -39.55 44.43 27.77
C VAL A 601 -40.04 43.56 28.92
N GLU A 602 -41.06 42.74 28.67
CA GLU A 602 -41.75 42.07 29.75
C GLU A 602 -41.01 40.82 30.23
N VAL A 603 -40.36 40.11 29.33
CA VAL A 603 -39.66 38.87 29.67
C VAL A 603 -38.15 39.07 29.78
N GLU A 604 -37.54 39.66 28.75
CA GLU A 604 -36.08 39.77 28.73
C GLU A 604 -35.58 40.78 29.76
N ASN A 605 -36.36 41.82 30.04
CA ASN A 605 -35.97 42.83 31.02
C ASN A 605 -36.86 42.86 32.25
N LYS A 606 -37.85 41.98 32.34
CA LYS A 606 -38.72 41.84 33.52
C LYS A 606 -39.35 43.18 33.90
N SER A 607 -39.99 43.82 32.93
CA SER A 607 -40.67 45.10 33.15
C SER A 607 -42.05 45.02 32.52
N SER A 608 -42.63 46.18 32.23
CA SER A 608 -43.94 46.27 31.58
C SER A 608 -43.91 47.40 30.57
N VAL A 609 -44.69 47.25 29.50
CA VAL A 609 -44.77 48.26 28.46
C VAL A 609 -45.36 49.56 29.01
N ASP A 610 -46.13 49.49 30.09
CA ASP A 610 -46.76 50.69 30.64
C ASP A 610 -45.75 51.67 31.23
N LYS A 611 -44.53 51.22 31.52
CA LYS A 611 -43.52 52.08 32.14
C LYS A 611 -42.50 52.63 31.14
N VAL A 612 -42.51 52.16 29.89
CA VAL A 612 -41.57 52.64 28.89
C VAL A 612 -42.19 53.80 28.12
N THR A 613 -41.41 54.84 27.88
CA THR A 613 -41.91 56.03 27.21
C THR A 613 -41.78 55.95 25.69
N ASN A 614 -40.71 55.34 25.18
CA ASN A 614 -40.38 55.38 23.76
C ASN A 614 -40.56 54.03 23.08
N PHE A 615 -41.57 53.25 23.50
CA PHE A 615 -41.87 52.00 22.81
C PHE A 615 -42.17 52.23 21.34
N GLU A 616 -42.90 53.32 21.04
CA GLU A 616 -43.29 53.59 19.66
C GLU A 616 -42.10 54.12 18.85
N GLU A 617 -41.31 55.01 19.43
CA GLU A 617 -40.14 55.54 18.73
C GLU A 617 -39.19 54.42 18.32
N ILE A 618 -38.88 53.52 19.26
CA ILE A 618 -38.02 52.38 18.95
C ILE A 618 -38.65 51.52 17.86
N LYS A 619 -39.96 51.26 17.99
CA LYS A 619 -40.63 50.40 17.02
C LYS A 619 -40.61 51.02 15.63
N ASN A 620 -40.80 52.33 15.52
CA ASN A 620 -40.78 52.98 14.21
C ASN A 620 -39.39 52.97 13.61
N GLN A 621 -38.36 53.21 14.42
CA GLN A 621 -36.99 53.21 13.92
C GLN A 621 -36.62 51.84 13.37
N ILE A 622 -36.95 50.78 14.11
CA ILE A 622 -36.68 49.42 13.63
C ILE A 622 -37.47 49.14 12.37
N THR A 623 -38.75 49.47 12.40
CA THR A 623 -39.60 49.20 11.22
C THR A 623 -38.97 49.86 10.00
N GLN A 624 -38.56 51.13 10.15
CA GLN A 624 -37.99 51.86 9.02
C GLN A 624 -36.75 51.14 8.48
N LYS A 625 -35.80 50.83 9.36
CA LYS A 625 -34.60 50.11 8.94
C LYS A 625 -34.97 48.77 8.30
N LEU A 626 -35.98 48.10 8.83
CA LEU A 626 -36.40 46.82 8.27
C LEU A 626 -37.01 46.99 6.88
N LEU A 627 -37.82 48.04 6.69
CA LEU A 627 -38.45 48.26 5.39
C LEU A 627 -37.41 48.63 4.34
N GLU A 628 -36.43 49.47 4.70
CA GLU A 628 -35.35 49.78 3.78
C GLU A 628 -34.62 48.53 3.31
N LEU A 629 -34.52 47.52 4.17
CA LEU A 629 -33.92 46.26 3.77
C LEU A 629 -34.82 45.47 2.83
N LYS A 630 -36.13 45.60 2.99
CA LYS A 630 -37.06 44.89 2.10
C LYS A 630 -37.10 45.52 0.71
N GLU A 631 -36.88 46.83 0.61
CA GLU A 631 -36.86 47.48 -0.69
C GLU A 631 -35.55 47.23 -1.43
N ASN A 632 -34.44 47.22 -0.70
CA ASN A 632 -33.10 47.01 -1.28
C ASN A 632 -32.57 45.69 -0.75
N ASN A 633 -32.93 44.60 -1.45
CA ASN A 633 -32.46 43.28 -1.05
C ASN A 633 -30.96 43.13 -1.26
N ILE A 634 -30.50 43.40 -2.48
CA ILE A 634 -29.09 43.25 -2.80
C ILE A 634 -28.34 44.48 -2.27
N ARG A 635 -27.39 44.24 -1.37
CA ARG A 635 -26.63 45.30 -0.73
C ARG A 635 -25.17 44.89 -0.64
N ASN A 636 -24.28 45.90 -0.68
CA ASN A 636 -22.83 45.69 -0.62
C ASN A 636 -22.28 46.75 0.34
N GLU A 637 -22.34 46.46 1.63
CA GLU A 637 -22.01 47.44 2.66
C GLU A 637 -21.13 46.81 3.72
N LEU A 638 -20.78 47.62 4.73
CA LEU A 638 -19.95 47.15 5.83
C LEU A 638 -20.71 46.14 6.68
N PRO A 639 -20.01 45.20 7.31
CA PRO A 639 -20.70 44.19 8.12
C PRO A 639 -20.68 44.49 9.61
N LEU A 640 -21.59 43.85 10.34
CA LEU A 640 -21.55 43.79 11.79
C LEU A 640 -21.18 42.37 12.18
N ILE A 641 -20.01 42.21 12.80
CA ILE A 641 -19.51 40.89 13.17
C ILE A 641 -20.02 40.59 14.58
N TYR A 642 -21.10 39.81 14.65
CA TYR A 642 -21.79 39.52 15.91
C TYR A 642 -21.71 38.03 16.23
N HIS A 643 -21.83 37.72 17.52
CA HIS A 643 -21.91 36.36 18.01
C HIS A 643 -23.11 36.24 18.93
N VAL A 644 -23.91 35.20 18.73
CA VAL A 644 -25.08 34.93 19.57
C VAL A 644 -24.97 33.52 20.09
N ASP A 645 -25.04 33.39 21.41
CA ASP A 645 -24.86 32.08 22.07
C ASP A 645 -25.90 31.95 23.18
N VAL A 646 -26.55 30.79 23.30
CA VAL A 646 -27.53 30.59 24.35
C VAL A 646 -26.81 30.47 25.69
N ALA A 647 -27.27 31.24 26.68
CA ALA A 647 -26.64 31.20 27.99
C ALA A 647 -27.00 29.92 28.72
N SER A 648 -25.98 29.19 29.17
CA SER A 648 -26.15 27.91 29.85
C SER A 648 -27.12 27.02 29.07
N GLY A 649 -26.78 26.79 27.82
CA GLY A 649 -27.65 26.12 26.86
C GLY A 649 -28.27 24.83 27.34
N TYR A 650 -27.45 23.81 27.54
CA TYR A 650 -27.97 22.50 27.96
C TYR A 650 -28.69 22.57 29.30
N PRO A 651 -28.15 23.18 30.36
CA PRO A 651 -28.93 23.27 31.61
C PRO A 651 -30.28 23.92 31.42
N ASN A 652 -30.35 25.05 30.72
CA ASN A 652 -31.62 25.72 30.52
C ASN A 652 -32.56 24.90 29.64
N ILE A 653 -32.02 24.14 28.70
CA ILE A 653 -32.86 23.20 27.95
C ILE A 653 -33.44 22.14 28.89
N MET A 654 -32.63 21.69 29.85
CA MET A 654 -33.10 20.69 30.81
C MET A 654 -34.19 21.27 31.71
N THR A 655 -33.92 22.42 32.34
CA THR A 655 -34.89 22.98 33.28
C THR A 655 -36.15 23.48 32.58
N THR A 656 -36.02 23.97 31.34
CA THR A 656 -37.21 24.38 30.59
C THR A 656 -38.12 23.19 30.33
N ASN A 657 -37.54 22.08 29.87
CA ASN A 657 -38.32 20.88 29.55
C ASN A 657 -38.58 20.01 30.75
N ARG A 658 -38.17 20.42 31.96
CA ARG A 658 -38.34 19.62 33.16
C ARG A 658 -37.66 18.26 33.00
N LEU A 659 -36.45 18.27 32.43
CA LEU A 659 -35.74 17.04 32.11
C LEU A 659 -34.96 16.55 33.31
N GLN A 660 -35.10 15.26 33.62
CA GLN A 660 -34.33 14.62 34.68
C GLN A 660 -34.48 13.11 34.51
N PRO A 661 -33.49 12.33 34.96
CA PRO A 661 -33.56 10.88 34.72
C PRO A 661 -34.85 10.22 35.19
N ASP A 662 -35.34 10.60 36.38
CA ASP A 662 -36.55 9.98 36.90
C ASP A 662 -37.81 10.41 36.17
N SER A 663 -37.73 11.45 35.32
CA SER A 663 -38.89 11.88 34.55
C SER A 663 -39.08 11.06 33.27
N ILE A 664 -38.06 10.33 32.84
CA ILE A 664 -38.14 9.55 31.60
C ILE A 664 -38.95 8.29 31.88
N LYS A 665 -40.16 8.23 31.33
CA LYS A 665 -41.07 7.12 31.56
C LYS A 665 -41.04 6.13 30.39
N ALA A 666 -41.57 4.93 30.63
CA ALA A 666 -41.48 3.82 29.70
C ALA A 666 -42.83 3.40 29.13
N GLU A 667 -43.83 4.28 29.20
CA GLU A 667 -45.17 4.07 28.65
C GLU A 667 -45.96 3.02 29.42
N ARG A 668 -45.32 2.38 30.41
CA ARG A 668 -46.02 1.48 31.32
C ARG A 668 -46.36 2.15 32.64
N ASP A 669 -46.00 3.42 32.81
CA ASP A 669 -46.25 4.15 34.05
C ASP A 669 -47.10 5.39 33.81
N CYS A 670 -46.50 6.42 33.23
CA CYS A 670 -47.24 7.63 32.87
C CYS A 670 -47.22 7.85 31.37
N THR A 681 -51.22 15.08 28.19
CA THR A 681 -51.30 16.17 29.15
C THR A 681 -50.16 16.08 30.15
N CYS A 682 -50.13 14.98 30.90
CA CYS A 682 -49.04 14.75 31.85
C CYS A 682 -47.74 14.41 31.14
N ALA A 683 -47.83 13.80 29.95
CA ALA A 683 -46.67 13.29 29.23
C ALA A 683 -46.25 14.27 28.15
N ARG A 684 -44.98 14.69 28.19
CA ARG A 684 -44.39 15.54 27.16
C ARG A 684 -43.41 14.66 26.38
N LYS A 685 -43.82 14.27 25.17
CA LYS A 685 -42.97 13.43 24.33
C LYS A 685 -41.90 14.27 23.65
N LEU A 686 -40.65 13.85 23.79
CA LEU A 686 -39.53 14.55 23.18
C LEU A 686 -38.64 13.54 22.46
N LYS A 687 -38.03 14.01 21.37
CA LYS A 687 -37.26 13.14 20.48
C LYS A 687 -35.76 13.29 20.72
N TRP A 688 -35.04 12.19 20.54
CA TRP A 688 -33.59 12.19 20.50
C TRP A 688 -33.14 11.28 19.37
N ALA A 689 -31.83 11.25 19.12
CA ALA A 689 -31.24 10.45 18.06
C ALA A 689 -30.26 9.47 18.70
N TRP A 690 -30.59 8.19 18.64
CA TRP A 690 -29.68 7.13 19.07
C TRP A 690 -28.72 6.80 17.93
N ARG A 691 -27.49 6.42 18.30
CA ARG A 691 -26.49 6.00 17.33
C ARG A 691 -25.67 4.87 17.91
N GLY A 692 -25.73 3.71 17.26
CA GLY A 692 -25.00 2.54 17.70
C GLY A 692 -23.93 2.15 16.69
N GLU A 693 -22.86 1.52 17.20
CA GLU A 693 -21.78 1.00 16.38
C GLU A 693 -21.64 -0.49 16.69
N PHE A 694 -21.98 -1.33 15.71
CA PHE A 694 -22.02 -2.77 15.92
C PHE A 694 -21.15 -3.49 14.88
N PHE A 695 -20.91 -4.77 15.15
CA PHE A 695 -20.27 -5.66 14.20
C PHE A 695 -21.26 -6.09 13.13
N PRO A 696 -20.78 -6.37 11.91
CA PRO A 696 -21.70 -6.86 10.86
C PRO A 696 -22.11 -8.29 11.06
N SER A 697 -21.42 -9.04 11.91
CA SER A 697 -21.77 -10.43 12.16
C SER A 697 -23.11 -10.53 12.85
N LYS A 698 -23.91 -11.50 12.43
CA LYS A 698 -25.16 -11.86 13.08
C LYS A 698 -24.86 -12.86 14.21
N MET A 699 -25.89 -13.19 14.99
CA MET A 699 -25.72 -14.08 16.14
C MET A 699 -25.11 -15.41 15.71
N ASP A 700 -25.73 -16.08 14.73
CA ASP A 700 -25.28 -17.38 14.27
C ASP A 700 -23.76 -17.40 14.10
N GLU A 701 -23.22 -16.35 13.49
CA GLU A 701 -21.77 -16.16 13.49
C GLU A 701 -21.27 -15.98 14.93
N TYR A 702 -21.80 -14.99 15.65
CA TYR A 702 -21.37 -14.74 17.04
C TYR A 702 -21.25 -16.01 17.87
N ASN A 703 -22.27 -16.88 17.85
CA ASN A 703 -22.17 -18.14 18.59
C ASN A 703 -21.02 -19.00 18.08
N MET A 704 -20.82 -19.01 16.76
CA MET A 704 -19.79 -19.85 16.16
C MET A 704 -18.42 -19.53 16.75
N ILE A 705 -18.05 -18.24 16.73
CA ILE A 705 -16.78 -17.83 17.33
C ILE A 705 -16.68 -18.38 18.75
N LYS A 706 -17.66 -18.07 19.60
CA LYS A 706 -17.63 -18.46 21.01
C LYS A 706 -17.30 -19.94 21.19
N ARG A 707 -18.09 -20.82 20.57
CA ARG A 707 -17.87 -22.26 20.72
C ARG A 707 -16.45 -22.66 20.33
N ALA A 708 -15.91 -22.04 19.27
CA ALA A 708 -14.50 -22.25 18.94
C ALA A 708 -13.61 -21.86 20.09
N LEU A 709 -13.85 -20.70 20.71
CA LEU A 709 -13.08 -20.26 21.87
C LEU A 709 -13.25 -21.18 23.07
N GLN A 710 -14.41 -21.84 23.19
CA GLN A 710 -14.64 -22.73 24.32
C GLN A 710 -13.79 -23.98 24.23
N ASN A 711 -13.36 -24.36 23.03
CA ASN A 711 -12.47 -25.51 22.86
C ASN A 711 -11.00 -25.16 23.04
N GLU A 712 -10.66 -23.87 23.11
CA GLU A 712 -9.28 -23.45 23.28
C GLU A 712 -8.93 -23.38 24.76
N THR A 713 -7.65 -23.14 25.03
CA THR A 713 -7.12 -23.01 26.38
C THR A 713 -6.52 -21.63 26.57
N PHE A 714 -6.46 -21.20 27.83
CA PHE A 714 -6.04 -19.84 28.15
C PHE A 714 -5.13 -19.84 29.36
N PRO A 715 -4.04 -19.08 29.33
CA PRO A 715 -3.09 -19.09 30.46
C PRO A 715 -3.71 -18.53 31.72
N ASN A 716 -3.42 -19.20 32.84
CA ASN A 716 -3.95 -18.77 34.12
C ASN A 716 -3.25 -17.50 34.60
N LYS A 717 -3.98 -16.70 35.38
CA LYS A 717 -3.44 -15.46 35.94
C LYS A 717 -2.61 -15.82 37.17
N ASN A 718 -1.39 -16.27 36.90
CA ASN A 718 -0.45 -16.72 37.94
C ASN A 718 -1.05 -17.82 38.80
N LYS A 722 0.19 -22.87 40.32
CA LYS A 722 0.10 -24.33 40.34
C LYS A 722 -0.64 -24.85 39.11
N LYS A 723 -1.69 -24.15 38.72
CA LYS A 723 -2.46 -24.46 37.52
C LYS A 723 -2.03 -23.53 36.40
N LYS A 724 -1.52 -24.11 35.31
CA LYS A 724 -0.92 -23.34 34.24
C LYS A 724 -1.90 -22.93 33.15
N VAL A 725 -3.09 -23.54 33.10
CA VAL A 725 -4.04 -23.27 32.03
C VAL A 725 -5.45 -23.26 32.57
N LEU A 726 -6.33 -22.54 31.87
CA LEU A 726 -7.75 -22.48 32.19
C LEU A 726 -8.56 -22.68 30.92
N THR A 727 -9.84 -22.97 31.10
CA THR A 727 -10.76 -23.05 29.98
C THR A 727 -11.48 -21.72 29.80
N PHE A 728 -12.14 -21.56 28.65
CA PHE A 728 -12.86 -20.33 28.34
C PHE A 728 -13.95 -20.07 29.39
N ASP A 729 -14.76 -21.08 29.69
CA ASP A 729 -15.84 -20.91 30.66
C ASP A 729 -15.30 -20.66 32.07
N GLU A 730 -14.06 -21.05 32.35
CA GLU A 730 -13.44 -20.76 33.64
C GLU A 730 -13.00 -19.31 33.76
N LEU A 731 -12.93 -18.58 32.65
CA LEU A 731 -12.48 -17.20 32.67
C LEU A 731 -13.59 -16.27 33.13
N SER A 732 -13.22 -15.02 33.39
CA SER A 732 -14.21 -14.01 33.71
C SER A 732 -15.08 -13.73 32.48
N TYR A 733 -16.37 -13.51 32.71
CA TYR A 733 -17.27 -13.12 31.64
C TYR A 733 -16.75 -11.91 30.87
N ALA A 734 -15.93 -11.08 31.49
CA ALA A 734 -15.31 -9.93 30.83
C ALA A 734 -14.27 -10.37 29.82
N ASP A 735 -13.16 -10.96 30.30
CA ASP A 735 -12.10 -11.44 29.40
C ASP A 735 -12.64 -12.40 28.34
N GLN A 736 -13.76 -13.07 28.62
CA GLN A 736 -14.45 -13.84 27.59
C GLN A 736 -14.87 -12.94 26.44
N VAL A 737 -15.61 -11.87 26.75
CA VAL A 737 -16.08 -10.95 25.72
C VAL A 737 -14.90 -10.29 25.02
N ILE A 738 -13.83 -9.98 25.77
CA ILE A 738 -12.62 -9.44 25.16
C ILE A 738 -12.14 -10.35 24.04
N HIS A 739 -12.00 -11.65 24.33
CA HIS A 739 -11.58 -12.60 23.32
C HIS A 739 -12.62 -12.70 22.20
N ILE A 740 -13.90 -12.76 22.57
CA ILE A 740 -14.97 -12.81 21.58
C ILE A 740 -14.87 -11.62 20.64
N LYS A 741 -14.66 -10.42 21.21
CA LYS A 741 -14.55 -9.22 20.39
C LYS A 741 -13.39 -9.32 19.42
N LYS A 742 -12.18 -9.59 19.94
CA LYS A 742 -11.00 -9.71 19.09
C LYS A 742 -11.24 -10.67 17.94
N ARG A 743 -11.90 -11.79 18.20
CA ARG A 743 -12.15 -12.78 17.16
C ARG A 743 -13.24 -12.30 16.20
N LEU A 744 -14.34 -11.79 16.75
CA LEU A 744 -15.43 -11.31 15.90
C LEU A 744 -14.98 -10.18 14.98
N THR A 745 -14.00 -9.38 15.41
CA THR A 745 -13.43 -8.35 14.55
C THR A 745 -12.79 -8.97 13.30
N GLU A 746 -11.91 -9.95 13.49
CA GLU A 746 -11.23 -10.58 12.36
C GLU A 746 -12.23 -11.23 11.41
N TYR A 747 -13.16 -12.02 11.97
CA TYR A 747 -14.16 -12.70 11.14
C TYR A 747 -14.85 -11.74 10.20
N SER A 748 -15.38 -10.64 10.74
CA SER A 748 -16.09 -9.67 9.91
C SER A 748 -15.18 -9.04 8.87
N ARG A 749 -13.95 -8.69 9.26
CA ARG A 749 -12.98 -8.16 8.30
C ARG A 749 -12.79 -9.09 7.12
N LYS A 750 -12.94 -10.40 7.34
CA LYS A 750 -12.77 -11.39 6.28
C LYS A 750 -14.09 -11.66 5.55
N VAL A 751 -15.18 -11.83 6.29
CA VAL A 751 -16.46 -12.20 5.67
C VAL A 751 -17.19 -10.96 5.16
N TYR A 752 -17.14 -9.86 5.92
CA TYR A 752 -17.88 -8.65 5.57
C TYR A 752 -16.98 -7.52 5.07
N HIS A 753 -15.67 -7.61 5.27
CA HIS A 753 -14.72 -6.55 4.91
C HIS A 753 -15.07 -5.24 5.62
N ARG A 754 -15.70 -5.36 6.78
CA ARG A 754 -16.06 -4.24 7.63
C ARG A 754 -16.04 -4.73 9.07
N VAL A 755 -15.60 -3.88 9.99
CA VAL A 755 -15.58 -4.22 11.40
C VAL A 755 -16.67 -3.50 12.18
N LYS A 756 -17.03 -2.28 11.79
CA LYS A 756 -17.98 -1.46 12.52
C LYS A 756 -19.07 -0.98 11.56
N VAL A 757 -20.33 -1.07 11.99
CA VAL A 757 -21.46 -0.52 11.26
C VAL A 757 -22.15 0.49 12.16
N SER A 758 -22.28 1.72 11.66
CA SER A 758 -22.95 2.79 12.39
C SER A 758 -24.38 2.97 11.86
N GLU A 759 -25.28 3.35 12.76
CA GLU A 759 -26.68 3.54 12.41
C GLU A 759 -27.30 4.54 13.36
N ILE A 760 -28.18 5.39 12.84
CA ILE A 760 -28.86 6.41 13.61
C ILE A 760 -30.35 6.11 13.60
N VAL A 761 -30.93 5.98 14.80
CA VAL A 761 -32.35 5.72 14.97
C VAL A 761 -32.96 6.91 15.69
N GLU A 762 -34.03 7.46 15.13
CA GLU A 762 -34.81 8.49 15.80
C GLU A 762 -35.69 7.84 16.86
N ARG A 763 -35.51 8.25 18.11
CA ARG A 763 -36.24 7.67 19.22
C ARG A 763 -37.06 8.73 19.93
N GLU A 764 -38.10 8.27 20.62
CA GLU A 764 -38.99 9.13 21.38
C GLU A 764 -39.06 8.63 22.81
N ALA A 765 -39.13 9.56 23.76
CA ALA A 765 -39.23 9.22 25.17
C ALA A 765 -40.31 10.07 25.82
N ILE A 766 -40.92 9.51 26.86
CA ILE A 766 -41.94 10.21 27.63
C ILE A 766 -41.25 10.93 28.78
N VAL A 767 -41.44 12.26 28.85
CA VAL A 767 -40.90 13.04 29.95
C VAL A 767 -42.06 13.50 30.82
N CYS A 768 -42.34 12.73 31.88
CA CYS A 768 -43.39 13.08 32.82
C CYS A 768 -43.14 14.47 33.41
N GLN A 769 -44.18 15.30 33.43
CA GLN A 769 -44.08 16.67 33.91
C GLN A 769 -44.54 16.84 35.35
N ARG A 770 -44.88 15.73 36.03
CA ARG A 770 -45.31 15.80 37.42
C ARG A 770 -44.32 15.17 38.38
N GLU A 771 -43.25 14.55 37.88
CA GLU A 771 -42.31 13.84 38.73
C GLU A 771 -41.66 14.80 39.73
N ASN A 772 -41.33 14.26 40.91
CA ASN A 772 -40.59 14.96 41.96
C ASN A 772 -39.37 15.63 41.36
N PRO A 773 -39.37 16.97 41.27
CA PRO A 773 -38.33 17.65 40.49
C PRO A 773 -37.07 17.96 41.29
N PHE A 774 -36.65 17.04 42.18
CA PHE A 774 -35.47 17.32 43.00
C PHE A 774 -34.23 17.50 42.13
N TYR A 775 -34.12 16.72 41.05
CA TYR A 775 -33.01 16.89 40.11
C TYR A 775 -33.13 18.21 39.36
N VAL A 776 -34.29 18.43 38.72
CA VAL A 776 -34.53 19.66 37.98
C VAL A 776 -34.28 20.87 38.86
N ASP A 777 -34.75 20.82 40.11
CA ASP A 777 -34.58 21.96 41.01
C ASP A 777 -33.13 22.15 41.42
N THR A 778 -32.37 21.06 41.53
CA THR A 778 -30.95 21.19 41.84
C THR A 778 -30.21 21.92 40.72
N VAL A 779 -30.60 21.66 39.47
CA VAL A 779 -29.95 22.30 38.34
C VAL A 779 -30.33 23.77 38.26
N LYS A 780 -31.61 24.09 38.46
CA LYS A 780 -32.03 25.49 38.50
C LYS A 780 -31.23 26.27 39.54
N SER A 781 -31.04 25.69 40.73
CA SER A 781 -30.36 26.39 41.81
C SER A 781 -28.90 26.67 41.45
N PHE A 782 -28.20 25.68 40.91
CA PHE A 782 -26.80 25.90 40.57
C PHE A 782 -26.63 26.81 39.37
N ARG A 783 -27.58 26.80 38.44
CA ARG A 783 -27.56 27.77 37.35
C ARG A 783 -27.64 29.19 37.88
N ASP A 784 -28.60 29.45 38.77
CA ASP A 784 -28.70 30.76 39.40
C ASP A 784 -27.44 31.10 40.18
N ARG A 785 -26.84 30.08 40.82
CA ARG A 785 -25.57 30.28 41.50
C ARG A 785 -24.50 30.77 40.55
N ARG A 786 -24.43 30.19 39.35
CA ARG A 786 -23.44 30.63 38.37
C ARG A 786 -23.79 32.01 37.81
N TYR A 787 -25.07 32.22 37.47
CA TYR A 787 -25.50 33.49 36.87
C TYR A 787 -25.06 34.69 37.72
N GLU A 788 -25.03 34.52 39.03
CA GLU A 788 -24.57 35.60 39.91
C GLU A 788 -23.17 36.06 39.52
N PHE A 789 -22.25 35.10 39.34
CA PHE A 789 -20.87 35.44 39.01
C PHE A 789 -20.73 35.84 37.55
N LYS A 790 -21.49 35.20 36.66
CA LYS A 790 -21.47 35.62 35.26
C LYS A 790 -22.03 37.03 35.11
N GLY A 791 -23.02 37.39 35.93
CA GLY A 791 -23.52 38.76 35.90
C GLY A 791 -22.53 39.76 36.47
N LEU A 792 -21.90 39.41 37.59
CA LEU A 792 -20.88 40.28 38.17
C LEU A 792 -19.72 40.47 37.20
N ALA A 793 -19.34 39.42 36.48
CA ALA A 793 -18.30 39.55 35.46
C ALA A 793 -18.72 40.55 34.38
N LYS A 794 -19.98 40.48 33.95
CA LYS A 794 -20.47 41.41 32.94
C LYS A 794 -20.64 42.81 33.52
N THR A 795 -20.98 42.93 34.79
CA THR A 795 -21.09 44.24 35.42
C THR A 795 -19.73 44.95 35.43
N TRP A 796 -18.67 44.22 35.82
CA TRP A 796 -17.36 44.83 35.93
C TRP A 796 -16.68 45.04 34.58
N LYS A 797 -17.06 44.27 33.56
CA LYS A 797 -16.62 44.61 32.21
C LYS A 797 -17.22 45.94 31.77
N GLY A 798 -18.38 46.30 32.30
CA GLY A 798 -18.97 47.61 32.05
C GLY A 798 -18.30 48.68 32.88
N ASN A 799 -17.95 48.35 34.13
CA ASN A 799 -17.25 49.30 34.98
C ASN A 799 -15.89 49.68 34.39
N LEU A 800 -15.23 48.73 33.72
CA LEU A 800 -13.90 48.99 33.19
C LEU A 800 -13.95 49.97 32.02
N SER A 801 -14.99 49.87 31.19
CA SER A 801 -15.17 50.81 30.09
C SER A 801 -15.74 52.15 30.55
N LYS A 802 -16.17 52.26 31.80
CA LYS A 802 -16.62 53.53 32.35
C LYS A 802 -15.47 54.37 32.90
N ILE A 803 -14.35 53.75 33.27
CA ILE A 803 -13.25 54.45 33.90
C ILE A 803 -12.38 55.13 32.85
N ASP A 804 -11.82 56.27 33.21
CA ASP A 804 -10.94 57.00 32.29
C ASP A 804 -9.60 56.29 32.19
N PRO A 805 -9.07 56.10 30.98
CA PRO A 805 -7.79 55.39 30.82
C PRO A 805 -6.63 55.99 31.62
N SER A 806 -6.73 57.28 31.97
CA SER A 806 -5.65 57.96 32.66
C SER A 806 -5.55 57.59 34.14
N ASP A 807 -6.53 56.86 34.68
CA ASP A 807 -6.57 56.49 36.09
C ASP A 807 -6.20 55.00 36.18
N LYS A 808 -4.90 54.73 36.28
CA LYS A 808 -4.43 53.34 36.20
C LYS A 808 -4.99 52.49 37.33
N HIS A 809 -5.02 53.01 38.56
CA HIS A 809 -5.40 52.19 39.70
C HIS A 809 -6.85 51.73 39.59
N ALA A 810 -7.73 52.61 39.11
CA ALA A 810 -9.13 52.23 38.97
C ALA A 810 -9.33 51.19 37.88
N ARG A 811 -8.58 51.31 36.78
CA ARG A 811 -8.67 50.29 35.73
C ARG A 811 -8.10 48.96 36.19
N ASP A 812 -7.01 49.00 36.97
CA ASP A 812 -6.39 47.77 37.44
C ASP A 812 -7.33 46.96 38.33
N GLU A 813 -7.94 47.62 39.32
CA GLU A 813 -8.87 46.92 40.21
C GLU A 813 -10.08 46.42 39.45
N ALA A 814 -10.56 47.19 38.48
CA ALA A 814 -11.66 46.73 37.63
C ALA A 814 -11.26 45.49 36.84
N LYS A 815 -10.04 45.48 36.30
CA LYS A 815 -9.55 44.30 35.59
C LYS A 815 -9.43 43.12 36.54
N LYS A 816 -8.94 43.36 37.76
CA LYS A 816 -8.80 42.28 38.73
C LYS A 816 -10.14 41.68 39.10
N MET A 817 -11.18 42.52 39.18
CA MET A 817 -12.53 42.00 39.42
C MET A 817 -13.01 41.15 38.26
N ILE A 818 -12.71 41.57 37.03
CA ILE A 818 -13.17 40.84 35.85
C ILE A 818 -12.58 39.44 35.83
N VAL A 819 -11.27 39.34 36.03
CA VAL A 819 -10.61 38.03 36.00
C VAL A 819 -11.11 37.15 37.13
N LEU A 820 -11.36 37.74 38.30
CA LEU A 820 -11.82 36.97 39.44
C LEU A 820 -13.21 36.40 39.20
N TYR A 821 -14.15 37.24 38.73
CA TYR A 821 -15.52 36.78 38.54
C TYR A 821 -15.65 35.89 37.33
N ASP A 822 -14.89 36.17 36.27
CA ASP A 822 -14.89 35.28 35.11
C ASP A 822 -14.33 33.91 35.48
N SER A 823 -13.36 33.86 36.38
CA SER A 823 -12.86 32.58 36.87
C SER A 823 -13.93 31.87 37.69
N LEU A 824 -14.59 32.59 38.60
CA LEU A 824 -15.60 31.98 39.46
C LEU A 824 -16.78 31.48 38.65
N GLN A 825 -17.15 32.19 37.58
CA GLN A 825 -18.26 31.73 36.75
C GLN A 825 -17.86 30.53 35.90
N LEU A 826 -16.59 30.46 35.48
CA LEU A 826 -16.16 29.31 34.69
C LEU A 826 -16.07 28.05 35.55
N ALA A 827 -15.55 28.19 36.77
CA ALA A 827 -15.52 27.05 37.69
C ALA A 827 -16.94 26.55 37.98
N HIS A 828 -17.87 27.47 38.17
CA HIS A 828 -19.27 27.07 38.33
C HIS A 828 -19.86 26.54 37.02
N LYS A 829 -19.26 26.89 35.89
CA LYS A 829 -19.79 26.44 34.60
C LYS A 829 -19.54 24.95 34.40
N VAL A 830 -18.39 24.44 34.82
CA VAL A 830 -18.09 23.03 34.60
C VAL A 830 -18.95 22.14 35.49
N ILE A 831 -19.13 22.54 36.76
CA ILE A 831 -20.01 21.79 37.65
C ILE A 831 -21.44 21.83 37.14
N LEU A 832 -21.90 23.02 36.72
CA LEU A 832 -23.26 23.16 36.22
C LEU A 832 -23.50 22.24 35.03
N ASN A 833 -22.60 22.28 34.04
CA ASN A 833 -22.77 21.44 32.86
C ASN A 833 -22.54 19.97 33.16
N SER A 834 -21.86 19.65 34.27
CA SER A 834 -21.71 18.26 34.67
C SER A 834 -23.02 17.65 35.14
N PHE A 835 -24.01 18.47 35.51
CA PHE A 835 -25.35 17.97 35.76
C PHE A 835 -25.96 17.38 34.50
N TYR A 836 -25.52 17.84 33.32
CA TYR A 836 -25.96 17.23 32.07
C TYR A 836 -25.17 15.95 31.80
N GLY A 837 -23.85 16.00 31.95
CA GLY A 837 -23.04 14.82 31.69
C GLY A 837 -23.27 13.70 32.69
N TYR A 838 -23.65 14.05 33.92
CA TYR A 838 -23.78 13.04 34.98
C TYR A 838 -24.78 11.96 34.62
N VAL A 839 -25.82 12.29 33.85
CA VAL A 839 -26.81 11.28 33.47
C VAL A 839 -26.26 10.21 32.56
N MET A 840 -25.03 10.40 32.03
CA MET A 840 -24.36 9.40 31.22
C MET A 840 -23.07 8.91 31.85
N ARG A 841 -22.82 9.24 33.11
CA ARG A 841 -21.58 8.91 33.77
C ARG A 841 -21.63 7.49 34.33
N LYS A 842 -20.45 6.87 34.46
CA LYS A 842 -20.36 5.52 34.99
C LYS A 842 -20.51 5.54 36.50
N GLY A 843 -21.33 4.63 37.02
CA GLY A 843 -21.69 4.65 38.42
C GLY A 843 -22.71 5.70 38.80
N SER A 844 -23.39 6.28 37.81
CA SER A 844 -24.35 7.34 38.08
C SER A 844 -25.58 6.79 38.79
N ARG A 845 -25.91 7.39 39.94
CA ARG A 845 -27.14 7.03 40.62
C ARG A 845 -28.38 7.52 39.88
N TRP A 846 -28.22 8.28 38.79
CA TRP A 846 -29.33 8.83 38.02
C TRP A 846 -28.94 8.82 36.54
N TYR A 847 -28.91 7.62 35.96
CA TYR A 847 -28.48 7.41 34.59
C TYR A 847 -29.66 7.46 33.64
N SER A 848 -29.51 8.20 32.54
CA SER A 848 -30.54 8.22 31.50
C SER A 848 -29.88 8.69 30.21
N MET A 849 -29.71 7.76 29.25
CA MET A 849 -29.24 8.16 27.93
C MET A 849 -30.30 8.97 27.20
N GLU A 850 -31.58 8.66 27.42
CA GLU A 850 -32.66 9.39 26.79
C GLU A 850 -32.57 10.88 27.12
N MET A 851 -32.47 11.21 28.41
CA MET A 851 -32.45 12.61 28.83
C MET A 851 -31.33 13.39 28.15
N ALA A 852 -30.14 12.78 28.05
CA ALA A 852 -29.02 13.47 27.42
C ALA A 852 -29.26 13.66 25.92
N GLY A 853 -29.70 12.60 25.23
CA GLY A 853 -29.97 12.73 23.81
C GLY A 853 -31.05 13.75 23.52
N ILE A 854 -32.08 13.80 24.37
CA ILE A 854 -33.14 14.79 24.20
C ILE A 854 -32.58 16.19 24.31
N THR A 855 -31.70 16.41 25.31
CA THR A 855 -31.07 17.72 25.47
C THR A 855 -30.32 18.13 24.21
N CYS A 856 -29.52 17.21 23.65
CA CYS A 856 -28.70 17.54 22.50
C CYS A 856 -29.55 17.81 21.26
N LEU A 857 -30.53 16.94 20.98
CA LEU A 857 -31.36 17.13 19.80
C LEU A 857 -32.17 18.42 19.91
N THR A 858 -32.67 18.74 21.10
CA THR A 858 -33.42 19.99 21.28
C THR A 858 -32.54 21.20 20.98
N GLY A 859 -31.31 21.19 21.50
CA GLY A 859 -30.40 22.29 21.21
C GLY A 859 -30.07 22.38 19.73
N ALA A 860 -29.92 21.24 19.07
CA ALA A 860 -29.64 21.25 17.63
C ALA A 860 -30.81 21.83 16.84
N THR A 861 -32.04 21.55 17.28
CA THR A 861 -33.21 22.10 16.61
C THR A 861 -33.30 23.61 16.83
N ILE A 862 -32.92 24.08 18.03
CA ILE A 862 -33.02 25.50 18.33
C ILE A 862 -31.99 26.30 17.53
N ILE A 863 -30.75 25.82 17.48
CA ILE A 863 -29.69 26.59 16.84
C ILE A 863 -29.89 26.64 15.33
N GLN A 864 -30.43 25.57 14.74
CA GLN A 864 -30.69 25.58 13.30
C GLN A 864 -31.88 26.47 12.96
N MET A 865 -32.85 26.58 13.88
CA MET A 865 -33.91 27.56 13.73
C MET A 865 -33.35 28.97 13.65
N ALA A 866 -32.43 29.29 14.56
CA ALA A 866 -31.81 30.61 14.56
C ALA A 866 -30.94 30.80 13.32
N ARG A 867 -30.22 29.76 12.90
CA ARG A 867 -29.39 29.87 11.71
C ARG A 867 -30.23 30.09 10.46
N ALA A 868 -31.38 29.41 10.36
CA ALA A 868 -32.26 29.61 9.22
C ALA A 868 -32.69 31.06 9.08
N LEU A 869 -32.84 31.77 10.21
CA LEU A 869 -33.22 33.19 10.15
C LEU A 869 -32.03 34.06 9.81
N VAL A 870 -30.86 33.80 10.42
CA VAL A 870 -29.67 34.60 10.14
C VAL A 870 -29.30 34.50 8.67
N GLU A 871 -29.45 33.31 8.09
CA GLU A 871 -29.21 33.12 6.66
C GLU A 871 -30.00 34.13 5.82
N ARG A 872 -31.26 34.37 6.19
CA ARG A 872 -32.17 35.16 5.38
C ARG A 872 -32.04 36.66 5.60
N VAL A 873 -31.21 37.10 6.55
CA VAL A 873 -31.00 38.53 6.78
C VAL A 873 -29.52 38.81 6.90
N GLY A 874 -28.70 37.80 6.67
CA GLY A 874 -27.26 37.97 6.78
C GLY A 874 -26.54 36.71 6.39
N ARG A 875 -25.28 36.62 6.76
CA ARG A 875 -24.44 35.47 6.41
C ARG A 875 -23.86 34.82 7.66
N PRO A 876 -24.38 33.66 8.06
CA PRO A 876 -23.74 32.91 9.15
C PRO A 876 -22.38 32.39 8.70
N LEU A 877 -21.37 32.55 9.56
CA LEU A 877 -20.02 32.11 9.25
C LEU A 877 -19.69 30.76 9.86
N GLU A 878 -19.97 30.58 11.16
CA GLU A 878 -19.71 29.32 11.84
C GLU A 878 -20.75 29.11 12.94
N LEU A 879 -20.99 27.84 13.28
CA LEU A 879 -22.02 27.47 14.23
C LEU A 879 -21.55 26.25 15.03
N ASP A 880 -21.79 26.27 16.35
CA ASP A 880 -21.35 25.16 17.20
C ASP A 880 -22.29 25.02 18.39
N THR A 881 -23.19 24.03 18.32
CA THR A 881 -24.02 23.57 19.43
C THR A 881 -25.09 24.56 19.86
N ASP A 882 -24.69 25.74 20.36
CA ASP A 882 -25.66 26.73 20.82
C ASP A 882 -25.27 28.13 20.39
N GLY A 883 -24.23 28.30 19.58
CA GLY A 883 -23.76 29.60 19.19
C GLY A 883 -23.61 29.71 17.69
N ILE A 884 -23.72 30.95 17.21
CA ILE A 884 -23.56 31.28 15.80
C ILE A 884 -22.70 32.52 15.68
N TRP A 885 -21.69 32.45 14.82
CA TRP A 885 -20.96 33.63 14.37
C TRP A 885 -21.53 34.07 13.03
N CYS A 886 -21.72 35.37 12.87
CA CYS A 886 -22.38 35.86 11.66
C CYS A 886 -21.92 37.28 11.36
N ILE A 887 -22.19 37.70 10.12
CA ILE A 887 -22.08 39.10 9.73
C ILE A 887 -23.47 39.56 9.29
N LEU A 888 -23.84 40.76 9.69
CA LEU A 888 -25.11 41.37 9.33
C LEU A 888 -24.84 42.67 8.58
N PRO A 889 -25.77 43.13 7.75
CA PRO A 889 -25.61 44.45 7.13
C PRO A 889 -25.52 45.53 8.19
N LYS A 890 -24.66 46.51 7.95
CA LYS A 890 -24.55 47.65 8.85
C LYS A 890 -25.89 48.33 9.05
N SER A 891 -26.78 48.25 8.07
CA SER A 891 -28.10 48.85 8.13
C SER A 891 -29.11 48.01 8.91
N PHE A 892 -28.71 46.84 9.44
CA PHE A 892 -29.66 46.01 10.16
C PHE A 892 -29.95 46.61 11.54
N PRO A 893 -31.20 46.58 11.99
CA PRO A 893 -31.52 47.08 13.33
C PRO A 893 -30.66 46.44 14.39
N GLU A 894 -30.03 47.27 15.23
CA GLU A 894 -28.94 46.82 16.07
C GLU A 894 -29.29 47.00 17.55
N THR A 895 -28.87 48.10 18.16
CA THR A 895 -28.99 48.30 19.60
C THR A 895 -29.85 49.52 19.87
N TYR A 896 -30.75 49.39 20.83
CA TYR A 896 -31.63 50.49 21.24
C TYR A 896 -31.73 50.49 22.76
N PHE A 897 -32.29 51.56 23.30
CA PHE A 897 -32.46 51.71 24.74
C PHE A 897 -33.86 52.26 25.02
N PHE A 898 -34.74 51.41 25.53
CA PHE A 898 -36.01 51.89 26.06
C PHE A 898 -35.74 52.83 27.23
N THR A 899 -36.52 53.90 27.32
CA THR A 899 -36.44 54.84 28.44
C THR A 899 -37.64 54.63 29.34
N LEU A 900 -37.40 54.50 30.64
CA LEU A 900 -38.44 54.27 31.62
C LEU A 900 -38.80 55.57 32.34
N GLU A 901 -40.00 55.58 32.93
CA GLU A 901 -40.46 56.75 33.67
C GLU A 901 -39.54 57.06 34.85
N ASN A 902 -38.87 56.05 35.39
CA ASN A 902 -37.93 56.25 36.49
C ASN A 902 -36.65 56.94 36.06
N GLY A 903 -36.43 57.11 34.76
CA GLY A 903 -35.13 57.49 34.25
C GLY A 903 -34.23 56.32 33.93
N LYS A 904 -34.61 55.11 34.32
CA LYS A 904 -33.85 53.92 33.98
C LYS A 904 -33.94 53.64 32.48
N LYS A 905 -33.00 52.84 31.99
CA LYS A 905 -32.94 52.48 30.58
C LYS A 905 -32.81 50.98 30.45
N LEU A 906 -33.62 50.40 29.55
CA LEU A 906 -33.57 48.98 29.26
C LEU A 906 -32.88 48.77 27.91
N TYR A 907 -31.86 47.91 27.91
CA TYR A 907 -31.06 47.67 26.72
C TYR A 907 -31.74 46.65 25.82
N LEU A 908 -31.70 46.89 24.51
CA LEU A 908 -32.29 46.00 23.53
C LEU A 908 -31.31 45.79 22.38
N SER A 909 -31.06 44.53 22.05
CA SER A 909 -30.32 44.15 20.85
C SER A 909 -31.32 43.42 19.96
N TYR A 910 -31.85 44.11 18.96
CA TYR A 910 -32.84 43.51 18.08
C TYR A 910 -32.40 42.18 17.46
N PRO A 911 -31.17 42.01 16.97
CA PRO A 911 -30.77 40.69 16.47
C PRO A 911 -30.87 39.61 17.53
N CYS A 912 -30.65 39.95 18.80
CA CYS A 912 -30.81 38.98 19.87
C CYS A 912 -32.29 38.74 20.18
N SER A 913 -33.05 39.82 20.40
CA SER A 913 -34.44 39.69 20.80
C SER A 913 -35.33 39.15 19.68
N MET A 914 -34.94 39.35 18.41
CA MET A 914 -35.71 38.76 17.33
C MET A 914 -35.59 37.24 17.32
N LEU A 915 -34.43 36.71 17.72
CA LEU A 915 -34.29 35.27 17.85
C LEU A 915 -34.99 34.76 19.10
N ASN A 916 -34.79 35.45 20.23
CA ASN A 916 -35.33 34.98 21.49
C ASN A 916 -36.85 34.96 21.49
N TYR A 917 -37.49 35.88 20.75
CA TYR A 917 -38.94 35.83 20.63
C TYR A 917 -39.38 34.57 19.90
N ARG A 918 -38.68 34.22 18.82
CA ARG A 918 -39.04 33.02 18.08
C ARG A 918 -38.67 31.76 18.85
N VAL A 919 -37.60 31.82 19.65
CA VAL A 919 -37.27 30.70 20.55
C VAL A 919 -38.44 30.43 21.49
N HIS A 920 -38.95 31.48 22.14
CA HIS A 920 -40.06 31.32 23.06
C HIS A 920 -41.37 31.02 22.35
N GLN A 921 -41.48 31.38 21.06
CA GLN A 921 -42.68 31.03 20.31
C GLN A 921 -42.71 29.54 19.96
N LYS A 922 -41.54 28.93 19.77
CA LYS A 922 -41.46 27.58 19.21
C LYS A 922 -40.97 26.51 20.17
N PHE A 923 -40.36 26.88 21.31
CA PHE A 923 -39.72 25.90 22.17
C PHE A 923 -40.11 26.06 23.64
N THR A 924 -41.17 26.81 23.93
CA THR A 924 -41.63 26.96 25.30
C THR A 924 -42.35 25.69 25.76
N ASN A 925 -42.13 25.34 27.03
CA ASN A 925 -42.80 24.19 27.64
C ASN A 925 -44.10 24.67 28.28
N HIS A 926 -45.24 24.31 27.67
CA HIS A 926 -46.55 24.66 28.19
C HIS A 926 -47.16 23.56 29.05
N GLN A 927 -46.46 22.44 29.24
CA GLN A 927 -46.93 21.33 30.05
C GLN A 927 -46.23 21.25 31.41
N TYR A 928 -45.54 22.31 31.81
CA TYR A 928 -44.77 22.29 33.04
C TYR A 928 -45.70 22.32 34.25
N GLN A 929 -45.52 21.36 35.16
CA GLN A 929 -46.39 21.23 36.32
C GLN A 929 -45.60 21.33 37.62
N GLU A 930 -46.32 21.70 38.68
CA GLU A 930 -45.74 21.87 40.01
C GLU A 930 -46.79 21.58 41.06
N LEU A 931 -46.35 21.10 42.21
CA LEU A 931 -47.25 20.86 43.33
C LEU A 931 -47.76 22.20 43.87
N LYS A 932 -49.05 22.48 43.67
CA LYS A 932 -49.65 23.67 44.27
C LYS A 932 -50.09 23.40 45.70
N ASP A 933 -50.82 22.31 45.92
CA ASP A 933 -51.26 21.89 47.24
C ASP A 933 -50.63 20.54 47.56
N PRO A 934 -49.52 20.51 48.31
CA PRO A 934 -48.87 19.22 48.59
C PRO A 934 -49.71 18.31 49.48
N LEU A 935 -50.47 18.87 50.42
CA LEU A 935 -51.26 18.03 51.33
C LEU A 935 -52.37 17.30 50.61
N ASN A 936 -52.94 17.92 49.57
CA ASN A 936 -54.02 17.31 48.81
C ASN A 936 -53.58 16.83 47.43
N TYR A 937 -52.27 16.92 47.14
CA TYR A 937 -51.69 16.41 45.90
C TYR A 937 -52.34 17.05 44.68
N ILE A 938 -52.36 18.39 44.68
CA ILE A 938 -52.98 19.18 43.62
C ILE A 938 -51.87 19.85 42.83
N TYR A 939 -51.85 19.65 41.53
CA TYR A 939 -50.86 20.22 40.64
C TYR A 939 -51.46 21.35 39.82
N GLU A 940 -50.59 22.26 39.38
CA GLU A 940 -50.97 23.33 38.48
C GLU A 940 -50.01 23.35 37.30
N THR A 941 -50.54 23.58 36.11
CA THR A 941 -49.75 23.59 34.88
C THR A 941 -49.51 25.02 34.43
N HIS A 942 -48.34 25.26 33.87
CA HIS A 942 -47.95 26.60 33.44
C HIS A 942 -46.90 26.48 32.34
N SER A 943 -46.41 27.63 31.89
CA SER A 943 -45.45 27.70 30.79
C SER A 943 -44.08 28.11 31.32
N GLU A 944 -43.04 27.43 30.81
CA GLU A 944 -41.67 27.70 31.21
C GLU A 944 -40.76 27.75 30.00
N ASN A 945 -39.85 28.73 29.99
CA ASN A 945 -38.83 28.84 28.96
C ASN A 945 -37.74 29.76 29.49
N THR A 946 -36.54 29.20 29.70
CA THR A 946 -35.39 29.96 30.14
C THR A 946 -34.29 30.01 29.08
N ILE A 947 -34.60 29.63 27.85
CA ILE A 947 -33.62 29.55 26.77
C ILE A 947 -33.51 30.93 26.13
N PHE A 948 -32.34 31.58 26.30
CA PHE A 948 -32.14 32.94 25.84
C PHE A 948 -30.78 33.04 25.16
N PHE A 949 -30.77 33.46 23.91
CA PHE A 949 -29.52 33.81 23.26
C PHE A 949 -28.90 35.03 23.93
N GLU A 950 -27.57 35.10 23.91
CA GLU A 950 -26.83 36.22 24.49
C GLU A 950 -25.83 36.71 23.45
N VAL A 951 -25.82 38.01 23.20
CA VAL A 951 -25.10 38.59 22.07
C VAL A 951 -23.82 39.25 22.55
N ASP A 952 -22.73 39.00 21.83
CA ASP A 952 -21.47 39.70 22.02
C ASP A 952 -21.00 40.24 20.66
N GLY A 953 -20.35 41.39 20.70
CA GLY A 953 -19.98 42.09 19.50
C GLY A 953 -20.50 43.52 19.51
N PRO A 954 -20.40 44.22 18.38
CA PRO A 954 -19.81 43.81 17.10
C PRO A 954 -18.29 43.91 17.10
N TYR A 955 -17.60 43.01 16.41
CA TYR A 955 -16.16 42.90 16.49
C TYR A 955 -15.47 43.56 15.30
N LYS A 956 -14.17 43.80 15.46
CA LYS A 956 -13.39 44.40 14.38
C LYS A 956 -13.17 43.43 13.24
N ALA A 957 -12.84 42.18 13.55
CA ALA A 957 -12.46 41.23 12.51
C ALA A 957 -12.66 39.80 12.98
N MET A 958 -13.05 38.94 12.05
CA MET A 958 -13.06 37.49 12.25
C MET A 958 -12.36 36.84 11.07
N ILE A 959 -11.47 35.90 11.36
CA ILE A 959 -10.69 35.20 10.34
C ILE A 959 -10.92 33.71 10.51
N LEU A 960 -11.58 33.09 9.54
CA LEU A 960 -11.87 31.67 9.57
C LEU A 960 -11.06 30.94 8.51
N PRO A 961 -10.42 29.84 8.85
CA PRO A 961 -9.63 29.08 7.86
C PRO A 961 -10.53 28.21 7.01
N SER A 962 -9.91 27.54 6.03
CA SER A 962 -10.65 26.70 5.09
C SER A 962 -9.91 25.39 4.89
N SER A 963 -10.66 24.37 4.46
CA SER A 963 -10.10 23.04 4.29
C SER A 963 -9.23 22.96 3.05
N LYS A 964 -8.26 22.05 3.10
CA LYS A 964 -7.47 21.75 1.90
C LYS A 964 -8.29 20.98 0.88
N GLU A 965 -9.20 20.12 1.36
CA GLU A 965 -10.02 19.30 0.49
C GLU A 965 -11.23 20.08 0.01
N GLU A 966 -11.68 19.74 -1.21
CA GLU A 966 -12.76 20.47 -1.85
C GLU A 966 -14.10 20.23 -1.15
N GLY A 967 -14.97 21.25 -1.18
CA GLY A 967 -16.31 21.16 -0.66
C GLY A 967 -16.42 21.07 0.84
N LYS A 968 -15.30 21.01 1.55
CA LYS A 968 -15.29 20.87 3.01
C LYS A 968 -14.77 22.15 3.64
N GLY A 969 -15.13 22.35 4.91
CA GLY A 969 -14.68 23.48 5.68
C GLY A 969 -13.94 23.04 6.93
N ILE A 970 -13.55 24.02 7.74
CA ILE A 970 -12.85 23.79 8.99
C ILE A 970 -13.73 24.31 10.12
N LYS A 971 -14.08 23.41 11.04
CA LYS A 971 -14.88 23.75 12.21
C LYS A 971 -13.97 23.92 13.42
N LYS A 972 -14.47 24.67 14.41
CA LYS A 972 -13.84 24.83 15.71
C LYS A 972 -12.48 25.52 15.63
N ARG A 973 -12.30 26.41 14.64
CA ARG A 973 -11.05 27.15 14.49
C ARG A 973 -11.34 28.51 13.90
N TYR A 974 -10.85 29.57 14.55
CA TYR A 974 -10.99 30.93 14.03
C TYR A 974 -10.22 31.86 14.97
N ALA A 975 -10.20 33.14 14.60
CA ALA A 975 -9.62 34.22 15.40
C ALA A 975 -10.49 35.45 15.26
N VAL A 976 -10.76 36.11 16.39
CA VAL A 976 -11.64 37.28 16.44
C VAL A 976 -10.90 38.42 17.14
N PHE A 977 -11.10 39.63 16.63
CA PHE A 977 -10.38 40.80 17.14
C PHE A 977 -11.37 41.89 17.54
N ASN A 978 -11.06 42.57 18.65
CA ASN A 978 -11.90 43.64 19.15
C ASN A 978 -11.60 44.95 18.42
N GLU A 979 -12.50 45.92 18.60
CA GLU A 979 -12.37 47.19 17.90
C GLU A 979 -11.05 47.88 18.21
N ASP A 980 -10.56 47.74 19.45
CA ASP A 980 -9.28 48.32 19.83
C ASP A 980 -8.09 47.51 19.34
N GLY A 981 -8.30 46.50 18.50
CA GLY A 981 -7.23 45.72 17.94
C GLY A 981 -6.80 44.52 18.76
N SER A 982 -7.29 44.38 19.99
CA SER A 982 -6.90 43.27 20.84
C SER A 982 -7.56 41.98 20.38
N LEU A 983 -6.92 40.86 20.71
CA LEU A 983 -7.46 39.56 20.38
C LEU A 983 -8.64 39.24 21.30
N ALA A 984 -9.77 38.86 20.69
CA ALA A 984 -10.97 38.52 21.43
C ALA A 984 -11.15 37.03 21.64
N GLU A 985 -11.03 36.24 20.56
CA GLU A 985 -11.13 34.79 20.64
C GLU A 985 -10.06 34.16 19.75
N LEU A 986 -9.53 33.03 20.20
CA LEU A 986 -8.59 32.23 19.40
C LEU A 986 -8.91 30.77 19.70
N LYS A 987 -9.61 30.11 18.78
CA LYS A 987 -10.16 28.79 19.02
C LYS A 987 -9.45 27.75 18.15
N GLY A 988 -9.07 26.63 18.77
CA GLY A 988 -8.66 25.45 18.06
C GLY A 988 -7.23 25.39 17.55
N PHE A 989 -6.68 26.53 17.14
CA PHE A 989 -5.43 26.55 16.40
C PHE A 989 -4.28 25.96 17.21
N GLU A 990 -3.26 25.50 16.49
CA GLU A 990 -2.11 24.84 17.12
C GLU A 990 -1.41 25.76 18.12
N LEU A 991 -1.50 27.08 17.91
CA LEU A 991 -0.88 28.03 18.82
C LEU A 991 -1.34 27.80 20.26
N LYS A 992 -2.61 27.45 20.44
CA LYS A 992 -3.18 27.24 21.77
C LYS A 992 -3.03 25.81 22.25
N ARG A 993 -2.99 24.83 21.34
CA ARG A 993 -2.91 23.43 21.73
C ARG A 993 -1.55 23.11 22.34
N ARG A 994 -1.55 22.17 23.28
CA ARG A 994 -0.31 21.73 23.89
C ARG A 994 0.54 20.96 22.88
N GLY A 995 1.84 21.24 22.89
CA GLY A 995 2.74 20.57 21.97
C GLY A 995 2.66 21.17 20.59
N GLU A 996 2.44 20.32 19.59
CA GLU A 996 2.37 20.73 18.19
C GLU A 996 3.71 21.30 17.72
N LEU A 997 3.86 21.48 16.40
CA LEU A 997 5.12 21.95 15.85
C LEU A 997 5.28 23.43 16.14
N GLN A 998 6.38 23.77 16.84
CA GLN A 998 6.61 25.14 17.26
C GLN A 998 6.65 26.12 16.09
N LEU A 999 7.11 25.66 14.93
CA LEU A 999 7.12 26.52 13.74
C LEU A 999 5.71 26.99 13.41
N ILE A 1000 4.75 26.07 13.38
CA ILE A 1000 3.37 26.45 13.10
C ILE A 1000 2.85 27.39 14.18
N LYS A 1001 3.23 27.15 15.43
CA LYS A 1001 2.77 27.99 16.53
C LYS A 1001 3.25 29.43 16.36
N ASN A 1002 4.57 29.61 16.18
CA ASN A 1002 5.11 30.95 16.03
C ASN A 1002 4.64 31.62 14.75
N PHE A 1003 4.44 30.85 13.69
CA PHE A 1003 3.87 31.42 12.47
C PHE A 1003 2.45 31.93 12.72
N GLN A 1004 1.64 31.13 13.40
CA GLN A 1004 0.28 31.56 13.71
C GLN A 1004 0.28 32.76 14.66
N SER A 1005 1.18 32.75 15.65
CA SER A 1005 1.27 33.88 16.57
C SER A 1005 1.64 35.16 15.85
N ASP A 1006 2.42 35.07 14.78
CA ASP A 1006 2.81 36.25 14.01
C ASP A 1006 1.71 36.71 13.05
N ILE A 1007 0.90 35.79 12.54
CA ILE A 1007 0.12 36.07 11.34
C ILE A 1007 -1.24 36.68 11.63
N PHE A 1008 -1.89 36.31 12.75
CA PHE A 1008 -3.29 36.64 12.93
C PHE A 1008 -3.51 38.13 13.12
N LYS A 1009 -2.62 38.80 13.85
CA LYS A 1009 -2.73 40.24 14.03
C LYS A 1009 -2.58 40.99 12.71
N VAL A 1010 -1.85 40.41 11.75
CA VAL A 1010 -1.59 41.09 10.49
C VAL A 1010 -2.84 41.18 9.63
N PHE A 1011 -3.83 40.31 9.88
CA PHE A 1011 -5.09 40.38 9.14
C PHE A 1011 -5.84 41.68 9.39
N LEU A 1012 -5.44 42.47 10.39
CA LEU A 1012 -6.05 43.77 10.62
C LEU A 1012 -5.48 44.86 9.72
N GLU A 1013 -4.27 44.65 9.17
CA GLU A 1013 -3.64 45.64 8.31
C GLU A 1013 -4.28 45.63 6.92
N GLY A 1014 -3.97 46.65 6.15
CA GLY A 1014 -4.49 46.78 4.81
C GLY A 1014 -5.72 47.68 4.76
N ASP A 1015 -5.88 48.39 3.64
CA ASP A 1015 -7.02 49.25 3.43
C ASP A 1015 -8.13 48.60 2.63
N THR A 1016 -7.83 47.52 1.92
CA THR A 1016 -8.82 46.75 1.17
C THR A 1016 -8.59 45.27 1.43
N LEU A 1017 -9.54 44.45 0.97
CA LEU A 1017 -9.42 43.00 1.12
C LEU A 1017 -8.16 42.48 0.45
N GLU A 1018 -7.76 43.08 -0.67
CA GLU A 1018 -6.57 42.65 -1.39
C GLU A 1018 -5.30 43.11 -0.70
N GLY A 1019 -5.29 44.34 -0.16
CA GLY A 1019 -4.16 44.79 0.62
C GLY A 1019 -4.05 44.07 1.95
N CYS A 1020 -5.17 43.56 2.47
CA CYS A 1020 -5.13 42.75 3.68
C CYS A 1020 -4.39 41.45 3.45
N TYR A 1021 -4.77 40.71 2.41
CA TYR A 1021 -4.10 39.46 2.10
C TYR A 1021 -2.64 39.69 1.70
N SER A 1022 -2.34 40.85 1.12
CA SER A 1022 -0.97 41.17 0.75
C SER A 1022 -0.10 41.37 1.98
N ALA A 1023 -0.59 42.11 2.97
CA ALA A 1023 0.17 42.32 4.20
C ALA A 1023 0.41 41.01 4.94
N VAL A 1024 -0.55 40.09 4.88
CA VAL A 1024 -0.35 38.77 5.48
C VAL A 1024 0.68 37.98 4.68
N ALA A 1025 0.63 38.09 3.35
CA ALA A 1025 1.54 37.34 2.49
C ALA A 1025 3.00 37.67 2.79
N SER A 1026 3.29 38.92 3.18
CA SER A 1026 4.65 39.30 3.52
C SER A 1026 5.18 38.45 4.67
N VAL A 1027 4.36 38.28 5.72
CA VAL A 1027 4.76 37.43 6.84
C VAL A 1027 4.92 35.98 6.39
N CYS A 1028 4.02 35.51 5.53
CA CYS A 1028 4.10 34.15 5.01
C CYS A 1028 5.43 33.90 4.33
N ASN A 1029 5.77 34.75 3.34
CA ASN A 1029 6.98 34.53 2.56
C ASN A 1029 8.24 34.69 3.41
N ARG A 1030 8.22 35.56 4.42
CA ARG A 1030 9.34 35.62 5.35
C ARG A 1030 9.55 34.28 6.04
N TRP A 1031 8.46 33.65 6.48
CA TRP A 1031 8.57 32.35 7.12
C TRP A 1031 8.96 31.28 6.11
N LEU A 1032 8.35 31.31 4.93
CA LEU A 1032 8.74 30.37 3.87
C LEU A 1032 10.21 30.51 3.52
N ASP A 1033 10.72 31.74 3.54
CA ASP A 1033 12.14 31.96 3.26
C ASP A 1033 13.01 31.26 4.29
N VAL A 1034 12.63 31.31 5.57
CA VAL A 1034 13.40 30.66 6.63
C VAL A 1034 13.53 29.17 6.35
N LEU A 1035 12.51 28.55 5.77
CA LEU A 1035 12.53 27.12 5.51
C LEU A 1035 13.11 26.77 4.15
N ASP A 1036 12.87 27.61 3.14
CA ASP A 1036 13.55 27.45 1.86
C ASP A 1036 15.04 27.75 1.96
N SER A 1037 15.48 28.38 3.04
CA SER A 1037 16.89 28.63 3.30
C SER A 1037 17.57 27.50 4.07
N HIS A 1038 16.86 26.41 4.31
CA HIS A 1038 17.37 25.28 5.10
C HIS A 1038 17.92 25.76 6.44
N GLY A 1039 17.18 26.66 7.09
CA GLY A 1039 17.52 27.16 8.41
C GLY A 1039 18.92 27.73 8.53
N LEU A 1040 19.30 28.58 7.58
CA LEU A 1040 20.59 29.25 7.64
C LEU A 1040 20.51 30.69 8.13
N MET A 1041 19.36 31.34 7.94
CA MET A 1041 19.15 32.68 8.45
C MET A 1041 18.99 32.72 9.96
N LEU A 1042 18.61 31.59 10.56
CA LEU A 1042 18.30 31.53 11.99
C LEU A 1042 19.53 31.07 12.77
N GLU A 1043 19.70 31.64 13.95
CA GLU A 1043 20.76 31.19 14.84
C GLU A 1043 20.48 29.76 15.30
N ASP A 1044 21.48 29.15 15.95
CA ASP A 1044 21.35 27.76 16.39
C ASP A 1044 20.23 27.62 17.41
N GLU A 1045 20.17 28.53 18.39
CA GLU A 1045 19.17 28.47 19.44
C GLU A 1045 17.75 28.46 18.88
N ASP A 1046 17.36 29.53 18.20
CA ASP A 1046 16.00 29.64 17.65
C ASP A 1046 15.65 28.44 16.78
N LEU A 1047 16.65 27.82 16.14
CA LEU A 1047 16.37 26.67 15.30
C LEU A 1047 15.93 25.46 16.12
N VAL A 1048 16.61 25.18 17.23
CA VAL A 1048 16.26 24.00 18.03
C VAL A 1048 14.83 24.14 18.56
N SER A 1049 14.40 25.37 18.85
CA SER A 1049 13.08 25.58 19.43
C SER A 1049 11.99 25.73 18.37
N LEU A 1050 12.34 26.16 17.16
CA LEU A 1050 11.35 26.38 16.13
C LEU A 1050 11.00 25.08 15.40
N ILE A 1051 11.96 24.17 15.26
CA ILE A 1051 11.74 22.92 14.53
C ILE A 1051 11.41 21.76 15.45
N CYS A 1052 11.28 22.01 16.76
CA CYS A 1052 10.91 20.98 17.72
C CYS A 1052 9.40 20.85 17.81
N GLU A 1053 8.93 19.61 17.84
CA GLU A 1053 7.52 19.30 18.08
C GLU A 1053 7.44 18.44 19.34
N ASN A 1054 6.82 18.98 20.38
CA ASN A 1054 6.62 18.25 21.62
C ASN A 1054 5.24 17.58 21.60
N ARG A 1055 5.17 16.37 22.12
CA ARG A 1055 3.92 15.63 22.20
C ARG A 1055 3.93 14.81 23.48
N SER A 1056 2.80 14.79 24.18
CA SER A 1056 2.67 14.10 25.45
C SER A 1056 2.05 12.71 25.24
N MET A 1057 2.68 11.69 25.81
CA MET A 1057 2.13 10.34 25.83
C MET A 1057 1.27 10.20 27.08
N SER A 1058 -0.05 10.06 26.89
CA SER A 1058 -0.95 9.99 28.03
C SER A 1058 -0.64 8.78 28.91
N LYS A 1059 -0.29 7.65 28.30
CA LYS A 1059 0.07 6.45 29.03
C LYS A 1059 1.60 6.28 29.02
N THR A 1060 2.06 5.05 29.22
CA THR A 1060 3.46 4.70 29.10
C THR A 1060 3.69 3.87 27.85
N LEU A 1061 4.94 3.87 27.36
CA LEU A 1061 5.25 3.28 26.06
C LEU A 1061 4.86 1.81 25.99
N LYS A 1062 5.00 1.08 27.10
CA LYS A 1062 4.62 -0.33 27.11
C LYS A 1062 3.16 -0.52 26.71
N GLU A 1063 2.30 0.43 27.10
CA GLU A 1063 0.86 0.37 26.81
C GLU A 1063 0.51 0.81 25.39
N TYR A 1064 1.48 0.86 24.47
CA TYR A 1064 1.24 1.29 23.10
C TYR A 1064 1.61 0.22 22.07
N GLU A 1065 1.60 -1.05 22.48
CA GLU A 1065 2.07 -2.12 21.61
C GLU A 1065 1.23 -2.20 20.34
N GLY A 1066 1.90 -2.40 19.20
CA GLY A 1066 1.23 -2.51 17.93
C GLY A 1066 0.86 -1.20 17.28
N GLN A 1067 1.34 -0.08 17.81
CA GLN A 1067 0.99 1.24 17.32
C GLN A 1067 2.25 1.99 16.92
N LYS A 1068 2.16 2.77 15.84
CA LYS A 1068 3.27 3.55 15.33
C LYS A 1068 2.93 5.03 15.44
N SER A 1069 3.78 5.79 16.12
CA SER A 1069 3.59 7.22 16.26
C SER A 1069 4.95 7.89 16.41
N THR A 1070 5.01 9.16 16.03
CA THR A 1070 6.24 9.93 16.24
C THR A 1070 6.63 9.96 17.71
N SER A 1071 5.63 10.01 18.60
CA SER A 1071 5.91 10.02 20.03
C SER A 1071 6.38 8.65 20.51
N ILE A 1072 5.81 7.58 19.96
CA ILE A 1072 6.24 6.23 20.34
C ILE A 1072 7.69 6.00 19.95
N THR A 1073 8.02 6.29 18.68
CA THR A 1073 9.39 6.14 18.21
C THR A 1073 10.34 7.04 18.98
N THR A 1074 9.94 8.29 19.22
CA THR A 1074 10.76 9.20 20.01
C THR A 1074 10.96 8.68 21.43
N ALA A 1075 9.98 7.96 21.97
CA ALA A 1075 10.09 7.43 23.32
C ALA A 1075 11.01 6.22 23.36
N ARG A 1076 10.83 5.27 22.41
CA ARG A 1076 11.71 4.12 22.33
C ARG A 1076 13.17 4.55 22.19
N ARG A 1077 13.42 5.53 21.32
CA ARG A 1077 14.78 6.03 21.14
C ARG A 1077 15.27 6.78 22.36
N LEU A 1078 14.36 7.51 23.03
CA LEU A 1078 14.73 8.15 24.30
C LEU A 1078 15.06 7.11 25.36
N GLY A 1079 14.49 5.92 25.25
CA GLY A 1079 14.81 4.83 26.17
C GLY A 1079 16.06 4.08 25.77
N ASP A 1080 16.24 3.86 24.47
CA ASP A 1080 17.41 3.16 23.98
C ASP A 1080 18.70 3.97 24.16
N PHE A 1081 18.56 5.26 24.50
CA PHE A 1081 19.75 6.13 24.60
C PHE A 1081 19.96 6.57 26.06
N LEU A 1082 19.00 7.29 26.63
CA LEU A 1082 19.15 7.77 27.99
C LEU A 1082 18.83 6.70 29.04
N GLY A 1083 18.05 5.69 28.68
CA GLY A 1083 17.76 4.60 29.59
C GLY A 1083 16.26 4.33 29.72
N GLU A 1084 15.96 3.18 30.32
CA GLU A 1084 14.57 2.82 30.58
C GLU A 1084 13.93 3.75 31.60
N ASP A 1085 14.74 4.36 32.47
CA ASP A 1085 14.21 5.26 33.49
C ASP A 1085 13.46 6.44 32.89
N MET A 1086 13.65 6.72 31.59
CA MET A 1086 12.93 7.80 30.95
C MET A 1086 11.46 7.47 30.73
N VAL A 1087 11.16 6.19 30.53
CA VAL A 1087 9.84 5.78 30.05
C VAL A 1087 9.11 4.94 31.10
N LYS A 1088 9.44 5.12 32.37
CA LYS A 1088 8.74 4.37 33.41
C LYS A 1088 7.40 5.02 33.77
N ASP A 1089 7.31 6.35 33.70
CA ASP A 1089 6.12 7.08 34.09
C ASP A 1089 5.29 7.47 32.86
N LYS A 1090 4.05 7.88 33.12
CA LYS A 1090 3.15 8.39 32.10
C LYS A 1090 3.35 9.89 31.94
N GLY A 1091 2.79 10.43 30.85
CA GLY A 1091 2.89 11.85 30.61
C GLY A 1091 4.24 12.32 30.11
N LEU A 1092 5.00 11.44 29.45
CA LEU A 1092 6.30 11.83 28.94
C LEU A 1092 6.16 12.77 27.75
N GLN A 1093 7.00 13.81 27.71
CA GLN A 1093 7.00 14.79 26.64
C GLN A 1093 8.04 14.39 25.61
N CYS A 1094 7.59 14.00 24.42
CA CYS A 1094 8.47 13.51 23.36
C CYS A 1094 8.83 14.67 22.44
N LYS A 1095 9.96 15.31 22.72
CA LYS A 1095 10.49 16.39 21.90
C LYS A 1095 11.32 15.77 20.78
N TYR A 1096 10.86 15.92 19.54
CA TYR A 1096 11.50 15.26 18.41
C TYR A 1096 11.64 16.21 17.23
N ILE A 1097 12.50 15.83 16.30
CA ILE A 1097 12.59 16.44 14.98
C ILE A 1097 12.55 15.31 13.96
N ILE A 1098 11.97 15.57 12.80
CA ILE A 1098 11.84 14.50 11.76
C ILE A 1098 13.08 14.55 10.89
N SER A 1099 13.68 13.39 10.61
CA SER A 1099 14.95 13.36 9.83
C SER A 1099 14.70 12.85 8.42
N SER A 1100 15.42 13.40 7.45
CA SER A 1100 15.33 12.87 6.07
C SER A 1100 16.07 11.53 6.05
N LYS A 1101 16.91 11.29 7.05
CA LYS A 1101 17.73 10.05 7.14
C LYS A 1101 17.12 8.92 6.29
N PRO A 1102 16.34 7.99 6.87
CA PRO A 1102 15.80 6.89 6.09
C PRO A 1102 14.95 7.54 4.99
N PHE A 1103 15.32 7.33 3.73
CA PHE A 1103 14.61 8.02 2.62
C PHE A 1103 13.40 7.20 2.17
N ASN A 1104 12.30 7.89 1.83
CA ASN A 1104 11.05 7.21 1.38
C ASN A 1104 10.54 6.33 2.53
N ALA A 1105 11.17 6.44 3.70
CA ALA A 1105 10.74 5.67 4.88
C ALA A 1105 9.65 6.44 5.60
N PRO A 1106 8.63 5.75 6.16
CA PRO A 1106 7.59 6.42 6.94
C PRO A 1106 8.09 7.39 8.02
N VAL A 1107 7.36 8.49 8.25
CA VAL A 1107 7.79 9.56 9.19
C VAL A 1107 7.93 9.01 10.61
N THR A 1108 7.06 8.09 10.97
CA THR A 1108 7.07 7.57 12.36
C THR A 1108 8.42 6.88 12.58
N GLU A 1109 9.16 6.70 11.50
CA GLU A 1109 10.45 5.97 11.57
C GLU A 1109 11.61 6.97 11.59
N ARG A 1110 11.36 8.21 11.22
CA ARG A 1110 12.46 9.20 11.11
C ARG A 1110 12.37 10.24 12.24
N ALA A 1111 11.75 9.89 13.37
CA ALA A 1111 11.58 10.80 14.49
C ALA A 1111 12.72 10.62 15.47
N ILE A 1112 13.57 11.62 15.59
CA ILE A 1112 14.77 11.56 16.43
C ILE A 1112 14.53 12.42 17.66
N PRO A 1113 14.78 11.90 18.87
CA PRO A 1113 14.70 12.75 20.06
C PRO A 1113 15.70 13.89 19.99
N VAL A 1114 15.23 15.11 20.25
CA VAL A 1114 16.08 16.29 20.15
C VAL A 1114 17.19 16.29 21.19
N ALA A 1115 17.03 15.50 22.26
CA ALA A 1115 18.08 15.42 23.27
C ALA A 1115 19.34 14.75 22.73
N ILE A 1116 19.26 14.06 21.59
CA ILE A 1116 20.42 13.42 21.02
C ILE A 1116 21.49 14.45 20.68
N PHE A 1117 21.08 15.58 20.11
CA PHE A 1117 22.03 16.60 19.70
C PHE A 1117 22.67 17.33 20.87
N SER A 1118 22.34 16.95 22.10
CA SER A 1118 22.86 17.59 23.30
C SER A 1118 23.83 16.71 24.09
N ALA A 1119 23.93 15.42 23.75
CA ALA A 1119 24.85 14.53 24.42
C ALA A 1119 26.23 14.68 23.80
N ASP A 1120 27.19 13.91 24.32
CA ASP A 1120 28.53 13.92 23.74
C ASP A 1120 28.51 13.34 22.35
N ILE A 1121 29.46 13.80 21.52
CA ILE A 1121 29.48 13.39 20.11
C ILE A 1121 29.45 11.88 19.91
N PRO A 1122 30.23 11.05 20.66
CA PRO A 1122 30.16 9.60 20.47
C PRO A 1122 28.73 9.06 20.44
N ILE A 1123 27.93 9.45 21.44
CA ILE A 1123 26.57 8.94 21.52
C ILE A 1123 25.75 9.41 20.32
N LYS A 1124 25.96 10.66 19.89
CA LYS A 1124 25.22 11.19 18.74
C LYS A 1124 25.42 10.33 17.50
N ARG A 1125 26.67 10.09 17.12
CA ARG A 1125 26.96 9.39 15.87
C ARG A 1125 26.40 7.98 15.89
N SER A 1126 26.59 7.26 17.01
CA SER A 1126 26.10 5.90 17.12
C SER A 1126 24.59 5.83 16.84
N PHE A 1127 23.82 6.69 17.50
CA PHE A 1127 22.37 6.66 17.36
C PHE A 1127 21.90 7.29 16.07
N LEU A 1128 22.46 8.44 15.70
CA LEU A 1128 22.06 9.08 14.44
C LEU A 1128 22.29 8.15 13.26
N ARG A 1129 23.45 7.48 13.22
CA ARG A 1129 23.71 6.51 12.16
C ARG A 1129 22.69 5.39 12.18
N ARG A 1130 22.38 4.87 13.37
CA ARG A 1130 21.38 3.81 13.48
C ARG A 1130 20.01 4.31 13.06
N TRP A 1131 19.66 5.53 13.46
CA TRP A 1131 18.35 6.07 13.12
C TRP A 1131 18.28 6.53 11.67
N THR A 1132 19.41 6.90 11.07
CA THR A 1132 19.43 7.26 9.66
C THR A 1132 19.71 6.07 8.75
N LEU A 1133 20.07 4.92 9.31
CA LEU A 1133 20.46 3.74 8.52
C LEU A 1133 21.62 4.05 7.58
N ASP A 1134 22.50 4.95 8.01
CA ASP A 1134 23.70 5.33 7.26
C ASP A 1134 24.88 5.16 8.22
N PRO A 1135 25.54 4.00 8.18
CA PRO A 1135 26.72 3.78 9.03
C PRO A 1135 27.92 4.63 8.65
N SER A 1136 27.81 5.44 7.60
CA SER A 1136 28.91 6.29 7.13
C SER A 1136 28.78 7.74 7.57
N LEU A 1137 27.67 8.11 8.21
CA LEU A 1137 27.41 9.51 8.52
C LEU A 1137 28.48 10.07 9.45
N GLU A 1138 28.87 11.31 9.18
CA GLU A 1138 29.80 12.04 10.06
C GLU A 1138 29.37 13.47 10.35
N ASP A 1139 28.58 14.10 9.49
CA ASP A 1139 28.05 15.43 9.75
C ASP A 1139 26.82 15.29 10.66
N LEU A 1140 26.96 15.70 11.91
CA LEU A 1140 25.91 15.52 12.92
C LEU A 1140 25.19 16.82 13.24
N ASP A 1141 25.26 17.80 12.36
CA ASP A 1141 24.53 19.04 12.56
C ASP A 1141 23.04 18.80 12.35
N ILE A 1142 22.23 19.43 13.20
CA ILE A 1142 20.77 19.31 13.08
C ILE A 1142 20.30 19.78 11.71
N ARG A 1143 20.92 20.84 11.19
CA ARG A 1143 20.55 21.34 9.87
C ARG A 1143 20.75 20.30 8.79
N THR A 1144 21.70 19.38 8.97
CA THR A 1144 21.93 18.32 8.00
C THR A 1144 20.98 17.14 8.18
N ILE A 1145 20.40 17.00 9.37
CA ILE A 1145 19.52 15.88 9.64
C ILE A 1145 18.05 16.22 9.37
N ILE A 1146 17.69 17.50 9.49
CA ILE A 1146 16.29 17.90 9.31
C ILE A 1146 15.83 17.63 7.89
N ASP A 1147 14.62 17.08 7.75
CA ASP A 1147 13.95 16.97 6.46
C ASP A 1147 13.18 18.28 6.23
N TRP A 1148 13.92 19.29 5.79
CA TRP A 1148 13.33 20.62 5.59
C TRP A 1148 12.14 20.57 4.64
N GLY A 1149 12.10 19.58 3.75
CA GLY A 1149 10.94 19.41 2.88
C GLY A 1149 9.70 19.04 3.65
N TYR A 1150 9.85 18.23 4.71
CA TYR A 1150 8.72 17.89 5.56
C TYR A 1150 8.14 19.13 6.22
N TYR A 1151 9.00 19.96 6.81
CA TYR A 1151 8.53 21.15 7.50
C TYR A 1151 8.00 22.21 6.53
N ARG A 1152 8.54 22.26 5.32
CA ARG A 1152 8.06 23.22 4.34
C ARG A 1152 6.63 22.91 3.90
N GLU A 1153 6.32 21.61 3.76
CA GLU A 1153 4.95 21.21 3.47
C GLU A 1153 4.02 21.56 4.63
N ARG A 1154 4.47 21.33 5.87
CA ARG A 1154 3.66 21.67 7.03
C ARG A 1154 3.36 23.16 7.06
N LEU A 1155 4.40 23.99 6.92
CA LEU A 1155 4.19 25.43 6.79
C LEU A 1155 3.29 25.74 5.60
N GLY A 1156 3.50 25.04 4.48
CA GLY A 1156 2.65 25.24 3.32
C GLY A 1156 1.21 24.87 3.56
N SER A 1157 0.97 23.82 4.38
CA SER A 1157 -0.39 23.43 4.70
C SER A 1157 -1.08 24.49 5.55
N ALA A 1158 -0.36 25.05 6.53
CA ALA A 1158 -0.92 26.11 7.36
C ALA A 1158 -1.24 27.35 6.54
N ILE A 1159 -0.33 27.73 5.63
CA ILE A 1159 -0.55 28.92 4.81
C ILE A 1159 -1.72 28.72 3.86
N GLN A 1160 -1.97 27.49 3.43
CA GLN A 1160 -3.11 27.23 2.54
C GLN A 1160 -4.43 27.39 3.28
N LYS A 1161 -4.53 26.81 4.47
CA LYS A 1161 -5.80 26.81 5.19
C LYS A 1161 -6.13 28.19 5.76
N ILE A 1162 -5.12 28.95 6.17
CA ILE A 1162 -5.37 30.23 6.81
C ILE A 1162 -5.41 31.38 5.81
N ILE A 1163 -4.62 31.31 4.73
CA ILE A 1163 -4.46 32.46 3.85
C ILE A 1163 -4.96 32.19 2.43
N THR A 1164 -4.28 31.30 1.70
CA THR A 1164 -4.43 31.26 0.25
C THR A 1164 -5.81 30.74 -0.17
N ILE A 1165 -6.22 29.59 0.34
CA ILE A 1165 -7.50 29.01 -0.04
C ILE A 1165 -8.66 29.88 0.44
N PRO A 1166 -8.63 30.46 1.65
CA PRO A 1166 -9.66 31.47 1.98
C PRO A 1166 -9.65 32.65 1.03
N ALA A 1167 -8.47 33.12 0.64
CA ALA A 1167 -8.39 34.23 -0.32
C ALA A 1167 -9.05 33.86 -1.64
N ALA A 1168 -8.84 32.62 -2.10
CA ALA A 1168 -9.48 32.17 -3.32
C ALA A 1168 -11.00 32.18 -3.18
N LEU A 1169 -11.51 31.75 -2.02
CA LEU A 1169 -12.96 31.71 -1.80
C LEU A 1169 -13.56 33.11 -1.82
N GLN A 1170 -12.78 34.13 -1.45
CA GLN A 1170 -13.23 35.51 -1.49
C GLN A 1170 -12.85 36.22 -2.79
N GLY A 1171 -12.35 35.48 -3.77
CA GLY A 1171 -12.05 36.06 -5.07
C GLY A 1171 -10.72 36.75 -5.18
N VAL A 1172 -9.73 36.33 -4.40
CA VAL A 1172 -8.41 36.97 -4.37
C VAL A 1172 -7.39 36.00 -4.93
N SER A 1173 -6.70 36.41 -5.99
CA SER A 1173 -5.65 35.58 -6.57
C SER A 1173 -4.56 35.33 -5.53
N ASN A 1174 -3.98 34.13 -5.58
CA ASN A 1174 -3.06 33.58 -4.58
C ASN A 1174 -2.09 34.61 -4.04
N PRO A 1175 -2.28 35.07 -2.80
CA PRO A 1175 -1.33 36.04 -2.23
C PRO A 1175 0.05 35.46 -1.97
N VAL A 1176 0.18 34.14 -1.87
CA VAL A 1176 1.49 33.51 -1.71
C VAL A 1176 1.65 32.49 -2.83
N PRO A 1177 2.11 32.91 -4.02
CA PRO A 1177 2.24 31.96 -5.14
C PRO A 1177 3.30 30.90 -4.94
N ARG A 1178 4.20 31.07 -3.99
CA ARG A 1178 5.15 30.01 -3.65
C ARG A 1178 4.46 28.82 -2.99
N VAL A 1179 3.22 28.97 -2.59
CA VAL A 1179 2.41 27.88 -2.04
C VAL A 1179 1.29 27.63 -3.05
N GLU A 1180 1.41 26.52 -3.78
CA GLU A 1180 0.51 26.26 -4.90
C GLU A 1180 -0.87 25.85 -4.41
N HIS A 1181 -1.89 26.35 -5.09
CA HIS A 1181 -3.25 25.94 -4.79
C HIS A 1181 -3.43 24.46 -5.08
N PRO A 1182 -4.37 23.80 -4.40
CA PRO A 1182 -4.67 22.40 -4.75
C PRO A 1182 -5.15 22.32 -6.18
N ASP A 1183 -4.97 21.15 -6.79
CA ASP A 1183 -5.33 21.01 -8.22
C ASP A 1183 -6.84 21.22 -8.39
N TRP A 1184 -7.65 20.74 -7.45
CA TRP A 1184 -9.09 20.98 -7.55
C TRP A 1184 -9.40 22.46 -7.58
N LEU A 1185 -8.61 23.26 -6.85
CA LEU A 1185 -8.82 24.70 -6.84
C LEU A 1185 -8.35 25.35 -8.14
N LYS A 1186 -7.21 24.90 -8.68
CA LYS A 1186 -6.76 25.40 -9.96
C LYS A 1186 -7.80 25.15 -11.05
N ARG A 1187 -8.39 23.96 -11.05
CA ARG A 1187 -9.43 23.65 -12.04
C ARG A 1187 -10.68 24.48 -11.81
N LYS A 1188 -10.98 24.81 -10.54
CA LYS A 1188 -12.17 25.62 -10.26
C LYS A 1188 -11.94 27.07 -10.68
N ILE A 1189 -10.73 27.60 -10.47
CA ILE A 1189 -10.43 28.96 -10.90
C ILE A 1189 -10.45 29.04 -12.42
N ALA A 1190 -9.98 28.00 -13.10
CA ALA A 1190 -9.96 28.00 -14.56
C ALA A 1190 -11.36 28.18 -15.13
N THR A 1191 -12.34 27.47 -14.58
CA THR A 1191 -13.73 27.59 -15.03
C THR A 1191 -14.38 28.81 -14.39
N ASN B 33 -4.45 -37.92 -66.09
CA ASN B 33 -3.58 -37.54 -67.20
C ASN B 33 -2.48 -36.59 -66.74
N ASN B 34 -1.23 -37.07 -66.81
CA ASN B 34 -0.09 -36.20 -66.51
C ASN B 34 0.14 -35.18 -67.62
N TYR B 35 -0.46 -35.39 -68.80
CA TYR B 35 -0.43 -34.37 -69.83
C TYR B 35 -1.44 -33.26 -69.55
N ALA B 36 -2.50 -33.57 -68.80
CA ALA B 36 -3.46 -32.54 -68.44
C ALA B 36 -2.86 -31.54 -67.47
N LEU B 37 -2.05 -32.01 -66.54
CA LEU B 37 -1.43 -31.12 -65.56
C LEU B 37 -0.45 -30.17 -66.24
N SER B 38 0.37 -30.71 -67.15
CA SER B 38 1.34 -29.89 -67.86
C SER B 38 0.65 -28.76 -68.62
N ALA B 39 -0.55 -29.03 -69.15
CA ALA B 39 -1.32 -27.99 -69.82
C ALA B 39 -1.63 -26.84 -68.88
N GLN B 40 -2.15 -27.17 -67.69
CA GLN B 40 -2.46 -26.15 -66.70
C GLN B 40 -1.20 -25.40 -66.27
N GLN B 41 -0.08 -26.12 -66.08
CA GLN B 41 1.15 -25.47 -65.64
C GLN B 41 1.76 -24.62 -66.76
N LEU B 42 1.67 -25.09 -68.00
CA LEU B 42 2.12 -24.27 -69.12
C LEU B 42 1.27 -23.01 -69.28
N LEU B 43 0.00 -23.09 -68.90
CA LEU B 43 -0.86 -21.91 -68.91
C LEU B 43 -0.39 -20.88 -67.89
N ASN B 44 -0.13 -21.33 -66.65
CA ASN B 44 0.38 -20.43 -65.63
C ASN B 44 1.72 -19.85 -66.02
N ALA B 45 2.59 -20.66 -66.65
CA ALA B 45 3.91 -20.19 -67.04
C ALA B 45 3.82 -19.07 -68.07
N SER B 46 2.80 -19.10 -68.93
CA SER B 46 2.61 -18.01 -69.88
C SER B 46 1.99 -16.79 -69.22
N LYS B 47 1.04 -16.99 -68.31
CA LYS B 47 0.52 -15.89 -67.51
C LYS B 47 1.64 -15.22 -66.73
N ILE B 48 2.44 -16.02 -66.02
CA ILE B 48 3.59 -15.49 -65.29
C ILE B 48 4.53 -14.76 -66.24
N ASP B 49 4.79 -15.36 -67.42
CA ASP B 49 5.63 -14.71 -68.41
C ASP B 49 5.08 -13.35 -68.81
N ASP B 50 3.75 -13.25 -68.97
CA ASP B 50 3.15 -11.97 -69.31
C ASP B 50 3.33 -10.95 -68.19
N ILE B 51 3.05 -11.35 -66.95
CA ILE B 51 3.24 -10.48 -65.80
C ILE B 51 4.70 -10.03 -65.73
N ASP B 52 5.62 -10.98 -65.84
CA ASP B 52 7.04 -10.66 -65.74
C ASP B 52 7.45 -9.63 -66.78
N SER B 53 6.93 -9.76 -68.01
CA SER B 53 7.22 -8.78 -69.04
C SER B 53 6.64 -7.41 -68.69
N MET B 54 5.41 -7.39 -68.17
CA MET B 54 4.79 -6.14 -67.76
C MET B 54 5.65 -5.41 -66.73
N MET B 55 6.25 -6.16 -65.81
CA MET B 55 7.10 -5.59 -64.78
C MET B 55 8.57 -5.54 -65.18
N GLY B 56 8.87 -5.66 -66.48
CA GLY B 56 10.21 -5.47 -66.96
C GLY B 56 11.13 -6.68 -66.84
N PHE B 57 10.60 -7.89 -67.03
CA PHE B 57 11.39 -9.13 -66.96
C PHE B 57 11.12 -9.95 -68.22
N GLU B 58 11.74 -9.53 -69.32
CA GLU B 58 11.71 -10.31 -70.55
C GLU B 58 12.69 -11.46 -70.47
N ARG B 59 12.29 -12.63 -70.98
CA ARG B 59 13.16 -13.80 -70.94
C ARG B 59 14.32 -13.61 -71.91
N TYR B 60 15.51 -13.39 -71.37
CA TYR B 60 16.69 -13.14 -72.18
C TYR B 60 17.38 -14.47 -72.52
N VAL B 61 17.60 -14.69 -73.81
CA VAL B 61 18.32 -15.86 -74.30
C VAL B 61 19.72 -15.40 -74.72
N PRO B 62 20.79 -15.99 -74.20
CA PRO B 62 22.13 -15.46 -74.44
C PRO B 62 22.61 -15.77 -75.85
N PRO B 63 23.62 -15.06 -76.34
CA PRO B 63 24.14 -15.32 -77.68
C PRO B 63 24.85 -16.66 -77.76
N GLN B 64 25.03 -17.12 -78.99
CA GLN B 64 25.69 -18.40 -79.24
C GLN B 64 27.20 -18.24 -79.22
N TYR B 65 27.89 -19.30 -78.80
CA TYR B 65 29.33 -19.28 -78.63
C TYR B 65 29.86 -20.69 -78.85
N ASN B 66 30.92 -20.80 -79.64
CA ASN B 66 31.56 -22.09 -79.92
C ASN B 66 32.95 -22.19 -79.29
N GLY B 67 33.31 -21.25 -78.41
CA GLY B 67 34.57 -21.32 -77.70
C GLY B 67 34.46 -22.18 -76.46
N ARG B 68 35.42 -21.99 -75.55
CA ARG B 68 35.58 -22.85 -74.39
C ARG B 68 35.00 -22.21 -73.13
N PHE B 69 34.35 -23.04 -72.32
CA PHE B 69 33.68 -22.60 -71.10
C PHE B 69 34.68 -22.54 -69.95
N ASP B 70 35.45 -21.46 -69.93
CA ASP B 70 36.40 -21.18 -68.85
C ASP B 70 36.03 -19.85 -68.22
N ALA B 71 35.69 -19.88 -66.93
CA ALA B 71 35.29 -18.67 -66.22
C ALA B 71 36.36 -17.57 -66.29
N LYS B 72 37.59 -17.92 -66.67
CA LYS B 72 38.62 -16.91 -66.88
C LYS B 72 38.32 -16.02 -68.07
N ASP B 73 37.47 -16.46 -69.00
CA ASP B 73 37.13 -15.69 -70.18
C ASP B 73 35.74 -15.06 -70.08
N ILE B 74 35.28 -14.78 -68.85
CA ILE B 74 33.93 -14.28 -68.62
C ILE B 74 33.64 -13.07 -69.51
N ASP B 75 34.59 -12.15 -69.61
CA ASP B 75 34.38 -10.96 -70.41
C ASP B 75 34.33 -11.28 -71.90
N GLN B 76 35.05 -12.31 -72.33
CA GLN B 76 35.02 -12.69 -73.74
C GLN B 76 33.74 -13.42 -74.10
N ILE B 77 33.22 -14.22 -73.19
CA ILE B 77 32.04 -15.04 -73.46
C ILE B 77 30.82 -14.13 -73.59
N PRO B 78 30.08 -14.22 -74.70
CA PRO B 78 28.92 -13.34 -74.89
C PRO B 78 27.80 -13.69 -73.91
N GLY B 79 27.25 -12.66 -73.29
CA GLY B 79 26.19 -12.88 -72.33
C GLY B 79 25.75 -11.56 -71.72
N ARG B 80 25.01 -11.66 -70.62
CA ARG B 80 24.48 -10.51 -69.92
C ARG B 80 24.75 -10.68 -68.43
N VAL B 81 25.37 -9.69 -67.81
CA VAL B 81 25.70 -9.72 -66.39
C VAL B 81 24.53 -9.17 -65.60
N GLY B 82 24.18 -9.86 -64.52
CA GLY B 82 23.07 -9.42 -63.67
C GLY B 82 23.23 -9.93 -62.26
N TRP B 83 22.57 -9.22 -61.34
CA TRP B 83 22.53 -9.61 -59.93
C TRP B 83 21.28 -10.44 -59.70
N LEU B 84 21.46 -11.70 -59.30
CA LEU B 84 20.34 -12.61 -59.15
C LEU B 84 19.51 -12.20 -57.93
N THR B 85 18.21 -11.97 -58.15
CA THR B 85 17.33 -11.51 -57.09
C THR B 85 16.17 -12.44 -56.79
N ASN B 86 15.89 -13.44 -57.63
CA ASN B 86 14.79 -14.35 -57.41
C ASN B 86 14.92 -15.54 -58.34
N MET B 87 14.24 -16.63 -57.98
CA MET B 87 14.20 -17.83 -58.80
C MET B 87 12.93 -18.61 -58.48
N HIS B 88 12.36 -19.23 -59.51
CA HIS B 88 11.14 -20.01 -59.36
C HIS B 88 11.15 -21.15 -60.36
N ALA B 89 10.63 -22.31 -59.95
CA ALA B 89 10.38 -23.38 -60.89
C ALA B 89 9.36 -22.94 -61.92
N THR B 90 9.48 -23.47 -63.13
CA THR B 90 8.56 -23.17 -64.20
C THR B 90 8.48 -24.36 -65.14
N LEU B 91 7.53 -24.29 -66.07
CA LEU B 91 7.37 -25.31 -67.10
C LEU B 91 7.43 -24.61 -68.45
N VAL B 92 8.44 -24.96 -69.24
CA VAL B 92 8.68 -24.33 -70.53
C VAL B 92 8.29 -25.31 -71.64
N SER B 93 7.72 -24.78 -72.71
CA SER B 93 7.45 -25.59 -73.88
C SER B 93 8.74 -25.80 -74.67
N GLN B 94 8.70 -26.76 -75.60
CA GLN B 94 9.87 -27.07 -76.41
C GLN B 94 10.42 -25.85 -77.12
N GLU B 95 9.59 -24.84 -77.36
CA GLU B 95 10.03 -23.55 -77.89
C GLU B 95 8.91 -22.53 -77.76
N ASN B 116 4.60 -33.20 -76.71
CA ASN B 116 4.49 -31.74 -76.47
C ASN B 116 4.37 -31.49 -74.98
N GLN B 117 4.75 -32.47 -74.16
CA GLN B 117 4.74 -32.26 -72.68
C GLN B 117 5.75 -31.17 -72.36
N GLY B 118 5.56 -30.50 -71.24
CA GLY B 118 6.45 -29.38 -70.89
C GLY B 118 7.75 -29.84 -70.27
N ILE B 119 8.80 -29.03 -70.45
CA ILE B 119 10.11 -29.36 -69.85
C ILE B 119 10.26 -28.56 -68.55
N SER B 120 10.71 -29.21 -67.48
CA SER B 120 10.88 -28.54 -66.17
C SER B 120 12.09 -27.63 -66.23
N GLY B 121 12.01 -26.52 -65.50
CA GLY B 121 13.12 -25.57 -65.47
C GLY B 121 12.92 -24.55 -64.36
N VAL B 122 13.79 -23.55 -64.33
CA VAL B 122 13.73 -22.51 -63.31
C VAL B 122 13.98 -21.15 -63.95
N ASP B 123 13.09 -20.20 -63.69
CA ASP B 123 13.30 -18.82 -64.10
C ASP B 123 14.17 -18.11 -63.09
N PHE B 124 15.21 -17.42 -63.56
CA PHE B 124 16.12 -16.67 -62.71
C PHE B 124 15.98 -15.18 -63.01
N TYR B 125 15.63 -14.40 -62.00
CA TYR B 125 15.32 -12.99 -62.16
C TYR B 125 16.54 -12.15 -61.79
N PHE B 126 16.94 -11.26 -62.70
CA PHE B 126 18.18 -10.49 -62.57
C PHE B 126 17.89 -8.99 -62.55
N LEU B 127 18.85 -8.25 -61.99
CA LEU B 127 18.91 -6.80 -62.11
C LEU B 127 20.25 -6.47 -62.76
N ASP B 128 20.21 -5.94 -63.98
CA ASP B 128 21.44 -5.73 -64.74
C ASP B 128 22.18 -4.48 -64.25
N GLU B 129 23.35 -4.24 -64.82
CA GLU B 129 24.20 -3.12 -64.43
C GLU B 129 23.75 -1.79 -65.02
N GLU B 130 22.80 -1.79 -65.96
CA GLU B 130 22.35 -0.57 -66.62
C GLU B 130 21.01 -0.08 -66.08
N GLY B 131 20.73 -0.33 -64.80
CA GLY B 131 19.48 0.09 -64.21
C GLY B 131 18.25 -0.64 -64.71
N GLY B 132 18.42 -1.76 -65.41
CA GLY B 132 17.30 -2.52 -65.91
C GLY B 132 17.21 -3.90 -65.29
N SER B 133 16.42 -4.79 -65.91
CA SER B 133 16.21 -6.11 -65.36
C SER B 133 15.88 -7.07 -66.50
N PHE B 134 16.09 -8.37 -66.23
CA PHE B 134 15.79 -9.42 -67.17
C PHE B 134 15.75 -10.74 -66.41
N LYS B 135 15.17 -11.76 -67.05
CA LYS B 135 15.14 -13.09 -66.50
C LYS B 135 15.66 -14.09 -67.51
N SER B 136 16.28 -15.16 -67.00
CA SER B 136 16.82 -16.22 -67.82
C SER B 136 16.41 -17.57 -67.22
N THR B 137 16.27 -18.57 -68.10
CA THR B 137 15.74 -19.86 -67.73
C THR B 137 16.81 -20.93 -67.90
N VAL B 138 16.86 -21.86 -66.94
CA VAL B 138 17.70 -23.05 -67.03
C VAL B 138 16.78 -24.26 -66.94
N VAL B 139 16.88 -25.16 -67.90
CA VAL B 139 16.15 -26.42 -67.87
C VAL B 139 17.05 -27.49 -67.28
N TYR B 140 16.43 -28.49 -66.66
CA TYR B 140 17.15 -29.51 -65.92
C TYR B 140 16.19 -30.65 -65.57
N ASP B 141 16.53 -31.86 -65.95
CA ASP B 141 15.61 -32.99 -65.77
C ASP B 141 15.52 -33.39 -64.31
N PRO B 142 14.33 -33.41 -63.72
CA PRO B 142 14.19 -33.96 -62.36
C PRO B 142 14.66 -35.41 -62.32
N TYR B 143 15.08 -35.85 -61.14
CA TYR B 143 15.59 -37.20 -61.02
C TYR B 143 15.57 -37.66 -59.58
N PHE B 144 15.33 -38.95 -59.39
CA PHE B 144 15.58 -39.63 -58.13
C PHE B 144 16.22 -40.98 -58.44
N PHE B 145 16.69 -41.64 -57.39
CA PHE B 145 17.44 -42.88 -57.53
C PHE B 145 16.62 -44.07 -57.03
N ILE B 146 17.00 -45.25 -57.52
CA ILE B 146 16.53 -46.52 -57.00
C ILE B 146 17.73 -47.28 -56.45
N ALA B 147 17.57 -47.89 -55.28
CA ALA B 147 18.60 -48.69 -54.66
C ALA B 147 18.22 -50.17 -54.72
N CYS B 148 19.23 -51.03 -54.66
CA CYS B 148 19.05 -52.46 -54.83
C CYS B 148 19.61 -53.24 -53.65
N ASN B 149 18.96 -54.36 -53.33
CA ASN B 149 19.49 -55.29 -52.34
C ASN B 149 20.67 -56.10 -52.85
N ASP B 150 20.84 -56.19 -54.17
CA ASP B 150 21.86 -57.03 -54.78
C ASP B 150 22.57 -56.21 -55.85
N GLU B 151 23.81 -55.81 -55.57
CA GLU B 151 24.57 -54.99 -56.50
C GLU B 151 24.89 -55.72 -57.79
N SER B 152 24.91 -57.05 -57.78
CA SER B 152 25.27 -57.80 -58.99
C SER B 152 24.15 -57.76 -60.02
N ARG B 153 22.91 -57.82 -59.58
CA ARG B 153 21.75 -57.89 -60.47
C ARG B 153 21.15 -56.53 -60.77
N VAL B 154 21.93 -55.45 -60.61
CA VAL B 154 21.45 -54.10 -60.90
C VAL B 154 20.93 -53.99 -62.33
N ASN B 155 21.49 -54.79 -63.24
CA ASN B 155 21.06 -54.74 -64.63
C ASN B 155 19.67 -55.35 -64.82
N ASP B 156 19.30 -56.33 -63.98
CA ASP B 156 17.96 -56.90 -64.06
C ASP B 156 16.90 -55.86 -63.74
N VAL B 157 17.01 -55.21 -62.59
CA VAL B 157 16.05 -54.19 -62.20
C VAL B 157 16.09 -53.01 -63.16
N GLU B 158 17.26 -52.73 -63.75
CA GLU B 158 17.33 -51.72 -64.81
C GLU B 158 16.38 -52.07 -65.95
N GLU B 159 16.35 -53.33 -66.37
CA GLU B 159 15.46 -53.74 -67.45
C GLU B 159 14.01 -53.75 -67.02
N LEU B 160 13.74 -54.02 -65.74
CA LEU B 160 12.35 -54.00 -65.26
C LEU B 160 11.80 -52.58 -65.28
N VAL B 161 12.48 -51.65 -64.60
CA VAL B 161 11.93 -50.31 -64.45
C VAL B 161 11.91 -49.58 -65.79
N LYS B 162 12.83 -49.91 -66.70
CA LYS B 162 12.80 -49.30 -68.02
C LYS B 162 11.53 -49.68 -68.77
N LYS B 163 11.08 -50.94 -68.61
CA LYS B 163 9.80 -51.35 -69.16
C LYS B 163 8.66 -50.83 -68.31
N TYR B 164 8.78 -50.95 -66.98
CA TYR B 164 7.64 -50.71 -66.10
C TYR B 164 7.27 -49.24 -66.03
N LEU B 165 8.25 -48.36 -66.19
CA LEU B 165 8.02 -46.91 -66.16
C LEU B 165 8.15 -46.29 -67.55
N GLU B 166 7.85 -47.05 -68.60
CA GLU B 166 7.87 -46.49 -69.95
C GLU B 166 6.91 -45.31 -70.08
N SER B 167 5.83 -45.31 -69.27
CA SER B 167 4.83 -44.25 -69.35
C SER B 167 5.40 -42.89 -68.98
N CYS B 168 6.49 -42.83 -68.22
CA CYS B 168 7.00 -41.57 -67.69
C CYS B 168 8.50 -41.39 -67.79
N LEU B 169 9.29 -42.45 -67.73
CA LEU B 169 10.74 -42.32 -67.65
C LEU B 169 11.31 -41.75 -68.94
N LYS B 170 12.08 -40.65 -68.82
CA LYS B 170 12.75 -40.09 -69.99
C LYS B 170 14.02 -40.85 -70.30
N SER B 171 14.86 -41.07 -69.29
CA SER B 171 16.14 -41.76 -69.49
C SER B 171 16.53 -42.43 -68.19
N LEU B 172 17.64 -43.17 -68.25
CA LEU B 172 18.03 -44.03 -67.15
C LEU B 172 19.54 -44.22 -67.17
N GLN B 173 20.12 -44.45 -65.99
CA GLN B 173 21.57 -44.43 -65.86
C GLN B 173 21.97 -45.06 -64.54
N ILE B 174 23.15 -45.68 -64.52
CA ILE B 174 23.75 -46.24 -63.32
C ILE B 174 24.85 -45.31 -62.85
N ILE B 175 24.76 -44.86 -61.59
CA ILE B 175 25.74 -43.96 -61.01
C ILE B 175 26.19 -44.53 -59.67
N ARG B 176 27.21 -43.89 -59.08
CA ARG B 176 27.76 -44.30 -57.80
C ARG B 176 27.82 -43.09 -56.87
N LYS B 177 27.35 -43.27 -55.64
CA LYS B 177 27.46 -42.25 -54.61
C LYS B 177 28.00 -42.90 -53.34
N GLU B 178 28.53 -42.05 -52.45
CA GLU B 178 29.05 -42.54 -51.18
C GLU B 178 27.92 -42.70 -50.18
N ASP B 179 27.86 -43.86 -49.53
CA ASP B 179 26.80 -44.21 -48.59
C ASP B 179 27.44 -44.37 -47.21
N LEU B 180 27.11 -43.46 -46.30
CA LEU B 180 27.72 -43.44 -44.99
C LEU B 180 27.21 -44.54 -44.06
N THR B 181 26.20 -45.31 -44.48
CA THR B 181 25.76 -46.48 -43.74
C THR B 181 26.36 -47.77 -44.26
N MET B 182 27.02 -47.73 -45.42
CA MET B 182 27.50 -48.92 -46.10
C MET B 182 28.89 -49.30 -45.61
N ASP B 183 29.10 -50.60 -45.41
CA ASP B 183 30.38 -51.09 -44.93
C ASP B 183 31.49 -50.81 -45.94
N ASN B 184 32.66 -50.48 -45.42
CA ASN B 184 33.86 -50.17 -46.20
C ASN B 184 33.74 -48.91 -47.05
N HIS B 185 32.80 -48.01 -46.71
CA HIS B 185 32.69 -46.78 -47.47
C HIS B 185 33.87 -45.85 -47.20
N LEU B 186 34.45 -45.92 -46.00
CA LEU B 186 35.66 -45.16 -45.70
C LEU B 186 36.89 -45.68 -46.43
N LEU B 187 36.78 -46.85 -47.06
CA LEU B 187 37.84 -47.39 -47.90
C LEU B 187 37.62 -47.12 -49.38
N GLY B 188 36.68 -46.22 -49.72
CA GLY B 188 36.43 -45.86 -51.09
C GLY B 188 35.31 -46.63 -51.78
N LEU B 189 34.70 -47.60 -51.10
CA LEU B 189 33.59 -48.33 -51.71
C LEU B 189 32.34 -47.46 -51.78
N GLN B 190 31.58 -47.64 -52.87
CA GLN B 190 30.43 -46.80 -53.15
C GLN B 190 29.20 -47.67 -53.37
N LYS B 191 28.03 -47.03 -53.26
CA LYS B 191 26.76 -47.67 -53.55
C LYS B 191 26.37 -47.40 -55.00
N THR B 192 26.01 -48.43 -55.74
CA THR B 192 25.56 -48.29 -57.11
C THR B 192 24.05 -48.11 -57.14
N LEU B 193 23.60 -47.07 -57.84
CA LEU B 193 22.19 -46.70 -57.87
C LEU B 193 21.74 -46.51 -59.32
N ILE B 194 20.45 -46.71 -59.53
CA ILE B 194 19.82 -46.46 -60.83
C ILE B 194 19.21 -45.06 -60.79
N LYS B 195 19.69 -44.17 -61.66
CA LYS B 195 19.26 -42.78 -61.68
C LYS B 195 18.16 -42.61 -62.72
N LEU B 196 16.94 -42.33 -62.26
CA LEU B 196 15.79 -42.16 -63.14
C LEU B 196 15.59 -40.69 -63.44
N SER B 197 15.71 -40.32 -64.72
CA SER B 197 15.50 -38.95 -65.17
C SER B 197 14.14 -38.80 -65.83
N PHE B 198 13.64 -37.57 -65.84
CA PHE B 198 12.29 -37.30 -66.30
C PHE B 198 12.24 -35.95 -67.02
N VAL B 199 11.15 -35.71 -67.73
CA VAL B 199 11.00 -34.47 -68.47
C VAL B 199 10.53 -33.35 -67.55
N ASN B 200 9.66 -33.66 -66.59
CA ASN B 200 9.18 -32.67 -65.63
C ASN B 200 8.85 -33.37 -64.32
N SER B 201 8.48 -32.59 -63.31
CA SER B 201 8.18 -33.13 -62.00
C SER B 201 6.88 -33.92 -61.98
N ASN B 202 5.95 -33.64 -62.91
CA ASN B 202 4.75 -34.45 -63.00
C ASN B 202 5.09 -35.89 -63.36
N GLN B 203 6.00 -36.09 -64.31
CA GLN B 203 6.41 -37.44 -64.67
C GLN B 203 7.19 -38.10 -63.54
N LEU B 204 8.02 -37.33 -62.84
CA LEU B 204 8.71 -37.88 -61.67
C LEU B 204 7.72 -38.39 -60.64
N PHE B 205 6.66 -37.62 -60.37
CA PHE B 205 5.65 -38.05 -59.41
C PHE B 205 4.91 -39.29 -59.89
N GLU B 206 4.63 -39.36 -61.20
CA GLU B 206 3.99 -40.55 -61.76
C GLU B 206 4.82 -41.79 -61.47
N ALA B 207 6.14 -41.72 -61.71
CA ALA B 207 7.00 -42.86 -61.40
C ALA B 207 6.93 -43.23 -59.92
N ARG B 208 6.92 -42.23 -59.05
CA ARG B 208 6.75 -42.49 -57.63
C ARG B 208 5.42 -43.20 -57.36
N LYS B 209 4.37 -42.82 -58.09
CA LYS B 209 3.08 -43.48 -57.93
C LYS B 209 3.14 -44.94 -58.35
N LEU B 210 3.84 -45.24 -59.45
CA LEU B 210 3.94 -46.60 -59.93
C LEU B 210 4.91 -47.45 -59.12
N LEU B 211 5.90 -46.83 -58.47
CA LEU B 211 6.91 -47.58 -57.73
C LEU B 211 6.52 -47.86 -56.29
N ARG B 212 5.56 -47.12 -55.74
CA ARG B 212 5.13 -47.38 -54.37
C ARG B 212 4.48 -48.74 -54.19
N PRO B 213 3.59 -49.24 -55.07
CA PRO B 213 3.07 -50.60 -54.88
C PRO B 213 4.15 -51.66 -54.80
N ILE B 214 5.16 -51.59 -55.68
CA ILE B 214 6.28 -52.53 -55.61
C ILE B 214 6.93 -52.45 -54.22
N LEU B 215 7.31 -51.24 -53.81
CA LEU B 215 7.99 -51.08 -52.52
C LEU B 215 7.17 -51.64 -51.36
N GLN B 216 5.84 -51.63 -51.48
CA GLN B 216 5.00 -52.21 -50.44
C GLN B 216 4.97 -53.73 -50.53
N ASP B 217 4.78 -54.27 -51.75
CA ASP B 217 4.75 -55.72 -51.92
C ASP B 217 6.05 -56.37 -51.48
N ASN B 218 7.16 -55.66 -51.60
CA ASN B 218 8.44 -56.18 -51.13
C ASN B 218 8.51 -56.19 -49.60
N ALA B 219 7.92 -55.18 -48.95
CA ALA B 219 7.95 -55.13 -47.49
C ALA B 219 7.01 -56.18 -46.90
N ASN B 220 5.87 -56.42 -47.54
CA ASN B 220 4.94 -57.43 -47.08
C ASN B 220 5.50 -58.82 -47.38
N ASN B 221 4.76 -59.84 -46.93
CA ASN B 221 5.21 -61.21 -47.05
C ASN B 221 4.92 -61.76 -48.44
N ASN B 222 5.81 -62.65 -48.90
CA ASN B 222 5.67 -63.24 -50.22
C ASN B 222 4.47 -64.19 -50.27
N VAL B 223 3.85 -64.26 -51.45
CA VAL B 223 2.66 -65.07 -51.65
C VAL B 223 3.00 -66.56 -51.56
N GLN B 224 1.97 -67.40 -51.60
CA GLN B 224 2.13 -68.85 -51.47
C GLN B 224 1.59 -69.55 -52.70
N ARG B 225 2.44 -70.34 -53.35
CA ARG B 225 2.04 -71.10 -54.52
C ARG B 225 2.30 -72.59 -54.29
N ASN B 226 3.45 -73.09 -54.73
CA ASN B 226 3.87 -74.46 -54.45
C ASN B 226 4.61 -74.44 -53.11
N ILE B 227 3.97 -75.00 -52.08
CA ILE B 227 4.49 -74.95 -50.72
C ILE B 227 5.62 -75.95 -50.56
N TYR B 228 5.87 -76.75 -51.60
CA TYR B 228 6.98 -77.69 -51.57
C TYR B 228 8.22 -77.19 -52.29
N ASN B 229 8.09 -76.16 -53.12
CA ASN B 229 9.22 -75.45 -53.75
C ASN B 229 10.45 -76.26 -54.11
N VAL B 238 14.73 -65.10 -57.63
CA VAL B 238 13.98 -63.94 -57.14
C VAL B 238 13.68 -62.99 -58.29
N ASP B 239 12.43 -62.54 -58.38
CA ASP B 239 11.98 -61.72 -59.49
C ASP B 239 12.54 -60.29 -59.38
N ALA B 240 12.56 -59.61 -60.52
CA ALA B 240 13.17 -58.30 -60.63
C ALA B 240 12.56 -57.28 -59.67
N LYS B 241 11.26 -57.41 -59.38
CA LYS B 241 10.60 -56.45 -58.50
C LYS B 241 11.17 -56.50 -57.09
N HIS B 242 11.57 -57.69 -56.63
CA HIS B 242 11.98 -57.86 -55.25
C HIS B 242 13.41 -57.43 -54.97
N LEU B 243 14.16 -56.96 -55.98
CA LEU B 243 15.47 -56.37 -55.72
C LEU B 243 15.43 -54.86 -55.60
N ILE B 244 14.26 -54.24 -55.76
CA ILE B 244 14.12 -52.80 -55.54
C ILE B 244 14.07 -52.58 -54.03
N GLU B 245 15.18 -52.12 -53.46
CA GLU B 245 15.29 -51.93 -52.02
C GLU B 245 14.55 -50.69 -51.55
N ASP B 246 14.73 -49.58 -52.26
CA ASP B 246 14.17 -48.30 -51.84
C ASP B 246 14.41 -47.29 -52.95
N ILE B 247 13.61 -46.23 -52.96
CA ILE B 247 13.87 -45.06 -53.78
C ILE B 247 14.57 -44.03 -52.91
N ARG B 248 15.38 -43.18 -53.54
CA ARG B 248 16.21 -42.23 -52.80
C ARG B 248 16.22 -40.88 -53.49
N GLU B 249 16.25 -39.82 -52.68
CA GLU B 249 16.32 -38.44 -53.17
C GLU B 249 15.12 -38.12 -54.06
N TYR B 250 13.94 -38.60 -53.65
CA TYR B 250 12.71 -38.45 -54.42
C TYR B 250 11.88 -37.25 -54.00
N ASP B 251 12.19 -36.62 -52.87
CA ASP B 251 11.38 -35.54 -52.32
C ASP B 251 12.15 -34.24 -52.22
N VAL B 252 13.15 -34.04 -53.07
CA VAL B 252 13.90 -32.79 -53.10
C VAL B 252 13.10 -31.79 -53.91
N PRO B 253 12.77 -30.63 -53.34
CA PRO B 253 12.13 -29.57 -54.14
C PRO B 253 12.96 -29.26 -55.38
N TYR B 254 12.28 -29.17 -56.52
CA TYR B 254 13.01 -29.10 -57.79
C TYR B 254 13.84 -27.83 -57.90
N HIS B 255 13.33 -26.71 -57.36
CA HIS B 255 14.11 -25.47 -57.43
C HIS B 255 15.36 -25.56 -56.56
N VAL B 256 15.30 -26.28 -55.44
CA VAL B 256 16.50 -26.51 -54.64
C VAL B 256 17.46 -27.42 -55.39
N ARG B 257 16.93 -28.40 -56.14
CA ARG B 257 17.78 -29.32 -56.87
C ARG B 257 18.60 -28.58 -57.92
N VAL B 258 17.98 -27.68 -58.67
CA VAL B 258 18.69 -26.92 -59.69
C VAL B 258 19.75 -26.03 -59.03
N SER B 259 19.37 -25.35 -57.94
CA SER B 259 20.30 -24.43 -57.28
C SER B 259 21.50 -25.16 -56.69
N ILE B 260 21.32 -26.42 -56.28
CA ILE B 260 22.43 -27.19 -55.72
C ILE B 260 23.29 -27.77 -56.83
N ASP B 261 22.65 -28.41 -57.81
CA ASP B 261 23.42 -29.11 -58.84
C ASP B 261 24.12 -28.15 -59.79
N LYS B 262 23.55 -26.99 -60.04
CA LYS B 262 24.17 -25.97 -60.88
C LYS B 262 24.89 -24.90 -60.07
N ASP B 263 24.88 -25.00 -58.75
CA ASP B 263 25.54 -24.06 -57.84
C ASP B 263 25.20 -22.61 -58.17
N ILE B 264 23.91 -22.31 -58.10
CA ILE B 264 23.39 -20.96 -58.34
C ILE B 264 22.74 -20.46 -57.05
N ARG B 265 23.00 -19.21 -56.71
CA ARG B 265 22.48 -18.62 -55.48
C ARG B 265 21.99 -17.21 -55.74
N VAL B 266 20.83 -16.88 -55.15
CA VAL B 266 20.34 -15.52 -55.18
C VAL B 266 21.23 -14.64 -54.31
N GLY B 267 21.50 -13.43 -54.78
CA GLY B 267 22.42 -12.53 -54.12
C GLY B 267 23.82 -12.52 -54.70
N LYS B 268 24.13 -13.45 -55.59
CA LYS B 268 25.40 -13.49 -56.29
C LYS B 268 25.24 -12.87 -57.68
N TRP B 269 26.36 -12.43 -58.24
CA TRP B 269 26.39 -11.84 -59.57
C TRP B 269 26.78 -12.92 -60.57
N TYR B 270 26.03 -13.01 -61.67
CA TYR B 270 26.28 -14.00 -62.70
C TYR B 270 26.20 -13.36 -64.08
N LYS B 271 26.96 -13.93 -65.02
CA LYS B 271 26.81 -13.61 -66.43
C LYS B 271 26.10 -14.77 -67.11
N VAL B 272 24.92 -14.49 -67.67
CA VAL B 272 24.10 -15.53 -68.29
C VAL B 272 24.65 -15.80 -69.69
N THR B 273 25.24 -16.98 -69.88
CA THR B 273 25.82 -17.38 -71.15
C THR B 273 25.16 -18.67 -71.62
N GLN B 274 25.39 -19.00 -72.90
CA GLN B 274 24.75 -20.17 -73.50
C GLN B 274 25.13 -21.46 -72.79
N GLN B 275 26.35 -21.54 -72.26
CA GLN B 275 26.79 -22.74 -71.56
C GLN B 275 26.39 -22.76 -70.09
N GLY B 276 25.83 -21.67 -69.57
CA GLY B 276 25.34 -21.63 -68.22
C GLY B 276 25.67 -20.32 -67.54
N PHE B 277 25.36 -20.25 -66.26
CA PHE B 277 25.65 -19.06 -65.46
C PHE B 277 27.12 -19.10 -65.05
N ILE B 278 27.81 -17.96 -65.19
CA ILE B 278 29.19 -17.81 -64.76
C ILE B 278 29.21 -16.75 -63.66
N GLU B 279 29.59 -17.15 -62.45
CA GLU B 279 29.63 -16.21 -61.34
C GLU B 279 30.71 -15.16 -61.58
N ASP B 280 30.32 -13.90 -61.51
CA ASP B 280 31.26 -12.77 -61.63
C ASP B 280 31.75 -12.44 -60.22
N THR B 281 32.84 -13.09 -59.82
CA THR B 281 33.41 -12.87 -58.50
C THR B 281 33.94 -11.45 -58.35
N ARG B 282 34.13 -10.71 -59.45
CA ARG B 282 34.64 -9.35 -59.35
C ARG B 282 33.59 -8.42 -58.74
N LYS B 283 32.34 -8.53 -59.15
CA LYS B 283 31.27 -7.74 -58.54
C LYS B 283 31.06 -8.19 -57.09
N ILE B 284 31.18 -7.24 -56.17
CA ILE B 284 31.09 -7.51 -54.74
C ILE B 284 29.74 -7.07 -54.17
N ALA B 285 29.39 -5.79 -54.34
CA ALA B 285 28.20 -5.26 -53.68
C ALA B 285 26.93 -5.79 -54.32
N PHE B 286 25.92 -6.01 -53.50
CA PHE B 286 24.59 -6.29 -54.02
C PHE B 286 24.13 -5.14 -54.90
N ALA B 287 23.43 -5.47 -55.99
CA ALA B 287 22.68 -4.45 -56.68
C ALA B 287 21.57 -3.94 -55.76
N ASP B 288 21.06 -2.75 -56.06
CA ASP B 288 20.06 -2.15 -55.20
C ASP B 288 18.68 -2.33 -55.79
N PRO B 289 17.85 -3.22 -55.25
CA PRO B 289 16.50 -3.38 -55.78
C PRO B 289 15.60 -2.23 -55.38
N VAL B 290 14.52 -2.06 -56.15
CA VAL B 290 13.48 -1.12 -55.81
C VAL B 290 12.60 -1.75 -54.73
N VAL B 291 12.60 -1.15 -53.54
CA VAL B 291 11.92 -1.73 -52.38
C VAL B 291 10.72 -0.86 -52.03
N MET B 292 9.58 -1.51 -51.80
CA MET B 292 8.37 -0.85 -51.33
C MET B 292 7.85 -1.58 -50.10
N ALA B 293 7.46 -0.83 -49.09
CA ALA B 293 6.86 -1.38 -47.89
C ALA B 293 5.56 -0.65 -47.61
N PHE B 294 4.48 -1.41 -47.35
CA PHE B 294 3.15 -0.81 -47.24
C PHE B 294 2.42 -1.32 -46.01
N ASP B 295 1.50 -0.50 -45.51
CA ASP B 295 0.57 -0.85 -44.44
C ASP B 295 -0.82 -0.39 -44.83
N ILE B 296 -1.83 -1.19 -44.49
CA ILE B 296 -3.22 -0.83 -44.73
C ILE B 296 -3.92 -0.71 -43.39
N GLU B 297 -4.88 0.22 -43.32
CA GLU B 297 -5.73 0.38 -42.16
C GLU B 297 -7.18 0.46 -42.63
N THR B 298 -8.07 -0.22 -41.91
CA THR B 298 -9.43 -0.47 -42.39
C THR B 298 -10.46 -0.12 -41.32
N THR B 299 -11.70 -0.01 -41.76
CA THR B 299 -12.82 0.13 -40.85
C THR B 299 -13.00 -1.14 -40.05
N LYS B 300 -13.82 -1.05 -38.99
CA LYS B 300 -13.84 -2.10 -37.99
C LYS B 300 -15.03 -1.89 -37.06
N PRO B 301 -15.91 -2.88 -36.93
CA PRO B 301 -17.01 -2.77 -35.97
C PRO B 301 -16.47 -2.57 -34.56
N PRO B 302 -17.14 -1.75 -33.74
CA PRO B 302 -16.64 -1.50 -32.39
C PRO B 302 -16.50 -2.80 -31.60
N LEU B 303 -15.38 -2.92 -30.89
CA LEU B 303 -15.02 -4.08 -30.06
C LEU B 303 -14.83 -5.35 -30.87
N LYS B 304 -14.82 -5.26 -32.20
CA LYS B 304 -14.85 -6.45 -33.06
C LYS B 304 -13.63 -6.49 -33.96
N PHE B 305 -13.56 -7.52 -34.80
CA PHE B 305 -12.47 -7.62 -35.76
C PHE B 305 -12.92 -7.12 -37.13
N PRO B 306 -11.99 -6.59 -37.94
CA PRO B 306 -12.37 -6.20 -39.30
C PRO B 306 -12.82 -7.41 -40.11
N ASP B 307 -13.74 -7.15 -41.03
CA ASP B 307 -14.27 -8.19 -41.92
C ASP B 307 -14.15 -7.66 -43.35
N SER B 308 -13.30 -8.30 -44.15
CA SER B 308 -13.10 -7.91 -45.54
C SER B 308 -14.38 -8.02 -46.36
N ALA B 309 -15.42 -8.67 -45.84
CA ALA B 309 -16.68 -8.75 -46.56
C ALA B 309 -17.42 -7.42 -46.55
N VAL B 310 -17.45 -6.73 -45.40
CA VAL B 310 -18.20 -5.51 -45.24
C VAL B 310 -17.29 -4.30 -45.02
N ASP B 311 -16.19 -4.47 -44.30
CA ASP B 311 -15.35 -3.33 -43.94
C ASP B 311 -14.51 -2.89 -45.14
N GLN B 312 -14.08 -1.65 -45.11
CA GLN B 312 -13.39 -1.00 -46.22
C GLN B 312 -12.01 -0.54 -45.80
N ILE B 313 -11.14 -0.35 -46.79
CA ILE B 313 -9.81 0.19 -46.56
C ILE B 313 -9.90 1.72 -46.51
N MET B 314 -9.50 2.29 -45.37
CA MET B 314 -9.50 3.75 -45.27
C MET B 314 -8.30 4.36 -45.99
N MET B 315 -7.12 3.81 -45.74
CA MET B 315 -5.90 4.39 -46.28
C MET B 315 -4.87 3.30 -46.50
N ILE B 316 -3.96 3.56 -47.44
CA ILE B 316 -2.83 2.69 -47.70
C ILE B 316 -1.58 3.57 -47.66
N SER B 317 -0.73 3.35 -46.66
CA SER B 317 0.56 4.02 -46.57
C SER B 317 1.64 3.12 -47.16
N TYR B 318 2.71 3.73 -47.63
CA TYR B 318 3.83 2.96 -48.16
C TYR B 318 5.04 3.88 -48.36
N MET B 319 6.18 3.25 -48.63
CA MET B 319 7.44 3.93 -48.88
C MET B 319 8.18 3.17 -49.97
N ILE B 320 8.54 3.87 -51.05
CA ILE B 320 9.22 3.27 -52.19
C ILE B 320 10.60 3.89 -52.27
N ASP B 321 11.61 3.14 -51.81
CA ASP B 321 13.02 3.53 -51.90
C ASP B 321 13.31 4.84 -51.17
N GLY B 322 12.60 5.11 -50.07
CA GLY B 322 12.85 6.29 -49.28
C GLY B 322 11.88 7.44 -49.52
N GLU B 323 10.88 7.28 -50.37
CA GLU B 323 9.91 8.33 -50.66
C GLU B 323 8.54 7.86 -50.18
N GLY B 324 7.99 8.54 -49.18
CA GLY B 324 6.72 8.11 -48.60
C GLY B 324 5.52 8.55 -49.42
N PHE B 325 4.43 7.78 -49.28
CA PHE B 325 3.19 8.05 -49.99
C PHE B 325 2.02 7.58 -49.16
N LEU B 326 0.86 8.23 -49.36
CA LEU B 326 -0.37 7.86 -48.68
C LEU B 326 -1.54 8.02 -49.64
N ILE B 327 -2.36 6.98 -49.73
CA ILE B 327 -3.63 7.01 -50.47
C ILE B 327 -4.75 7.00 -49.45
N THR B 328 -5.71 7.91 -49.62
CA THR B 328 -6.86 7.99 -48.71
C THR B 328 -8.13 7.63 -49.45
N ASN B 329 -9.08 7.06 -48.70
CA ASN B 329 -10.42 6.77 -49.18
C ASN B 329 -11.33 7.88 -48.69
N ARG B 330 -11.58 8.88 -49.55
CA ARG B 330 -12.33 10.05 -49.13
C ARG B 330 -13.80 9.74 -48.87
N GLU B 331 -14.28 8.59 -49.32
CA GLU B 331 -15.61 8.12 -48.90
C GLU B 331 -15.65 7.78 -47.42
N ILE B 332 -14.50 7.68 -46.76
CA ILE B 332 -14.42 7.36 -45.34
C ILE B 332 -13.61 8.42 -44.61
N ILE B 333 -12.61 8.99 -45.28
CA ILE B 333 -11.77 10.04 -44.71
C ILE B 333 -12.42 11.38 -44.99
N SER B 334 -12.60 12.18 -43.93
CA SER B 334 -13.45 13.36 -44.03
C SER B 334 -12.79 14.48 -44.83
N GLU B 335 -11.49 14.67 -44.66
CA GLU B 335 -10.80 15.78 -45.31
C GLU B 335 -9.72 15.28 -46.26
N ASP B 336 -9.40 16.12 -47.24
CA ASP B 336 -8.22 15.92 -48.07
C ASP B 336 -6.97 16.12 -47.21
N ILE B 337 -6.16 15.08 -47.08
CA ILE B 337 -4.94 15.17 -46.28
C ILE B 337 -3.87 15.87 -47.11
N GLU B 338 -3.21 16.86 -46.51
CA GLU B 338 -2.11 17.54 -47.15
C GLU B 338 -0.82 16.78 -46.91
N ASP B 339 0.17 17.04 -47.77
CA ASP B 339 1.49 16.45 -47.58
C ASP B 339 2.06 16.86 -46.23
N PHE B 340 2.83 15.96 -45.63
CA PHE B 340 3.43 16.24 -44.33
C PHE B 340 4.64 15.33 -44.15
N GLU B 341 5.39 15.58 -43.08
CA GLU B 341 6.61 14.86 -42.77
C GLU B 341 6.44 14.08 -41.48
N TYR B 342 6.99 12.87 -41.45
CA TYR B 342 7.14 12.09 -40.21
C TYR B 342 8.53 11.45 -40.28
N THR B 343 9.52 12.15 -39.72
CA THR B 343 10.90 11.67 -39.63
C THR B 343 11.16 11.34 -38.17
N PRO B 344 10.82 10.13 -37.71
CA PRO B 344 10.96 9.83 -36.27
C PRO B 344 12.37 10.00 -35.75
N LYS B 345 13.37 9.94 -36.63
CA LYS B 345 14.76 10.23 -36.32
C LYS B 345 15.47 10.53 -37.62
N PRO B 346 16.50 11.38 -37.61
CA PRO B 346 17.15 11.76 -38.89
C PRO B 346 17.55 10.58 -39.73
N GLU B 347 17.93 9.46 -39.10
CA GLU B 347 18.27 8.26 -39.85
C GLU B 347 17.09 7.69 -40.62
N TYR B 348 15.85 8.08 -40.27
CA TYR B 348 14.64 7.57 -40.91
C TYR B 348 13.81 8.71 -41.47
N PRO B 349 14.25 9.32 -42.58
CA PRO B 349 13.45 10.37 -43.21
C PRO B 349 12.09 9.85 -43.68
N GLY B 350 11.11 10.74 -43.69
CA GLY B 350 9.76 10.36 -44.06
C GLY B 350 8.88 11.49 -44.56
N PHE B 351 9.15 11.95 -45.78
CA PHE B 351 8.33 12.98 -46.43
C PHE B 351 7.28 12.27 -47.28
N PHE B 352 6.00 12.48 -46.95
CA PHE B 352 4.91 11.70 -47.51
C PHE B 352 4.05 12.56 -48.42
N THR B 353 3.97 12.16 -49.70
CA THR B 353 3.02 12.74 -50.63
C THR B 353 1.68 12.02 -50.50
N ILE B 354 0.59 12.78 -50.64
CA ILE B 354 -0.75 12.24 -50.45
C ILE B 354 -1.42 12.06 -51.81
N PHE B 355 -2.26 11.01 -51.89
CA PHE B 355 -3.09 10.72 -53.07
C PHE B 355 -4.52 10.53 -52.58
N ASN B 356 -5.28 11.61 -52.50
CA ASN B 356 -6.65 11.55 -52.00
C ASN B 356 -7.57 11.10 -53.14
N GLU B 357 -8.07 9.87 -53.05
CA GLU B 357 -8.96 9.30 -54.04
C GLU B 357 -10.40 9.33 -53.55
N ASN B 358 -11.33 9.16 -54.50
CA ASN B 358 -12.75 9.34 -54.20
C ASN B 358 -13.31 8.20 -53.37
N ASP B 359 -13.25 6.97 -53.90
CA ASP B 359 -13.80 5.82 -53.20
C ASP B 359 -12.73 4.73 -53.09
N GLU B 360 -13.15 3.58 -52.55
CA GLU B 360 -12.21 2.50 -52.28
C GLU B 360 -11.62 1.92 -53.57
N VAL B 361 -12.44 1.77 -54.61
CA VAL B 361 -11.97 1.20 -55.86
C VAL B 361 -10.87 2.08 -56.47
N ALA B 362 -10.98 3.40 -56.30
CA ALA B 362 -9.94 4.29 -56.81
C ALA B 362 -8.66 4.14 -56.00
N LEU B 363 -8.78 3.98 -54.69
CA LEU B 363 -7.62 3.72 -53.85
C LEU B 363 -6.88 2.46 -54.32
N LEU B 364 -7.62 1.39 -54.55
CA LEU B 364 -6.99 0.11 -54.95
C LEU B 364 -6.35 0.25 -56.32
N GLN B 365 -6.90 1.09 -57.19
CA GLN B 365 -6.39 1.23 -58.57
C GLN B 365 -5.14 2.11 -58.57
N ARG B 366 -4.99 2.97 -57.56
CA ARG B 366 -3.80 3.85 -57.47
C ARG B 366 -2.65 3.04 -56.88
N PHE B 367 -2.95 2.16 -55.94
CA PHE B 367 -1.92 1.28 -55.36
C PHE B 367 -1.41 0.39 -56.49
N PHE B 368 -2.33 -0.28 -57.16
CA PHE B 368 -1.95 -1.23 -58.23
C PHE B 368 -1.21 -0.45 -59.33
N GLU B 369 -1.62 0.78 -59.59
CA GLU B 369 -0.97 1.51 -60.67
C GLU B 369 0.39 2.05 -60.25
N HIS B 370 0.51 2.52 -59.00
CA HIS B 370 1.81 2.96 -58.51
C HIS B 370 2.80 1.81 -58.44
N ILE B 371 2.31 0.60 -58.12
CA ILE B 371 3.18 -0.58 -58.13
C ILE B 371 3.69 -0.85 -59.54
N ARG B 372 2.79 -0.83 -60.52
CA ARG B 372 3.19 -1.06 -61.91
C ARG B 372 4.21 -0.02 -62.36
N ASP B 373 4.14 1.20 -61.82
CA ASP B 373 5.06 2.25 -62.22
C ASP B 373 6.47 1.99 -61.71
N VAL B 374 6.63 1.88 -60.39
CA VAL B 374 7.96 1.76 -59.81
C VAL B 374 8.58 0.39 -60.08
N ARG B 375 7.77 -0.63 -60.35
CA ARG B 375 8.23 -2.00 -60.58
C ARG B 375 9.05 -2.51 -59.40
N PRO B 376 8.43 -2.75 -58.25
CA PRO B 376 9.21 -3.18 -57.09
C PRO B 376 9.66 -4.62 -57.21
N THR B 377 10.91 -4.87 -56.84
CA THR B 377 11.44 -6.23 -56.74
C THR B 377 11.25 -6.80 -55.34
N VAL B 378 11.09 -5.95 -54.34
CA VAL B 378 10.77 -6.37 -52.98
C VAL B 378 9.58 -5.55 -52.48
N ILE B 379 8.55 -6.25 -52.00
CA ILE B 379 7.42 -5.61 -51.33
C ILE B 379 7.40 -6.14 -49.89
N SER B 380 7.52 -5.23 -48.93
CA SER B 380 7.65 -5.61 -47.52
C SER B 380 6.41 -5.18 -46.75
N THR B 381 6.03 -5.99 -45.76
CA THR B 381 4.88 -5.73 -44.91
C THR B 381 5.22 -6.12 -43.48
N PHE B 382 4.31 -5.82 -42.56
CA PHE B 382 4.34 -6.36 -41.22
C PHE B 382 3.04 -7.10 -40.97
N ASN B 383 3.13 -8.44 -40.87
CA ASN B 383 1.97 -9.32 -40.77
C ASN B 383 1.08 -9.20 -42.00
N GLY B 384 1.68 -8.92 -43.16
CA GLY B 384 0.91 -8.73 -44.37
C GLY B 384 0.33 -10.00 -44.97
N ASP B 385 0.94 -11.16 -44.67
CA ASP B 385 0.49 -12.40 -45.28
C ASP B 385 -0.92 -12.76 -44.84
N PHE B 386 -1.26 -12.51 -43.58
CA PHE B 386 -2.52 -12.97 -43.03
C PHE B 386 -3.47 -11.84 -42.64
N PHE B 387 -3.13 -10.60 -42.94
CA PHE B 387 -4.11 -9.52 -42.81
C PHE B 387 -4.09 -8.59 -44.02
N ASP B 388 -2.95 -7.94 -44.27
CA ASP B 388 -2.90 -6.85 -45.25
C ASP B 388 -3.24 -7.35 -46.66
N TRP B 389 -2.48 -8.32 -47.15
CA TRP B 389 -2.75 -8.85 -48.49
C TRP B 389 -4.13 -9.48 -48.63
N PRO B 390 -4.60 -10.35 -47.72
CA PRO B 390 -5.94 -10.92 -47.90
C PRO B 390 -7.04 -9.87 -47.93
N PHE B 391 -6.88 -8.77 -47.19
CA PHE B 391 -7.88 -7.70 -47.23
C PHE B 391 -7.93 -7.04 -48.60
N ILE B 392 -6.77 -6.58 -49.08
CA ILE B 392 -6.68 -5.95 -50.40
C ILE B 392 -7.25 -6.89 -51.46
N HIS B 393 -6.98 -8.19 -51.33
CA HIS B 393 -7.44 -9.16 -52.31
C HIS B 393 -8.96 -9.31 -52.29
N ASN B 394 -9.55 -9.35 -51.09
CA ASN B 394 -11.01 -9.49 -50.99
C ASN B 394 -11.71 -8.23 -51.48
N ARG B 395 -11.23 -7.06 -51.06
CA ARG B 395 -11.81 -5.81 -51.53
C ARG B 395 -11.67 -5.67 -53.04
N SER B 396 -10.56 -6.14 -53.60
CA SER B 396 -10.35 -6.07 -55.05
C SER B 396 -11.39 -6.90 -55.79
N LYS B 397 -11.69 -8.11 -55.28
CA LYS B 397 -12.72 -8.94 -55.89
C LYS B 397 -14.08 -8.26 -55.81
N ILE B 398 -14.41 -7.70 -54.64
CA ILE B 398 -15.71 -7.08 -54.44
C ILE B 398 -15.94 -5.96 -55.46
N HIS B 399 -14.89 -5.20 -55.77
CA HIS B 399 -14.98 -4.12 -56.74
C HIS B 399 -14.70 -4.58 -58.17
N GLY B 400 -14.72 -5.89 -58.42
CA GLY B 400 -14.52 -6.40 -59.76
C GLY B 400 -13.14 -6.16 -60.32
N LEU B 401 -12.12 -6.47 -59.52
CA LEU B 401 -10.73 -6.36 -59.96
C LEU B 401 -10.02 -7.68 -59.72
N ASP B 402 -9.09 -8.01 -60.60
CA ASP B 402 -8.28 -9.22 -60.51
C ASP B 402 -6.87 -8.82 -60.12
N MET B 403 -6.55 -8.95 -58.83
CA MET B 403 -5.26 -8.52 -58.32
C MET B 403 -4.09 -9.17 -59.06
N PHE B 404 -4.27 -10.42 -59.51
CA PHE B 404 -3.21 -11.09 -60.25
C PHE B 404 -2.95 -10.41 -61.59
N ASP B 405 -4.03 -10.06 -62.31
CA ASP B 405 -3.86 -9.29 -63.54
C ASP B 405 -3.30 -7.91 -63.25
N GLU B 406 -3.60 -7.35 -62.07
CA GLU B 406 -3.19 -5.99 -61.75
C GLU B 406 -1.70 -5.92 -61.41
N ILE B 407 -1.26 -6.72 -60.43
CA ILE B 407 0.10 -6.63 -59.92
C ILE B 407 0.80 -7.97 -59.84
N GLY B 408 0.16 -9.06 -60.25
CA GLY B 408 0.83 -10.35 -60.30
C GLY B 408 0.97 -11.06 -58.97
N PHE B 409 0.22 -10.65 -57.95
CA PHE B 409 0.26 -11.28 -56.63
C PHE B 409 -0.98 -12.13 -56.43
N ALA B 410 -0.82 -13.25 -55.72
CA ALA B 410 -1.90 -14.21 -55.55
C ALA B 410 -1.59 -15.08 -54.35
N PRO B 411 -2.61 -15.66 -53.71
CA PRO B 411 -2.34 -16.57 -52.58
C PRO B 411 -1.67 -17.85 -53.03
N ASP B 412 -0.85 -18.41 -52.15
CA ASP B 412 -0.14 -19.65 -52.43
C ASP B 412 -0.78 -20.80 -51.65
N ALA B 413 -0.17 -21.98 -51.79
CA ALA B 413 -0.71 -23.19 -51.17
C ALA B 413 -0.81 -23.09 -49.65
N GLU B 414 -0.14 -22.11 -49.05
CA GLU B 414 -0.17 -21.92 -47.60
C GLU B 414 -0.98 -20.70 -47.19
N GLY B 415 -1.64 -20.04 -48.13
CA GLY B 415 -2.37 -18.83 -47.85
C GLY B 415 -1.53 -17.56 -47.89
N GLU B 416 -0.25 -17.66 -48.21
CA GLU B 416 0.64 -16.51 -48.24
C GLU B 416 0.70 -15.94 -49.64
N TYR B 417 0.77 -14.61 -49.72
CA TYR B 417 0.71 -13.92 -51.00
C TYR B 417 2.11 -13.72 -51.57
N LYS B 418 2.30 -14.14 -52.82
CA LYS B 418 3.61 -14.16 -53.45
C LYS B 418 3.47 -13.75 -54.91
N SER B 419 4.60 -13.43 -55.52
CA SER B 419 4.66 -13.05 -56.93
C SER B 419 5.91 -13.62 -57.56
N SER B 420 5.89 -13.69 -58.90
CA SER B 420 7.04 -14.24 -59.61
C SER B 420 8.19 -13.24 -59.65
N TYR B 421 7.88 -11.96 -59.84
CA TYR B 421 8.90 -10.94 -60.04
C TYR B 421 9.30 -10.21 -58.76
N CYS B 422 8.54 -10.36 -57.68
CA CYS B 422 8.74 -9.51 -56.49
C CYS B 422 8.56 -10.36 -55.24
N SER B 423 9.64 -10.50 -54.47
CA SER B 423 9.54 -11.15 -53.17
C SER B 423 8.62 -10.37 -52.24
N HIS B 424 7.86 -11.08 -51.43
CA HIS B 424 7.06 -10.47 -50.37
C HIS B 424 7.78 -10.73 -49.05
N MET B 425 8.30 -9.67 -48.44
CA MET B 425 9.09 -9.78 -47.21
C MET B 425 8.23 -9.33 -46.04
N ASP B 426 7.60 -10.29 -45.37
CA ASP B 426 6.81 -10.01 -44.17
C ASP B 426 7.77 -9.97 -42.99
N CYS B 427 8.05 -8.75 -42.50
CA CYS B 427 9.03 -8.59 -41.43
C CYS B 427 8.63 -9.33 -40.17
N PHE B 428 7.34 -9.58 -39.98
CA PHE B 428 6.89 -10.34 -38.81
C PHE B 428 7.51 -11.74 -38.79
N ARG B 429 7.76 -12.32 -39.97
CA ARG B 429 8.41 -13.62 -40.02
C ARG B 429 9.86 -13.54 -39.53
N TRP B 430 10.55 -12.44 -39.86
CA TRP B 430 11.89 -12.23 -39.34
C TRP B 430 11.87 -12.05 -37.82
N VAL B 431 10.87 -11.32 -37.33
CA VAL B 431 10.75 -11.09 -35.89
C VAL B 431 10.55 -12.40 -35.15
N LYS B 432 9.65 -13.25 -35.66
CA LYS B 432 9.33 -14.49 -34.97
C LYS B 432 10.51 -15.45 -34.97
N ARG B 433 11.26 -15.53 -36.07
CA ARG B 433 12.27 -16.56 -36.22
C ARG B 433 13.68 -16.12 -35.84
N ASP B 434 14.10 -14.92 -36.23
CA ASP B 434 15.50 -14.53 -36.09
C ASP B 434 15.74 -13.38 -35.12
N SER B 435 14.69 -12.72 -34.62
CA SER B 435 14.91 -11.52 -33.81
C SER B 435 15.42 -11.86 -32.42
N TYR B 436 15.09 -13.04 -31.90
CA TYR B 436 15.34 -13.44 -30.52
C TYR B 436 14.59 -12.58 -29.51
N LEU B 437 13.67 -11.75 -29.98
CA LEU B 437 12.84 -10.99 -29.06
C LEU B 437 11.81 -11.91 -28.39
N PRO B 438 11.45 -11.63 -27.14
CA PRO B 438 10.35 -12.37 -26.52
C PRO B 438 9.04 -12.06 -27.22
N GLN B 439 8.09 -13.00 -27.11
CA GLN B 439 6.82 -12.86 -27.82
C GLN B 439 6.09 -11.60 -27.41
N GLY B 440 6.19 -11.22 -26.14
CA GLY B 440 5.57 -10.00 -25.67
C GLY B 440 6.08 -8.73 -26.33
N SER B 441 7.22 -8.81 -27.02
CA SER B 441 7.80 -7.66 -27.70
C SER B 441 7.88 -7.88 -29.21
N GLN B 442 6.98 -8.70 -29.75
CA GLN B 442 7.02 -9.06 -31.17
C GLN B 442 6.00 -8.28 -32.00
N GLY B 443 5.32 -7.30 -31.41
CA GLY B 443 4.56 -6.37 -32.21
C GLY B 443 5.45 -5.31 -32.84
N LEU B 444 4.91 -4.64 -33.86
CA LEU B 444 5.69 -3.62 -34.57
C LEU B 444 6.13 -2.51 -33.63
N LYS B 445 5.33 -2.20 -32.61
CA LYS B 445 5.67 -1.13 -31.68
C LYS B 445 6.97 -1.45 -30.95
N ALA B 446 7.00 -2.58 -30.23
CA ALA B 446 8.20 -2.93 -29.48
C ALA B 446 9.38 -3.20 -30.41
N VAL B 447 9.13 -3.86 -31.54
CA VAL B 447 10.21 -4.12 -32.50
C VAL B 447 10.83 -2.82 -32.97
N THR B 448 10.01 -1.80 -33.23
CA THR B 448 10.54 -0.50 -33.62
C THR B 448 11.38 0.11 -32.51
N GLN B 449 10.90 0.04 -31.27
CA GLN B 449 11.66 0.56 -30.14
C GLN B 449 12.99 -0.18 -29.99
N SER B 450 12.95 -1.51 -30.05
CA SER B 450 14.14 -2.31 -29.77
C SER B 450 15.18 -2.17 -30.87
N LYS B 451 14.76 -2.11 -32.13
CA LYS B 451 15.67 -2.21 -33.27
C LYS B 451 15.93 -0.88 -33.96
N LEU B 452 14.91 -0.01 -34.09
CA LEU B 452 15.11 1.28 -34.74
C LEU B 452 15.42 2.41 -33.76
N GLY B 453 15.12 2.22 -32.48
CA GLY B 453 15.52 3.19 -31.47
C GLY B 453 14.66 4.43 -31.38
N TYR B 454 13.34 4.26 -31.39
CA TYR B 454 12.41 5.37 -31.14
C TYR B 454 11.05 4.77 -30.86
N ASN B 455 10.11 5.65 -30.48
CA ASN B 455 8.74 5.24 -30.20
C ASN B 455 7.86 5.63 -31.38
N PRO B 456 7.24 4.68 -32.07
CA PRO B 456 6.34 5.04 -33.16
C PRO B 456 5.00 5.53 -32.65
N ILE B 457 4.26 6.19 -33.56
CA ILE B 457 2.95 6.73 -33.21
C ILE B 457 2.02 5.59 -32.81
N GLU B 458 1.29 5.77 -31.72
CA GLU B 458 0.31 4.82 -31.26
C GLU B 458 -1.09 5.40 -31.43
N LEU B 459 -2.07 4.50 -31.48
CA LEU B 459 -3.46 4.88 -31.63
C LEU B 459 -4.34 3.70 -31.24
N ASP B 460 -5.26 3.94 -30.32
CA ASP B 460 -6.18 2.89 -29.91
C ASP B 460 -6.92 2.34 -31.13
N PRO B 461 -6.98 1.02 -31.31
CA PRO B 461 -7.72 0.48 -32.45
C PRO B 461 -9.19 0.88 -32.45
N GLU B 462 -9.78 1.09 -31.27
CA GLU B 462 -11.18 1.47 -31.19
C GLU B 462 -11.44 2.89 -31.68
N LEU B 463 -10.40 3.71 -31.79
CA LEU B 463 -10.53 5.10 -32.22
C LEU B 463 -10.27 5.29 -33.70
N MET B 464 -9.76 4.27 -34.39
CA MET B 464 -9.31 4.46 -35.76
C MET B 464 -10.46 4.65 -36.73
N THR B 465 -11.55 3.91 -36.54
CA THR B 465 -12.72 4.12 -37.37
C THR B 465 -13.40 5.46 -37.05
N PRO B 466 -13.55 5.83 -35.76
CA PRO B 466 -14.05 7.19 -35.48
C PRO B 466 -13.14 8.29 -35.99
N TYR B 467 -11.82 8.16 -35.78
CA TYR B 467 -10.90 9.22 -36.17
C TYR B 467 -10.87 9.45 -37.67
N ALA B 468 -11.42 8.53 -38.46
CA ALA B 468 -11.52 8.77 -39.90
C ALA B 468 -12.32 10.03 -40.19
N PHE B 469 -13.38 10.27 -39.40
CA PHE B 469 -14.20 11.45 -39.57
C PHE B 469 -13.82 12.56 -38.61
N GLU B 470 -13.46 12.22 -37.37
CA GLU B 470 -13.25 13.23 -36.34
C GLU B 470 -11.85 13.84 -36.44
N LYS B 471 -10.80 13.02 -36.37
CA LYS B 471 -9.42 13.49 -36.44
C LYS B 471 -8.69 12.74 -37.55
N PRO B 472 -9.02 13.03 -38.82
CA PRO B 472 -8.43 12.25 -39.91
C PRO B 472 -6.93 12.42 -40.04
N GLN B 473 -6.41 13.63 -39.86
CA GLN B 473 -4.97 13.83 -39.94
C GLN B 473 -4.24 13.01 -38.88
N HIS B 474 -4.81 12.93 -37.67
CA HIS B 474 -4.21 12.10 -36.63
C HIS B 474 -4.14 10.64 -37.03
N LEU B 475 -5.20 10.13 -37.66
CA LEU B 475 -5.17 8.76 -38.17
C LEU B 475 -4.16 8.63 -39.31
N SER B 476 -3.99 9.67 -40.12
CA SER B 476 -3.02 9.64 -41.19
C SER B 476 -1.59 9.62 -40.65
N GLU B 477 -1.32 10.35 -39.57
CA GLU B 477 0.00 10.32 -38.96
C GLU B 477 0.31 8.96 -38.37
N TYR B 478 -0.70 8.21 -37.92
CA TYR B 478 -0.45 6.88 -37.37
C TYR B 478 -0.10 5.90 -38.48
N SER B 479 -0.85 5.94 -39.59
CA SER B 479 -0.58 5.02 -40.69
C SER B 479 0.82 5.19 -41.24
N VAL B 480 1.27 6.43 -41.42
CA VAL B 480 2.61 6.65 -41.96
C VAL B 480 3.68 6.20 -40.97
N SER B 481 3.36 6.20 -39.68
CA SER B 481 4.31 5.68 -38.70
C SER B 481 4.53 4.19 -38.89
N ASP B 482 3.44 3.44 -39.09
CA ASP B 482 3.57 2.02 -39.41
C ASP B 482 4.32 1.79 -40.71
N ALA B 483 4.19 2.72 -41.66
CA ALA B 483 4.88 2.58 -42.94
C ALA B 483 6.37 2.86 -42.78
N VAL B 484 6.73 3.94 -42.09
CA VAL B 484 8.14 4.26 -41.89
C VAL B 484 8.81 3.20 -41.03
N ALA B 485 8.14 2.75 -39.96
CA ALA B 485 8.71 1.69 -39.14
C ALA B 485 8.93 0.41 -39.94
N THR B 486 7.97 0.05 -40.78
CA THR B 486 8.11 -1.17 -41.58
C THR B 486 9.27 -1.05 -42.56
N TYR B 487 9.32 0.06 -43.31
CA TYR B 487 10.29 0.18 -44.39
C TYR B 487 11.72 0.16 -43.86
N TYR B 488 11.99 0.93 -42.80
CA TYR B 488 13.35 1.01 -42.29
C TYR B 488 13.72 -0.24 -41.49
N LEU B 489 12.75 -0.85 -40.80
CA LEU B 489 12.99 -2.15 -40.19
C LEU B 489 13.46 -3.16 -41.24
N TYR B 490 12.82 -3.15 -42.41
CA TYR B 490 13.24 -4.07 -43.47
C TYR B 490 14.62 -3.71 -43.99
N MET B 491 14.82 -2.44 -44.36
CA MET B 491 16.07 -2.04 -45.01
C MET B 491 17.28 -2.23 -44.10
N LYS B 492 17.11 -2.01 -42.80
CA LYS B 492 18.25 -2.08 -41.89
C LYS B 492 18.56 -3.51 -41.47
N TYR B 493 17.54 -4.31 -41.18
CA TYR B 493 17.73 -5.61 -40.56
C TYR B 493 17.39 -6.79 -41.46
N VAL B 494 16.20 -6.78 -42.07
CA VAL B 494 15.76 -7.96 -42.82
C VAL B 494 16.51 -8.09 -44.13
N HIS B 495 16.54 -7.02 -44.93
CA HIS B 495 17.11 -7.11 -46.28
C HIS B 495 18.56 -7.57 -46.29
N PRO B 496 19.48 -6.97 -45.53
CA PRO B 496 20.87 -7.48 -45.58
C PRO B 496 21.01 -8.90 -45.06
N PHE B 497 20.18 -9.29 -44.09
CA PHE B 497 20.30 -10.64 -43.52
C PHE B 497 19.82 -11.69 -44.52
N ILE B 498 18.65 -11.49 -45.11
CA ILE B 498 18.03 -12.54 -45.92
C ILE B 498 18.76 -12.69 -47.25
N PHE B 499 19.05 -11.58 -47.93
CA PHE B 499 19.70 -11.66 -49.23
C PHE B 499 21.13 -12.14 -49.13
N SER B 500 21.78 -11.92 -47.98
CA SER B 500 23.09 -12.52 -47.76
C SER B 500 22.96 -14.01 -47.46
N LEU B 501 21.97 -14.38 -46.65
CA LEU B 501 21.71 -15.79 -46.38
C LEU B 501 21.45 -16.56 -47.67
N CYS B 502 20.83 -15.90 -48.66
CA CYS B 502 20.54 -16.56 -49.92
C CYS B 502 21.81 -16.95 -50.66
N THR B 503 22.93 -16.26 -50.39
CA THR B 503 24.17 -16.56 -51.10
C THR B 503 24.75 -17.91 -50.71
N ILE B 504 24.31 -18.48 -49.58
CA ILE B 504 24.74 -19.82 -49.18
C ILE B 504 23.58 -20.80 -49.09
N ILE B 505 22.34 -20.35 -48.92
CA ILE B 505 21.19 -21.24 -48.78
C ILE B 505 20.48 -21.30 -50.13
N PRO B 506 20.32 -22.49 -50.73
CA PRO B 506 19.72 -22.61 -52.07
C PRO B 506 18.20 -22.43 -52.07
N LEU B 507 17.76 -21.24 -51.65
CA LEU B 507 16.35 -20.87 -51.67
C LEU B 507 16.25 -19.44 -52.19
N ASN B 508 15.04 -19.05 -52.57
CA ASN B 508 14.79 -17.67 -52.96
C ASN B 508 14.51 -16.85 -51.70
N PRO B 509 14.45 -15.51 -51.82
CA PRO B 509 14.18 -14.69 -50.62
C PRO B 509 12.92 -15.09 -49.86
N ASP B 510 11.80 -15.29 -50.56
CA ASP B 510 10.55 -15.63 -49.87
C ASP B 510 10.72 -16.85 -48.96
N GLU B 511 11.46 -17.86 -49.41
CA GLU B 511 11.63 -19.07 -48.63
C GLU B 511 12.74 -18.92 -47.59
N THR B 512 13.82 -18.22 -47.94
CA THR B 512 14.87 -17.96 -46.96
C THR B 512 14.34 -17.18 -45.76
N LEU B 513 13.30 -16.37 -45.98
CA LEU B 513 12.69 -15.63 -44.88
C LEU B 513 11.83 -16.51 -44.01
N ARG B 514 11.14 -17.49 -44.61
CA ARG B 514 10.01 -18.14 -43.95
C ARG B 514 10.28 -19.56 -43.47
N LYS B 515 11.18 -20.29 -44.11
CA LYS B 515 11.39 -21.69 -43.74
C LYS B 515 11.93 -21.81 -42.32
N GLY B 516 11.59 -22.92 -41.67
CA GLY B 516 12.11 -23.15 -40.33
C GLY B 516 13.62 -23.24 -40.32
N THR B 517 14.20 -22.92 -39.15
CA THR B 517 15.65 -22.97 -39.03
C THR B 517 16.17 -24.39 -39.14
N GLY B 518 15.34 -25.38 -38.81
CA GLY B 518 15.71 -26.76 -39.07
C GLY B 518 15.80 -27.07 -40.55
N THR B 519 14.89 -26.48 -41.35
CA THR B 519 14.94 -26.68 -42.79
C THR B 519 16.13 -25.97 -43.40
N LEU B 520 16.41 -24.74 -42.95
CA LEU B 520 17.60 -24.04 -43.41
C LEU B 520 18.86 -24.88 -43.16
N CYS B 521 18.97 -25.46 -41.97
CA CYS B 521 20.08 -26.35 -41.66
C CYS B 521 20.15 -27.50 -42.65
N GLU B 522 18.99 -28.12 -42.94
CA GLU B 522 18.95 -29.23 -43.89
C GLU B 522 19.45 -28.80 -45.26
N MET B 523 19.08 -27.59 -45.70
CA MET B 523 19.52 -27.12 -47.01
C MET B 523 21.04 -26.99 -47.07
N LEU B 524 21.64 -26.37 -46.06
CA LEU B 524 23.09 -26.26 -46.01
C LEU B 524 23.75 -27.64 -45.98
N LEU B 525 23.15 -28.58 -45.25
CA LEU B 525 23.71 -29.92 -45.16
C LEU B 525 23.60 -30.66 -46.47
N MET B 526 22.50 -30.46 -47.21
CA MET B 526 22.33 -31.15 -48.48
C MET B 526 23.30 -30.64 -49.54
N VAL B 527 23.69 -29.36 -49.46
CA VAL B 527 24.70 -28.84 -50.38
C VAL B 527 26.03 -29.56 -50.16
N GLN B 528 26.43 -29.69 -48.89
CA GLN B 528 27.72 -30.32 -48.58
C GLN B 528 27.72 -31.79 -48.95
N ALA B 529 26.61 -32.49 -48.75
CA ALA B 529 26.56 -33.91 -49.06
C ALA B 529 26.62 -34.15 -50.57
N TYR B 530 25.91 -33.34 -51.35
CA TYR B 530 25.93 -33.50 -52.79
C TYR B 530 27.31 -33.18 -53.36
N GLN B 531 27.95 -32.12 -52.86
CA GLN B 531 29.26 -31.73 -53.34
C GLN B 531 30.36 -32.69 -52.89
N HIS B 532 30.06 -33.61 -51.99
CA HIS B 532 30.97 -34.68 -51.60
C HIS B 532 30.50 -36.05 -52.08
N ASN B 533 29.50 -36.07 -52.97
CA ASN B 533 28.93 -37.30 -53.53
C ASN B 533 28.50 -38.28 -52.45
N ILE B 534 27.85 -37.75 -51.41
CA ILE B 534 27.23 -38.58 -50.38
C ILE B 534 25.75 -38.71 -50.69
N LEU B 535 25.24 -39.94 -50.66
CA LEU B 535 23.84 -40.18 -50.93
C LEU B 535 22.98 -39.67 -49.77
N LEU B 536 21.96 -38.89 -50.10
CA LEU B 536 21.09 -38.32 -49.07
C LEU B 536 20.30 -39.44 -48.40
N PRO B 537 20.27 -39.50 -47.07
CA PRO B 537 19.32 -40.39 -46.40
C PRO B 537 17.90 -39.88 -46.58
N ASN B 538 16.95 -40.80 -46.51
CA ASN B 538 15.55 -40.41 -46.58
C ASN B 538 15.13 -39.77 -45.26
N LYS B 539 13.97 -39.11 -45.29
CA LYS B 539 13.47 -38.43 -44.11
C LYS B 539 13.09 -39.42 -43.02
N HIS B 540 13.42 -39.08 -41.78
CA HIS B 540 13.14 -39.93 -40.63
C HIS B 540 11.63 -40.07 -40.43
N THR B 541 11.24 -41.21 -39.85
CA THR B 541 9.85 -41.48 -39.55
C THR B 541 9.75 -42.07 -38.16
N ASP B 542 8.76 -41.60 -37.39
CA ASP B 542 8.62 -42.10 -36.03
C ASP B 542 7.80 -43.38 -36.01
N PRO B 543 8.12 -44.30 -35.09
CA PRO B 543 7.23 -45.45 -34.86
C PRO B 543 5.94 -44.95 -34.28
N ILE B 544 4.82 -45.39 -34.86
CA ILE B 544 3.52 -44.97 -34.36
C ILE B 544 3.31 -45.43 -32.92
N GLU B 545 4.09 -46.44 -32.53
CA GLU B 545 3.99 -46.98 -31.17
C GLU B 545 5.37 -47.46 -30.76
N ARG B 546 5.70 -47.35 -29.47
CA ARG B 546 6.97 -47.83 -28.94
C ARG B 546 6.76 -48.31 -27.51
N PHE B 547 7.56 -49.31 -27.14
CA PHE B 547 7.40 -50.01 -25.88
C PHE B 547 8.77 -50.13 -25.20
N TYR B 548 8.74 -50.05 -23.86
CA TYR B 548 9.93 -50.20 -23.03
C TYR B 548 9.59 -51.12 -21.87
N ASP B 549 10.43 -52.14 -21.65
CA ASP B 549 10.22 -53.12 -20.56
C ASP B 549 8.78 -53.64 -20.63
N GLY B 550 8.21 -53.68 -21.83
CA GLY B 550 6.85 -54.17 -21.99
C GLY B 550 5.75 -53.13 -21.83
N HIS B 551 6.08 -51.85 -21.68
CA HIS B 551 5.09 -50.81 -21.43
C HIS B 551 5.01 -49.86 -22.61
N LEU B 552 3.80 -49.53 -23.03
CA LEU B 552 3.61 -48.53 -24.07
C LEU B 552 4.20 -47.19 -23.65
N LEU B 553 5.08 -46.64 -24.48
CA LEU B 553 5.72 -45.37 -24.19
C LEU B 553 4.86 -44.22 -24.69
N GLU B 554 4.74 -43.18 -23.86
CA GLU B 554 4.08 -41.95 -24.28
C GLU B 554 5.06 -40.96 -24.88
N SER B 555 6.26 -40.91 -24.33
CA SER B 555 7.29 -39.99 -24.79
C SER B 555 8.64 -40.52 -24.35
N GLU B 556 9.66 -40.30 -25.19
CA GLU B 556 11.02 -40.63 -24.84
C GLU B 556 11.94 -39.51 -25.33
N THR B 557 12.91 -39.14 -24.50
CA THR B 557 13.82 -38.07 -24.84
C THR B 557 15.17 -38.35 -24.16
N TYR B 558 16.03 -37.34 -24.13
CA TYR B 558 17.28 -37.35 -23.41
C TYR B 558 17.22 -36.29 -22.32
N VAL B 559 18.10 -36.41 -21.34
CA VAL B 559 18.21 -35.41 -20.29
C VAL B 559 18.95 -34.21 -20.85
N GLY B 560 18.34 -33.03 -20.74
CA GLY B 560 18.88 -31.83 -21.33
C GLY B 560 19.91 -31.12 -20.47
N GLY B 561 19.79 -29.80 -20.37
CA GLY B 561 20.76 -29.03 -19.63
C GLY B 561 20.52 -29.05 -18.13
N HIS B 562 21.59 -28.75 -17.39
CA HIS B 562 21.54 -28.67 -15.94
C HIS B 562 21.24 -27.24 -15.51
N VAL B 563 20.26 -27.07 -14.63
CA VAL B 563 19.86 -25.78 -14.11
C VAL B 563 19.84 -25.87 -12.59
N GLU B 564 20.35 -24.83 -11.92
CA GLU B 564 20.41 -24.79 -10.46
C GLU B 564 20.15 -23.38 -9.97
N SER B 565 19.16 -23.22 -9.10
CA SER B 565 19.04 -22.02 -8.27
C SER B 565 19.78 -22.30 -6.97
N LEU B 566 20.82 -21.53 -6.70
CA LEU B 566 21.69 -21.77 -5.56
C LEU B 566 21.55 -20.74 -4.45
N GLU B 567 21.18 -19.51 -4.77
CA GLU B 567 21.05 -18.47 -3.77
C GLU B 567 20.10 -17.40 -4.31
N ALA B 568 19.34 -16.81 -3.39
CA ALA B 568 18.43 -15.72 -3.70
C ALA B 568 18.84 -14.49 -2.92
N GLY B 569 18.19 -13.38 -3.22
CA GLY B 569 18.38 -12.14 -2.49
C GLY B 569 19.07 -11.08 -3.32
N VAL B 570 19.52 -10.02 -2.63
CA VAL B 570 20.15 -8.87 -3.25
C VAL B 570 21.66 -9.00 -3.12
N PHE B 571 22.37 -8.69 -4.21
CA PHE B 571 23.82 -8.68 -4.23
C PHE B 571 24.26 -7.43 -4.97
N ARG B 572 25.09 -6.63 -4.32
CA ARG B 572 25.40 -5.29 -4.82
C ARG B 572 26.88 -5.00 -4.69
N SER B 573 27.37 -4.08 -5.53
CA SER B 573 28.78 -3.71 -5.50
C SER B 573 29.17 -3.06 -4.18
N ASP B 574 28.24 -2.36 -3.53
CA ASP B 574 28.55 -1.57 -2.34
C ASP B 574 28.09 -2.22 -1.04
N LEU B 575 27.55 -3.44 -1.09
CA LEU B 575 27.16 -4.16 0.10
C LEU B 575 28.05 -5.40 0.26
N LYS B 576 28.63 -5.57 1.44
CA LYS B 576 29.61 -6.61 1.68
C LYS B 576 28.94 -7.98 1.80
N ASN B 577 29.70 -9.02 1.46
CA ASN B 577 29.24 -10.39 1.51
C ASN B 577 30.28 -11.25 2.21
N GLU B 578 29.81 -12.38 2.76
CA GLU B 578 30.66 -13.31 3.49
C GLU B 578 31.10 -14.44 2.57
N PHE B 579 32.41 -14.71 2.53
CA PHE B 579 32.99 -15.75 1.72
C PHE B 579 33.79 -16.71 2.59
N LYS B 580 33.75 -17.99 2.24
CA LYS B 580 34.47 -19.05 2.96
C LYS B 580 35.32 -19.80 1.93
N ILE B 581 36.42 -19.17 1.52
CA ILE B 581 37.28 -19.74 0.48
C ILE B 581 37.93 -21.02 1.00
N ASP B 582 37.95 -22.05 0.16
CA ASP B 582 38.65 -23.29 0.48
C ASP B 582 40.12 -23.09 0.10
N PRO B 583 41.03 -22.98 1.06
CA PRO B 583 42.46 -22.79 0.71
C PRO B 583 43.03 -23.92 -0.13
N SER B 584 42.55 -25.15 0.06
CA SER B 584 42.97 -26.26 -0.79
C SER B 584 42.82 -25.91 -2.26
N ALA B 585 41.73 -25.24 -2.63
CA ALA B 585 41.51 -24.87 -4.02
C ALA B 585 42.54 -23.84 -4.48
N ILE B 586 42.84 -22.84 -3.65
CA ILE B 586 43.88 -21.87 -3.99
C ILE B 586 45.20 -22.57 -4.24
N ASP B 587 45.42 -23.71 -3.58
CA ASP B 587 46.59 -24.53 -3.87
C ASP B 587 46.48 -25.19 -5.24
N GLU B 588 45.32 -25.81 -5.53
CA GLU B 588 45.10 -26.43 -6.83
C GLU B 588 45.34 -25.43 -7.96
N LEU B 589 44.77 -24.23 -7.82
CA LEU B 589 44.98 -23.11 -8.71
C LEU B 589 46.44 -22.55 -8.62
N LEU B 590 47.27 -23.16 -7.77
CA LEU B 590 48.68 -22.83 -7.63
C LEU B 590 49.58 -23.64 -8.58
N GLN B 591 49.48 -24.97 -8.58
CA GLN B 591 50.23 -25.77 -9.55
C GLN B 591 49.78 -25.45 -10.99
N GLU B 592 48.75 -24.62 -11.14
CA GLU B 592 48.10 -24.36 -12.41
C GLU B 592 48.39 -22.98 -13.00
N LEU B 593 48.49 -21.94 -12.17
CA LEU B 593 48.74 -20.57 -12.62
C LEU B 593 49.72 -20.48 -13.77
N PRO B 594 50.89 -21.19 -13.76
CA PRO B 594 51.82 -21.06 -14.90
C PRO B 594 51.33 -21.63 -16.23
N GLU B 595 51.08 -22.95 -16.27
CA GLU B 595 50.63 -23.59 -17.49
C GLU B 595 49.38 -22.91 -18.04
N ALA B 596 48.51 -22.43 -17.15
CA ALA B 596 47.28 -21.76 -17.57
C ALA B 596 47.56 -20.36 -18.10
N LEU B 597 48.28 -19.55 -17.33
CA LEU B 597 48.57 -18.18 -17.74
C LEU B 597 49.31 -18.12 -19.09
N LYS B 598 49.84 -19.25 -19.56
CA LYS B 598 50.33 -19.41 -20.92
C LYS B 598 49.23 -19.82 -21.90
N PHE B 599 48.36 -20.75 -21.51
CA PHE B 599 47.18 -21.09 -22.31
C PHE B 599 46.41 -19.84 -22.70
N SER B 600 46.22 -18.92 -21.76
CA SER B 600 45.62 -17.63 -22.09
C SER B 600 46.38 -16.87 -23.14
N VAL B 601 47.66 -17.17 -23.32
CA VAL B 601 48.49 -16.48 -24.28
C VAL B 601 48.59 -17.25 -25.60
N GLU B 602 48.89 -18.54 -25.52
CA GLU B 602 49.11 -19.39 -26.70
C GLU B 602 47.89 -20.18 -27.13
N VAL B 603 46.74 -19.96 -26.49
CA VAL B 603 45.51 -20.64 -26.91
C VAL B 603 44.37 -19.63 -27.01
N GLU B 604 44.20 -18.81 -25.98
CA GLU B 604 43.08 -17.86 -25.93
C GLU B 604 43.38 -16.61 -26.72
N ASN B 605 44.48 -15.92 -26.38
CA ASN B 605 44.88 -14.71 -27.06
C ASN B 605 45.78 -14.98 -28.26
N LYS B 606 46.20 -16.23 -28.43
CA LYS B 606 46.82 -16.74 -29.66
C LYS B 606 48.18 -16.07 -29.93
N SER B 607 49.12 -16.30 -29.03
CA SER B 607 50.45 -15.69 -29.05
C SER B 607 51.36 -16.42 -28.07
N SER B 608 52.55 -15.90 -27.92
CA SER B 608 53.49 -16.54 -27.02
C SER B 608 54.12 -15.51 -26.10
N VAL B 609 54.79 -16.01 -25.07
CA VAL B 609 55.46 -15.17 -24.10
C VAL B 609 56.60 -14.40 -24.74
N ASP B 610 57.08 -14.84 -25.90
CA ASP B 610 58.23 -14.21 -26.55
C ASP B 610 58.06 -12.70 -26.68
N LYS B 611 56.87 -12.26 -27.09
CA LYS B 611 56.57 -10.84 -27.24
C LYS B 611 55.94 -10.25 -25.98
N VAL B 612 55.82 -11.04 -24.91
CA VAL B 612 55.22 -10.55 -23.67
C VAL B 612 56.26 -9.77 -22.89
N THR B 613 55.88 -8.58 -22.43
CA THR B 613 56.77 -7.76 -21.61
C THR B 613 56.36 -7.71 -20.15
N ASN B 614 55.39 -8.51 -19.73
CA ASN B 614 54.94 -8.45 -18.34
C ASN B 614 54.29 -9.77 -17.92
N PHE B 615 54.94 -10.89 -18.22
CA PHE B 615 54.40 -12.17 -17.77
C PHE B 615 54.41 -12.24 -16.25
N GLU B 616 55.59 -12.10 -15.64
CA GLU B 616 55.72 -12.25 -14.20
C GLU B 616 54.98 -11.16 -13.44
N GLU B 617 55.17 -9.90 -13.86
CA GLU B 617 54.53 -8.75 -13.23
C GLU B 617 53.05 -8.99 -13.00
N ILE B 618 52.40 -9.67 -13.94
CA ILE B 618 51.01 -10.06 -13.77
C ILE B 618 50.90 -11.34 -12.94
N LYS B 619 51.74 -12.33 -13.24
CA LYS B 619 51.82 -13.52 -12.40
C LYS B 619 52.13 -13.14 -10.96
N ASN B 620 52.86 -12.04 -10.76
CA ASN B 620 53.10 -11.49 -9.43
C ASN B 620 51.81 -10.98 -8.82
N GLN B 621 51.22 -9.94 -9.43
CA GLN B 621 50.02 -9.28 -8.93
C GLN B 621 48.94 -10.28 -8.52
N ILE B 622 48.79 -11.36 -9.29
CA ILE B 622 47.81 -12.39 -8.96
C ILE B 622 48.27 -13.20 -7.76
N THR B 623 49.52 -13.66 -7.79
CA THR B 623 50.02 -14.55 -6.74
C THR B 623 49.88 -13.91 -5.37
N GLN B 624 50.13 -12.60 -5.27
CA GLN B 624 49.90 -11.89 -4.02
C GLN B 624 48.42 -11.94 -3.64
N LYS B 625 47.54 -11.66 -4.60
CA LYS B 625 46.11 -11.73 -4.34
C LYS B 625 45.68 -13.16 -4.01
N LEU B 626 46.30 -14.14 -4.67
CA LEU B 626 45.96 -15.54 -4.40
C LEU B 626 46.35 -15.95 -2.98
N LEU B 627 47.54 -15.56 -2.54
CA LEU B 627 48.04 -16.03 -1.25
C LEU B 627 47.32 -15.36 -0.08
N GLU B 628 46.99 -14.06 -0.22
CA GLU B 628 46.21 -13.39 0.81
C GLU B 628 44.90 -14.12 1.07
N LEU B 629 44.31 -14.70 0.03
CA LEU B 629 43.11 -15.50 0.23
C LEU B 629 43.43 -16.91 0.73
N LYS B 630 44.65 -17.39 0.49
CA LYS B 630 45.08 -18.64 1.14
C LYS B 630 45.26 -18.44 2.64
N GLU B 631 45.64 -17.25 3.07
CA GLU B 631 45.82 -16.98 4.49
C GLU B 631 44.49 -16.64 5.16
N ASN B 632 43.88 -15.52 4.76
CA ASN B 632 42.61 -15.08 5.33
C ASN B 632 41.49 -15.72 4.54
N ASN B 633 41.11 -16.93 4.92
CA ASN B 633 40.10 -17.68 4.18
C ASN B 633 38.71 -17.13 4.46
N ILE B 634 38.44 -16.72 5.68
CA ILE B 634 37.15 -16.15 6.06
C ILE B 634 37.22 -14.64 5.81
N ARG B 635 36.33 -14.15 4.94
CA ARG B 635 36.35 -12.76 4.53
C ARG B 635 34.92 -12.23 4.41
N ASN B 636 34.74 -10.96 4.78
CA ASN B 636 33.45 -10.27 4.72
C ASN B 636 33.67 -8.95 3.99
N GLU B 637 33.74 -9.00 2.67
CA GLU B 637 34.10 -7.85 1.85
C GLU B 637 33.10 -7.67 0.72
N LEU B 638 33.35 -6.68 -0.13
CA LEU B 638 32.49 -6.41 -1.25
C LEU B 638 32.62 -7.51 -2.30
N PRO B 639 31.60 -7.69 -3.15
CA PRO B 639 31.66 -8.77 -4.13
C PRO B 639 31.98 -8.31 -5.54
N LEU B 640 32.26 -9.27 -6.41
CA LEU B 640 32.40 -9.04 -7.84
C LEU B 640 31.33 -9.88 -8.54
N ILE B 641 30.30 -9.21 -9.05
CA ILE B 641 29.17 -9.91 -9.66
C ILE B 641 29.57 -10.25 -11.09
N TYR B 642 29.90 -11.52 -11.32
CA TYR B 642 30.43 -11.98 -12.59
C TYR B 642 29.54 -13.08 -13.18
N HIS B 643 29.49 -13.12 -14.51
CA HIS B 643 28.77 -14.15 -15.24
C HIS B 643 29.73 -14.77 -16.25
N VAL B 644 29.77 -16.11 -16.28
CA VAL B 644 30.60 -16.85 -17.21
C VAL B 644 29.71 -17.83 -17.97
N ASP B 645 29.85 -17.82 -19.31
CA ASP B 645 29.04 -18.71 -20.17
C ASP B 645 29.90 -19.21 -21.33
N VAL B 646 29.77 -20.48 -21.65
CA VAL B 646 30.49 -21.05 -22.79
C VAL B 646 29.95 -20.46 -24.07
N ALA B 647 30.85 -20.01 -24.94
CA ALA B 647 30.46 -19.44 -26.23
C ALA B 647 30.12 -20.55 -27.21
N SER B 648 28.94 -20.45 -27.82
CA SER B 648 28.41 -21.47 -28.73
C SER B 648 28.58 -22.87 -28.13
N GLY B 649 28.00 -23.03 -26.94
CA GLY B 649 28.21 -24.21 -26.12
C GLY B 649 27.97 -25.54 -26.80
N TYR B 650 26.70 -25.84 -27.09
CA TYR B 650 26.37 -27.11 -27.74
C TYR B 650 27.06 -27.27 -29.09
N PRO B 651 27.11 -26.28 -29.98
CA PRO B 651 27.88 -26.47 -31.22
C PRO B 651 29.34 -26.83 -30.97
N ASN B 652 30.02 -26.10 -30.09
CA ASN B 652 31.43 -26.37 -29.86
C ASN B 652 31.64 -27.70 -29.14
N ILE B 653 30.66 -28.15 -28.34
CA ILE B 653 30.71 -29.50 -27.80
C ILE B 653 30.61 -30.52 -28.93
N MET B 654 29.79 -30.23 -29.93
CA MET B 654 29.59 -31.15 -31.04
C MET B 654 30.85 -31.25 -31.91
N THR B 655 31.43 -30.10 -32.25
CA THR B 655 32.60 -30.12 -33.14
C THR B 655 33.87 -30.53 -32.40
N THR B 656 33.96 -30.26 -31.10
CA THR B 656 35.13 -30.72 -30.34
C THR B 656 35.19 -32.23 -30.29
N ASN B 657 34.06 -32.89 -30.04
CA ASN B 657 34.01 -34.33 -29.92
C ASN B 657 33.66 -35.03 -31.24
N ARG B 658 33.72 -34.31 -32.36
CA ARG B 658 33.38 -34.88 -33.69
C ARG B 658 32.05 -35.60 -33.62
N LEU B 659 30.99 -34.90 -33.24
CA LEU B 659 29.67 -35.50 -33.05
C LEU B 659 28.80 -35.18 -34.26
N GLN B 660 28.28 -36.23 -34.89
CA GLN B 660 27.35 -36.09 -36.00
C GLN B 660 26.57 -37.40 -36.11
N PRO B 661 25.34 -37.36 -36.64
CA PRO B 661 24.51 -38.58 -36.66
C PRO B 661 25.19 -39.79 -37.28
N ASP B 662 25.83 -39.63 -38.44
CA ASP B 662 26.49 -40.75 -39.08
C ASP B 662 27.69 -41.27 -38.28
N SER B 663 28.18 -40.50 -37.30
CA SER B 663 29.29 -40.94 -36.49
C SER B 663 28.86 -41.85 -35.35
N ILE B 664 27.58 -41.84 -34.98
CA ILE B 664 27.08 -42.72 -33.92
C ILE B 664 27.00 -44.13 -34.49
N LYS B 665 27.83 -45.02 -33.96
CA LYS B 665 27.96 -46.38 -34.48
C LYS B 665 27.44 -47.40 -33.46
N ALA B 666 26.94 -48.51 -33.98
CA ALA B 666 26.34 -49.56 -33.17
C ALA B 666 27.39 -50.63 -32.84
N GLU B 667 26.92 -51.78 -32.33
CA GLU B 667 27.81 -52.85 -31.89
C GLU B 667 28.77 -53.29 -32.99
N ARG B 668 28.32 -53.28 -34.24
CA ARG B 668 29.18 -53.61 -35.36
C ARG B 668 29.83 -52.34 -35.92
N ASP B 669 31.07 -52.49 -36.39
CA ASP B 669 31.91 -51.47 -36.99
C ASP B 669 32.63 -50.62 -35.95
N CYS B 670 33.39 -49.62 -36.42
CA CYS B 670 34.27 -48.83 -35.56
C CYS B 670 33.70 -47.45 -35.24
N THR B 681 40.74 -47.10 -29.81
CA THR B 681 41.19 -46.45 -31.03
C THR B 681 40.02 -46.26 -32.02
N CYS B 682 40.04 -45.17 -32.78
CA CYS B 682 38.98 -44.88 -33.73
C CYS B 682 37.69 -44.47 -33.01
N ALA B 683 37.28 -45.24 -32.00
CA ALA B 683 35.99 -45.04 -31.35
C ALA B 683 36.07 -44.31 -30.01
N ARG B 684 35.40 -43.16 -29.93
CA ARG B 684 35.30 -42.37 -28.71
C ARG B 684 33.94 -42.64 -28.09
N LYS B 685 33.93 -43.37 -26.99
CA LYS B 685 32.69 -43.73 -26.31
C LYS B 685 32.24 -42.60 -25.40
N LEU B 686 31.00 -42.17 -25.56
CA LEU B 686 30.45 -41.04 -24.81
C LEU B 686 29.09 -41.41 -24.24
N LYS B 687 28.80 -40.84 -23.07
CA LYS B 687 27.59 -41.17 -22.33
C LYS B 687 26.51 -40.11 -22.52
N TRP B 688 25.26 -40.56 -22.56
CA TRP B 688 24.10 -39.69 -22.51
C TRP B 688 23.08 -40.32 -21.57
N ALA B 689 21.97 -39.62 -21.35
CA ALA B 689 20.95 -40.06 -20.41
C ALA B 689 19.62 -40.12 -21.13
N TRP B 690 19.13 -41.35 -21.36
CA TRP B 690 17.80 -41.56 -21.91
C TRP B 690 16.76 -41.38 -20.82
N ARG B 691 15.55 -40.98 -21.21
CA ARG B 691 14.45 -40.86 -20.27
C ARG B 691 13.14 -41.11 -21.01
N GLY B 692 12.44 -42.17 -20.60
CA GLY B 692 11.18 -42.54 -21.19
C GLY B 692 10.04 -42.35 -20.21
N GLU B 693 8.85 -42.09 -20.75
CA GLU B 693 7.65 -41.85 -19.97
C GLU B 693 6.60 -42.84 -20.47
N PHE B 694 6.26 -43.84 -19.66
CA PHE B 694 5.45 -44.97 -20.10
C PHE B 694 4.27 -45.18 -19.16
N PHE B 695 3.29 -45.91 -19.66
CA PHE B 695 2.15 -46.31 -18.84
C PHE B 695 2.56 -47.40 -17.85
N PRO B 696 1.91 -47.48 -16.69
CA PRO B 696 2.20 -48.59 -15.77
C PRO B 696 1.72 -49.93 -16.29
N SER B 697 0.76 -49.93 -17.22
CA SER B 697 0.23 -51.17 -17.77
C SER B 697 1.31 -51.95 -18.48
N LYS B 698 1.06 -53.24 -18.64
CA LYS B 698 1.95 -54.13 -19.38
C LYS B 698 1.20 -54.68 -20.58
N MET B 699 1.95 -55.34 -21.48
CA MET B 699 1.37 -55.86 -22.72
C MET B 699 0.13 -56.71 -22.43
N ASP B 700 0.19 -57.52 -21.37
CA ASP B 700 -0.96 -58.33 -20.98
C ASP B 700 -2.21 -57.49 -20.85
N GLU B 701 -2.15 -56.45 -20.00
CA GLU B 701 -3.28 -55.52 -19.89
C GLU B 701 -3.57 -54.87 -21.23
N TYR B 702 -2.52 -54.43 -21.93
CA TYR B 702 -2.67 -53.74 -23.21
C TYR B 702 -3.39 -54.62 -24.22
N ASN B 703 -2.87 -55.83 -24.47
CA ASN B 703 -3.50 -56.75 -25.42
C ASN B 703 -4.96 -56.98 -25.06
N MET B 704 -5.25 -57.14 -23.77
CA MET B 704 -6.63 -57.31 -23.33
C MET B 704 -7.44 -56.05 -23.61
N ILE B 705 -6.92 -54.89 -23.23
CA ILE B 705 -7.62 -53.63 -23.47
C ILE B 705 -7.89 -53.45 -24.95
N LYS B 706 -6.96 -53.89 -25.80
CA LYS B 706 -7.17 -53.80 -27.23
C LYS B 706 -8.30 -54.73 -27.68
N ARG B 707 -8.25 -56.00 -27.25
CA ARG B 707 -9.30 -56.96 -27.55
C ARG B 707 -10.67 -56.38 -27.30
N ALA B 708 -10.83 -55.67 -26.17
CA ALA B 708 -12.08 -54.98 -25.87
C ALA B 708 -12.46 -54.02 -26.98
N LEU B 709 -11.54 -53.11 -27.32
CA LEU B 709 -11.82 -52.10 -28.35
C LEU B 709 -12.24 -52.74 -29.67
N GLN B 710 -11.74 -53.94 -29.97
CA GLN B 710 -12.11 -54.61 -31.21
C GLN B 710 -13.59 -54.94 -31.25
N ASN B 711 -14.20 -55.24 -30.10
CA ASN B 711 -15.62 -55.57 -30.06
C ASN B 711 -16.51 -54.36 -30.22
N GLU B 712 -15.99 -53.16 -29.97
CA GLU B 712 -16.79 -51.95 -30.08
C GLU B 712 -16.90 -51.50 -31.53
N THR B 713 -17.78 -50.53 -31.77
CA THR B 713 -17.97 -49.95 -33.09
C THR B 713 -17.69 -48.45 -33.03
N PHE B 714 -17.36 -47.89 -34.19
CA PHE B 714 -16.93 -46.51 -34.30
C PHE B 714 -17.56 -45.88 -35.53
N PRO B 715 -17.79 -44.57 -35.52
CA PRO B 715 -18.51 -43.94 -36.63
C PRO B 715 -17.66 -43.79 -37.89
N ASN B 716 -18.34 -43.81 -39.03
CA ASN B 716 -17.71 -43.56 -40.33
C ASN B 716 -17.46 -42.07 -40.49
N LYS B 717 -16.19 -41.68 -40.44
CA LYS B 717 -15.85 -40.26 -40.60
C LYS B 717 -16.30 -39.74 -41.96
N ASN B 718 -16.21 -40.57 -43.00
CA ASN B 718 -16.67 -40.20 -44.34
C ASN B 718 -18.19 -40.32 -44.35
N LYS B 719 -18.86 -39.23 -43.94
CA LYS B 719 -20.32 -39.21 -43.93
C LYS B 719 -20.91 -39.32 -45.32
N PHE B 720 -20.11 -39.18 -46.38
CA PHE B 720 -20.63 -39.32 -47.74
C PHE B 720 -21.10 -40.74 -48.03
N SER B 721 -20.54 -41.73 -47.34
CA SER B 721 -20.90 -43.12 -47.58
C SER B 721 -22.08 -43.54 -46.73
N LYS B 722 -22.91 -44.43 -47.29
CA LYS B 722 -24.05 -44.97 -46.56
C LYS B 722 -23.63 -45.90 -45.43
N LYS B 723 -22.35 -46.26 -45.36
CA LYS B 723 -21.83 -46.96 -44.18
C LYS B 723 -21.57 -45.95 -43.09
N LYS B 724 -22.07 -46.23 -41.88
CA LYS B 724 -21.93 -45.32 -40.76
C LYS B 724 -21.20 -45.94 -39.56
N VAL B 725 -20.96 -47.24 -39.58
CA VAL B 725 -20.35 -47.95 -38.45
C VAL B 725 -19.16 -48.74 -38.95
N LEU B 726 -18.04 -48.67 -38.23
CA LEU B 726 -16.80 -49.36 -38.67
C LEU B 726 -16.19 -50.14 -37.51
N THR B 727 -15.25 -51.05 -37.81
CA THR B 727 -14.57 -51.84 -36.76
C THR B 727 -13.20 -51.23 -36.48
N PHE B 728 -12.69 -51.42 -35.26
CA PHE B 728 -11.34 -50.92 -34.90
C PHE B 728 -10.37 -51.25 -36.02
N ASP B 729 -10.38 -52.50 -36.49
CA ASP B 729 -9.41 -52.89 -37.50
C ASP B 729 -9.68 -52.26 -38.86
N GLU B 730 -10.92 -51.87 -39.14
CA GLU B 730 -11.22 -51.09 -40.34
C GLU B 730 -10.68 -49.67 -40.25
N LEU B 731 -10.36 -49.19 -39.05
CA LEU B 731 -9.90 -47.83 -38.85
C LEU B 731 -8.41 -47.73 -39.17
N SER B 732 -7.86 -46.53 -39.04
CA SER B 732 -6.45 -46.31 -39.26
C SER B 732 -5.67 -46.76 -38.04
N TYR B 733 -4.46 -47.30 -38.28
CA TYR B 733 -3.57 -47.66 -37.18
C TYR B 733 -3.34 -46.47 -36.25
N ALA B 734 -3.39 -45.25 -36.78
CA ALA B 734 -3.22 -44.06 -35.96
C ALA B 734 -4.44 -43.80 -35.08
N ASP B 735 -5.60 -43.61 -35.70
CA ASP B 735 -6.82 -43.44 -34.91
C ASP B 735 -7.01 -44.62 -33.95
N GLN B 736 -6.45 -45.78 -34.29
CA GLN B 736 -6.46 -46.92 -33.38
C GLN B 736 -5.64 -46.64 -32.13
N VAL B 737 -4.36 -46.27 -32.29
CA VAL B 737 -3.51 -46.06 -31.13
C VAL B 737 -4.04 -44.92 -30.27
N ILE B 738 -4.72 -43.96 -30.91
CA ILE B 738 -5.43 -42.92 -30.15
C ILE B 738 -6.44 -43.56 -29.20
N HIS B 739 -7.33 -44.40 -29.75
CA HIS B 739 -8.31 -45.09 -28.91
C HIS B 739 -7.63 -45.92 -27.84
N ILE B 740 -6.58 -46.65 -28.22
CA ILE B 740 -5.85 -47.46 -27.25
C ILE B 740 -5.29 -46.59 -26.14
N LYS B 741 -4.82 -45.39 -26.48
CA LYS B 741 -4.22 -44.51 -25.48
C LYS B 741 -5.24 -44.11 -24.42
N LYS B 742 -6.43 -43.68 -24.85
CA LYS B 742 -7.45 -43.25 -23.90
C LYS B 742 -7.86 -44.39 -22.97
N ARG B 743 -8.17 -45.56 -23.54
CA ARG B 743 -8.58 -46.69 -22.73
C ARG B 743 -7.45 -47.18 -21.83
N LEU B 744 -6.20 -47.05 -22.29
CA LEU B 744 -5.07 -47.41 -21.43
C LEU B 744 -4.87 -46.38 -20.33
N THR B 745 -5.16 -45.11 -20.61
CA THR B 745 -5.10 -44.09 -19.56
C THR B 745 -6.13 -44.37 -18.47
N GLU B 746 -7.32 -44.81 -18.87
CA GLU B 746 -8.37 -45.09 -17.89
C GLU B 746 -8.01 -46.29 -17.02
N TYR B 747 -7.65 -47.42 -17.66
CA TYR B 747 -7.32 -48.63 -16.91
C TYR B 747 -6.20 -48.38 -15.92
N SER B 748 -5.18 -47.64 -16.33
CA SER B 748 -4.01 -47.44 -15.47
C SER B 748 -4.37 -46.64 -14.23
N ARG B 749 -5.26 -45.66 -14.36
CA ARG B 749 -5.66 -44.87 -13.19
C ARG B 749 -6.44 -45.73 -12.18
N LYS B 750 -7.10 -46.78 -12.64
CA LYS B 750 -7.91 -47.59 -11.74
C LYS B 750 -7.09 -48.67 -11.06
N VAL B 751 -6.21 -49.34 -11.81
CA VAL B 751 -5.44 -50.45 -11.26
C VAL B 751 -4.15 -49.96 -10.60
N TYR B 752 -3.50 -48.95 -11.18
CA TYR B 752 -2.23 -48.47 -10.68
C TYR B 752 -2.28 -47.10 -10.01
N HIS B 753 -3.36 -46.35 -10.20
CA HIS B 753 -3.50 -44.98 -9.71
C HIS B 753 -2.43 -44.05 -10.26
N ARG B 754 -1.79 -44.45 -11.37
CA ARG B 754 -0.78 -43.64 -12.04
C ARG B 754 -1.00 -43.75 -13.55
N VAL B 755 -0.58 -42.72 -14.29
CA VAL B 755 -0.72 -42.77 -15.77
C VAL B 755 0.67 -42.82 -16.43
N LYS B 756 1.63 -42.03 -15.93
CA LYS B 756 2.98 -41.97 -16.56
C LYS B 756 4.06 -42.40 -15.57
N VAL B 757 4.97 -43.27 -16.00
CA VAL B 757 6.12 -43.68 -15.13
C VAL B 757 7.40 -43.21 -15.82
N SER B 758 8.15 -42.34 -15.17
CA SER B 758 9.40 -41.84 -15.75
C SER B 758 10.57 -42.70 -15.28
N GLU B 759 11.58 -42.81 -16.14
CA GLU B 759 12.76 -43.61 -15.84
C GLU B 759 13.94 -43.03 -16.62
N ILE B 760 15.09 -42.96 -15.97
CA ILE B 760 16.30 -42.41 -16.57
C ILE B 760 17.32 -43.54 -16.67
N VAL B 761 17.70 -43.88 -17.90
CA VAL B 761 18.68 -44.91 -18.18
C VAL B 761 19.95 -44.26 -18.72
N GLU B 762 21.07 -44.48 -18.05
CA GLU B 762 22.35 -43.99 -18.54
C GLU B 762 22.83 -44.88 -19.68
N ARG B 763 22.98 -44.31 -20.86
CA ARG B 763 23.40 -45.05 -22.04
C ARG B 763 24.74 -44.55 -22.53
N GLU B 764 25.40 -45.36 -23.36
CA GLU B 764 26.69 -45.01 -23.93
C GLU B 764 26.70 -45.36 -25.41
N ALA B 765 27.23 -44.45 -26.22
CA ALA B 765 27.26 -44.63 -27.66
C ALA B 765 28.69 -44.48 -28.18
N ILE B 766 28.97 -45.16 -29.28
CA ILE B 766 30.27 -45.09 -29.94
C ILE B 766 30.24 -43.94 -30.94
N VAL B 767 31.24 -43.06 -30.85
CA VAL B 767 31.36 -41.96 -31.80
C VAL B 767 32.61 -42.15 -32.64
N CYS B 768 32.46 -42.75 -33.81
CA CYS B 768 33.57 -42.98 -34.71
C CYS B 768 34.22 -41.65 -35.09
N GLN B 769 35.54 -41.57 -34.96
CA GLN B 769 36.27 -40.33 -35.16
C GLN B 769 36.88 -40.19 -36.55
N ARG B 770 36.62 -41.12 -37.47
CA ARG B 770 37.09 -40.98 -38.84
C ARG B 770 35.96 -40.99 -39.87
N GLU B 771 34.71 -40.89 -39.43
CA GLU B 771 33.59 -40.85 -40.35
C GLU B 771 33.61 -39.56 -41.17
N ASN B 772 33.06 -39.61 -42.37
CA ASN B 772 32.98 -38.44 -43.25
C ASN B 772 32.38 -37.24 -42.51
N PRO B 773 33.20 -36.20 -42.20
CA PRO B 773 32.77 -35.12 -41.32
C PRO B 773 32.06 -33.97 -42.04
N PHE B 774 31.14 -34.30 -42.96
CA PHE B 774 30.44 -33.25 -43.68
C PHE B 774 29.47 -32.50 -42.77
N TYR B 775 28.86 -33.21 -41.82
CA TYR B 775 28.02 -32.55 -40.83
C TYR B 775 28.86 -31.70 -39.89
N VAL B 776 29.90 -32.31 -39.30
CA VAL B 776 30.77 -31.60 -38.36
C VAL B 776 31.36 -30.35 -39.00
N ASP B 777 31.80 -30.46 -40.25
CA ASP B 777 32.40 -29.31 -40.93
C ASP B 777 31.37 -28.24 -41.25
N THR B 778 30.13 -28.65 -41.57
CA THR B 778 29.08 -27.66 -41.79
C THR B 778 28.81 -26.85 -40.52
N VAL B 779 28.79 -27.52 -39.37
CA VAL B 779 28.59 -26.83 -38.10
C VAL B 779 29.78 -25.92 -37.81
N LYS B 780 30.99 -26.45 -37.94
CA LYS B 780 32.19 -25.64 -37.76
C LYS B 780 32.15 -24.38 -38.61
N SER B 781 31.77 -24.53 -39.89
CA SER B 781 31.73 -23.39 -40.79
C SER B 781 30.71 -22.35 -40.34
N PHE B 782 29.52 -22.79 -39.93
CA PHE B 782 28.51 -21.82 -39.52
C PHE B 782 28.87 -21.17 -38.18
N ARG B 783 29.53 -21.90 -37.29
CA ARG B 783 30.03 -21.28 -36.06
C ARG B 783 30.96 -20.13 -36.39
N ASP B 784 31.94 -20.37 -37.28
CA ASP B 784 32.85 -19.32 -37.69
C ASP B 784 32.11 -18.20 -38.42
N ARG B 785 31.02 -18.54 -39.13
CA ARG B 785 30.18 -17.52 -39.72
C ARG B 785 29.55 -16.63 -38.64
N ARG B 786 29.08 -17.23 -37.55
CA ARG B 786 28.50 -16.45 -36.47
C ARG B 786 29.58 -15.68 -35.70
N TYR B 787 30.70 -16.35 -35.39
CA TYR B 787 31.75 -15.72 -34.58
C TYR B 787 32.20 -14.39 -35.16
N GLU B 788 32.20 -14.26 -36.48
CA GLU B 788 32.60 -13.00 -37.11
C GLU B 788 31.72 -11.85 -36.64
N PHE B 789 30.40 -12.06 -36.63
CA PHE B 789 29.48 -11.00 -36.21
C PHE B 789 29.47 -10.82 -34.70
N LYS B 790 29.64 -11.91 -33.93
CA LYS B 790 29.76 -11.77 -32.49
C LYS B 790 31.03 -11.00 -32.13
N GLY B 791 32.11 -11.19 -32.88
CA GLY B 791 33.32 -10.43 -32.63
C GLY B 791 33.16 -8.97 -33.00
N LEU B 792 32.57 -8.70 -34.17
CA LEU B 792 32.29 -7.31 -34.56
C LEU B 792 31.37 -6.63 -33.55
N ALA B 793 30.44 -7.39 -32.96
CA ALA B 793 29.63 -6.82 -31.88
C ALA B 793 30.48 -6.52 -30.65
N LYS B 794 31.45 -7.39 -30.35
CA LYS B 794 32.34 -7.13 -29.23
C LYS B 794 33.32 -5.99 -29.54
N THR B 795 33.79 -5.93 -30.78
CA THR B 795 34.77 -4.90 -31.16
C THR B 795 34.17 -3.50 -31.02
N TRP B 796 32.95 -3.31 -31.52
CA TRP B 796 32.33 -1.98 -31.48
C TRP B 796 31.84 -1.64 -30.08
N LYS B 797 31.55 -2.62 -29.24
CA LYS B 797 31.24 -2.34 -27.84
C LYS B 797 32.40 -1.64 -27.16
N GLY B 798 33.62 -2.06 -27.45
CA GLY B 798 34.81 -1.42 -26.92
C GLY B 798 35.09 -0.11 -27.64
N ASN B 799 34.85 -0.07 -28.95
CA ASN B 799 34.97 1.19 -29.67
C ASN B 799 34.13 2.27 -28.98
N LEU B 800 32.84 2.01 -28.77
CA LEU B 800 31.96 2.95 -28.09
C LEU B 800 32.55 3.40 -26.75
N SER B 801 33.07 2.46 -25.96
CA SER B 801 33.68 2.81 -24.69
C SER B 801 34.87 3.74 -24.85
N LYS B 802 35.40 3.88 -26.07
CA LYS B 802 36.58 4.69 -26.33
C LYS B 802 36.25 5.98 -27.08
N ILE B 803 34.98 6.39 -27.12
CA ILE B 803 34.58 7.69 -27.65
C ILE B 803 34.15 8.57 -26.48
N ASP B 804 34.67 9.78 -26.44
CA ASP B 804 34.26 10.75 -25.43
C ASP B 804 32.77 11.02 -25.56
N PRO B 805 32.01 11.00 -24.46
CA PRO B 805 30.55 11.20 -24.54
C PRO B 805 30.13 12.45 -25.30
N SER B 806 31.06 13.40 -25.45
CA SER B 806 30.73 14.68 -26.07
C SER B 806 30.32 14.53 -27.52
N ASP B 807 30.91 13.60 -28.26
CA ASP B 807 30.63 13.46 -29.69
C ASP B 807 29.43 12.54 -29.87
N LYS B 808 28.26 13.15 -30.11
CA LYS B 808 27.02 12.38 -30.26
C LYS B 808 27.10 11.43 -31.45
N HIS B 809 27.37 11.97 -32.64
CA HIS B 809 27.34 11.17 -33.86
C HIS B 809 28.26 9.96 -33.76
N ALA B 810 29.48 10.16 -33.26
CA ALA B 810 30.40 9.03 -33.08
C ALA B 810 29.78 7.99 -32.16
N ARG B 811 29.26 8.41 -31.01
CA ARG B 811 28.63 7.47 -30.09
C ARG B 811 27.39 6.83 -30.72
N ASP B 812 26.58 7.63 -31.42
CA ASP B 812 25.34 7.12 -32.00
C ASP B 812 25.62 6.13 -33.12
N GLU B 813 26.45 6.53 -34.10
CA GLU B 813 26.75 5.65 -35.22
C GLU B 813 27.45 4.38 -34.76
N ALA B 814 28.24 4.46 -33.69
CA ALA B 814 28.82 3.25 -33.11
C ALA B 814 27.74 2.38 -32.48
N LYS B 815 26.84 3.00 -31.71
CA LYS B 815 25.72 2.27 -31.12
C LYS B 815 24.91 1.56 -32.19
N LYS B 816 24.71 2.21 -33.35
CA LYS B 816 24.00 1.58 -34.45
C LYS B 816 24.71 0.32 -34.92
N MET B 817 26.04 0.32 -34.91
CA MET B 817 26.80 -0.86 -35.32
C MET B 817 26.58 -2.01 -34.36
N ILE B 818 26.58 -1.73 -33.05
CA ILE B 818 26.44 -2.79 -32.06
C ILE B 818 25.09 -3.48 -32.19
N VAL B 819 24.02 -2.70 -32.40
CA VAL B 819 22.70 -3.30 -32.58
C VAL B 819 22.66 -4.17 -33.82
N LEU B 820 23.24 -3.68 -34.92
CA LEU B 820 23.22 -4.43 -36.17
C LEU B 820 23.98 -5.73 -36.04
N TYR B 821 25.22 -5.67 -35.52
CA TYR B 821 26.04 -6.88 -35.42
C TYR B 821 25.51 -7.83 -34.35
N ASP B 822 24.91 -7.29 -33.28
CA ASP B 822 24.26 -8.16 -32.29
C ASP B 822 23.08 -8.88 -32.89
N SER B 823 22.28 -8.18 -33.71
CA SER B 823 21.15 -8.83 -34.36
C SER B 823 21.62 -9.84 -35.40
N LEU B 824 22.75 -9.57 -36.07
CA LEU B 824 23.25 -10.49 -37.07
C LEU B 824 23.81 -11.76 -36.43
N GLN B 825 24.51 -11.63 -35.31
CA GLN B 825 25.04 -12.81 -34.63
C GLN B 825 23.91 -13.63 -34.01
N LEU B 826 22.88 -12.97 -33.48
CA LEU B 826 21.76 -13.69 -32.88
C LEU B 826 20.97 -14.45 -33.92
N ALA B 827 20.75 -13.85 -35.09
CA ALA B 827 20.07 -14.55 -36.16
C ALA B 827 20.87 -15.76 -36.63
N HIS B 828 22.20 -15.64 -36.65
CA HIS B 828 23.05 -16.80 -36.91
C HIS B 828 23.09 -17.75 -35.73
N LYS B 829 22.77 -17.27 -34.52
CA LYS B 829 22.72 -18.14 -33.35
C LYS B 829 21.59 -19.15 -33.48
N VAL B 830 20.42 -18.72 -33.96
CA VAL B 830 19.30 -19.65 -34.13
C VAL B 830 19.68 -20.78 -35.06
N ILE B 831 20.14 -20.43 -36.27
CA ILE B 831 20.47 -21.45 -37.27
C ILE B 831 21.62 -22.32 -36.79
N LEU B 832 22.61 -21.73 -36.13
CA LEU B 832 23.74 -22.50 -35.63
C LEU B 832 23.27 -23.54 -34.60
N ASN B 833 22.50 -23.10 -33.61
CA ASN B 833 22.00 -24.04 -32.60
C ASN B 833 20.98 -25.01 -33.18
N SER B 834 20.33 -24.66 -34.28
CA SER B 834 19.43 -25.60 -34.93
C SER B 834 20.17 -26.79 -35.51
N PHE B 835 21.48 -26.68 -35.73
CA PHE B 835 22.27 -27.84 -36.12
C PHE B 835 22.29 -28.89 -35.02
N TYR B 836 22.14 -28.46 -33.76
CA TYR B 836 21.98 -29.40 -32.66
C TYR B 836 20.58 -29.99 -32.64
N GLY B 837 19.56 -29.12 -32.78
CA GLY B 837 18.19 -29.61 -32.71
C GLY B 837 17.79 -30.46 -33.89
N TYR B 838 18.44 -30.25 -35.05
CA TYR B 838 17.98 -30.92 -36.27
C TYR B 838 18.06 -32.44 -36.15
N VAL B 839 18.93 -32.97 -35.29
CA VAL B 839 19.13 -34.40 -35.20
C VAL B 839 17.96 -35.04 -34.45
N MET B 840 17.07 -34.20 -33.93
CA MET B 840 15.85 -34.67 -33.28
C MET B 840 14.60 -34.17 -34.00
N ARG B 841 14.74 -33.59 -35.18
CA ARG B 841 13.62 -33.01 -35.90
C ARG B 841 12.81 -34.09 -36.58
N LYS B 842 11.49 -33.87 -36.64
CA LYS B 842 10.62 -34.77 -37.38
C LYS B 842 10.88 -34.60 -38.88
N GLY B 843 11.14 -35.72 -39.55
CA GLY B 843 11.54 -35.67 -40.94
C GLY B 843 12.99 -35.35 -41.18
N SER B 844 13.82 -35.37 -40.14
CA SER B 844 15.24 -35.10 -40.28
C SER B 844 15.91 -36.16 -41.14
N ARG B 845 16.71 -35.72 -42.11
CA ARG B 845 17.51 -36.64 -42.91
C ARG B 845 18.70 -37.19 -42.14
N TRP B 846 18.97 -36.68 -40.93
CA TRP B 846 20.11 -37.09 -40.12
C TRP B 846 19.68 -37.09 -38.65
N TYR B 847 18.82 -38.05 -38.30
CA TYR B 847 18.28 -38.17 -36.95
C TYR B 847 19.24 -38.95 -36.06
N SER B 848 19.42 -38.46 -34.83
CA SER B 848 20.24 -39.15 -33.85
C SER B 848 19.89 -38.62 -32.47
N MET B 849 19.11 -39.40 -31.71
CA MET B 849 18.89 -39.05 -30.30
C MET B 849 20.17 -39.20 -29.50
N GLU B 850 21.02 -40.16 -29.86
CA GLU B 850 22.26 -40.38 -29.14
C GLU B 850 23.16 -39.14 -29.18
N MET B 851 23.31 -38.53 -30.36
CA MET B 851 24.20 -37.38 -30.49
C MET B 851 23.70 -36.20 -29.67
N ALA B 852 22.39 -35.93 -29.73
CA ALA B 852 21.83 -34.81 -28.97
C ALA B 852 22.00 -35.03 -27.47
N GLY B 853 21.71 -36.24 -26.99
CA GLY B 853 21.90 -36.53 -25.58
C GLY B 853 23.35 -36.39 -25.14
N ILE B 854 24.28 -36.88 -25.95
CA ILE B 854 25.70 -36.81 -25.60
C ILE B 854 26.15 -35.35 -25.49
N THR B 855 25.69 -34.51 -26.43
CA THR B 855 26.01 -33.09 -26.35
C THR B 855 25.48 -32.47 -25.06
N CYS B 856 24.28 -32.86 -24.64
CA CYS B 856 23.68 -32.28 -23.45
C CYS B 856 24.39 -32.72 -22.18
N LEU B 857 24.71 -34.01 -22.07
CA LEU B 857 25.34 -34.52 -20.85
C LEU B 857 26.76 -33.97 -20.68
N THR B 858 27.48 -33.76 -21.78
CA THR B 858 28.84 -33.22 -21.67
C THR B 858 28.82 -31.79 -21.15
N GLY B 859 27.83 -31.00 -21.56
CA GLY B 859 27.72 -29.65 -21.05
C GLY B 859 27.39 -29.60 -19.57
N ALA B 860 26.50 -30.49 -19.12
CA ALA B 860 26.21 -30.58 -17.69
C ALA B 860 27.45 -31.00 -16.91
N THR B 861 28.24 -31.92 -17.46
CA THR B 861 29.48 -32.32 -16.81
C THR B 861 30.48 -31.17 -16.77
N ILE B 862 30.49 -30.32 -17.81
CA ILE B 862 31.44 -29.22 -17.87
C ILE B 862 31.04 -28.12 -16.89
N ILE B 863 29.76 -27.74 -16.91
CA ILE B 863 29.31 -26.63 -16.07
C ILE B 863 29.41 -26.98 -14.59
N GLN B 864 29.27 -28.26 -14.24
CA GLN B 864 29.31 -28.65 -12.85
C GLN B 864 30.74 -28.66 -12.32
N MET B 865 31.69 -29.09 -13.15
CA MET B 865 33.10 -28.93 -12.79
C MET B 865 33.43 -27.47 -12.54
N ALA B 866 32.81 -26.56 -13.30
CA ALA B 866 33.05 -25.13 -13.10
C ALA B 866 32.42 -24.64 -11.79
N ARG B 867 31.21 -25.09 -11.50
CA ARG B 867 30.57 -24.71 -10.21
C ARG B 867 31.45 -25.24 -9.08
N ALA B 868 31.79 -26.53 -9.15
CA ALA B 868 32.60 -27.15 -8.11
C ALA B 868 33.83 -26.31 -7.78
N LEU B 869 34.38 -25.61 -8.77
CA LEU B 869 35.47 -24.70 -8.47
C LEU B 869 34.95 -23.41 -7.83
N VAL B 870 33.97 -22.77 -8.46
CA VAL B 870 33.46 -21.49 -7.96
C VAL B 870 32.96 -21.63 -6.52
N GLU B 871 32.30 -22.74 -6.21
CA GLU B 871 31.87 -22.98 -4.84
C GLU B 871 33.03 -22.90 -3.86
N ARG B 872 34.18 -23.46 -4.22
CA ARG B 872 35.33 -23.50 -3.34
C ARG B 872 36.09 -22.18 -3.27
N VAL B 873 35.75 -21.21 -4.12
CA VAL B 873 36.53 -19.98 -4.17
C VAL B 873 35.59 -18.78 -4.18
N GLY B 874 34.31 -19.03 -4.41
CA GLY B 874 33.32 -17.98 -4.35
C GLY B 874 31.96 -18.51 -4.01
N ARG B 875 30.94 -17.73 -4.34
CA ARG B 875 29.54 -18.11 -4.10
C ARG B 875 28.77 -18.09 -5.41
N PRO B 876 28.57 -19.23 -6.06
CA PRO B 876 27.67 -19.26 -7.23
C PRO B 876 26.24 -18.99 -6.82
N LEU B 877 25.53 -18.23 -7.65
CA LEU B 877 24.16 -17.84 -7.37
C LEU B 877 23.13 -18.59 -8.22
N GLU B 878 23.31 -18.59 -9.54
CA GLU B 878 22.41 -19.29 -10.45
C GLU B 878 23.21 -19.91 -11.58
N LEU B 879 22.68 -21.00 -12.13
CA LEU B 879 23.39 -21.80 -13.13
C LEU B 879 22.38 -22.36 -14.11
N ASP B 880 22.67 -22.22 -15.41
CA ASP B 880 21.74 -22.70 -16.44
C ASP B 880 22.50 -23.20 -17.67
N THR B 881 22.61 -24.53 -17.78
CA THR B 881 23.05 -25.23 -18.99
C THR B 881 24.53 -25.05 -19.28
N ASP B 882 24.97 -23.81 -19.50
CA ASP B 882 26.38 -23.57 -19.80
C ASP B 882 26.86 -22.25 -19.22
N GLY B 883 26.09 -21.63 -18.32
CA GLY B 883 26.49 -20.38 -17.71
C GLY B 883 26.32 -20.44 -16.20
N ILE B 884 27.06 -19.57 -15.53
CA ILE B 884 27.01 -19.46 -14.07
C ILE B 884 27.04 -17.99 -13.69
N TRP B 885 26.11 -17.57 -12.84
CA TRP B 885 26.16 -16.29 -12.16
C TRP B 885 26.76 -16.49 -10.79
N CYS B 886 27.69 -15.61 -10.40
CA CYS B 886 28.39 -15.80 -9.14
C CYS B 886 28.89 -14.46 -8.62
N ILE B 887 29.20 -14.45 -7.33
CA ILE B 887 29.94 -13.37 -6.69
C ILE B 887 31.29 -13.92 -6.28
N LEU B 888 32.33 -13.11 -6.47
CA LEU B 888 33.68 -13.42 -6.05
C LEU B 888 34.16 -12.37 -5.08
N PRO B 889 35.13 -12.69 -4.23
CA PRO B 889 35.71 -11.66 -3.36
C PRO B 889 36.26 -10.51 -4.19
N LYS B 890 35.99 -9.28 -3.74
CA LYS B 890 36.52 -8.10 -4.42
C LYS B 890 38.03 -8.14 -4.54
N SER B 891 38.71 -9.01 -3.80
CA SER B 891 40.16 -9.16 -3.83
C SER B 891 40.59 -10.44 -4.52
N PHE B 892 39.70 -11.07 -5.28
CA PHE B 892 40.12 -12.22 -6.07
C PHE B 892 40.80 -11.74 -7.36
N PRO B 893 41.73 -12.52 -7.91
CA PRO B 893 42.32 -12.18 -9.21
C PRO B 893 41.27 -11.79 -10.24
N GLU B 894 41.46 -10.64 -10.89
CA GLU B 894 40.40 -10.13 -11.76
C GLU B 894 40.81 -10.03 -13.22
N THR B 895 41.21 -8.84 -13.67
CA THR B 895 41.62 -8.68 -15.06
C THR B 895 42.91 -7.86 -15.14
N TYR B 896 43.83 -8.32 -15.98
CA TYR B 896 45.15 -7.72 -16.15
C TYR B 896 45.56 -7.88 -17.61
N PHE B 897 45.97 -6.77 -18.22
CA PHE B 897 46.25 -6.75 -19.65
C PHE B 897 47.76 -6.92 -19.87
N PHE B 898 48.14 -8.06 -20.42
CA PHE B 898 49.53 -8.32 -20.81
C PHE B 898 49.97 -7.31 -21.86
N THR B 899 51.26 -6.97 -21.89
CA THR B 899 51.76 -5.97 -22.84
C THR B 899 52.59 -6.64 -23.93
N LEU B 900 52.36 -6.21 -25.17
CA LEU B 900 52.89 -6.86 -26.35
C LEU B 900 53.79 -5.87 -27.07
N GLU B 901 55.04 -6.29 -27.33
CA GLU B 901 56.09 -5.37 -27.80
C GLU B 901 55.66 -4.55 -29.01
N ASN B 902 54.78 -5.10 -29.85
CA ASN B 902 54.23 -4.30 -30.95
C ASN B 902 53.54 -3.05 -30.44
N GLY B 903 53.19 -3.00 -29.15
CA GLY B 903 52.52 -1.88 -28.54
C GLY B 903 51.16 -2.24 -27.97
N LYS B 904 50.50 -3.23 -28.56
CA LYS B 904 49.17 -3.64 -28.15
C LYS B 904 49.26 -4.48 -26.88
N LYS B 905 48.15 -5.10 -26.51
CA LYS B 905 48.03 -5.74 -25.21
C LYS B 905 47.01 -6.87 -25.27
N LEU B 906 47.37 -8.01 -24.70
CA LEU B 906 46.47 -9.14 -24.54
C LEU B 906 45.72 -9.00 -23.22
N TYR B 907 44.63 -9.76 -23.06
CA TYR B 907 43.78 -9.58 -21.86
C TYR B 907 43.55 -10.90 -21.15
N LEU B 908 43.59 -10.88 -19.82
CA LEU B 908 43.43 -12.13 -19.04
C LEU B 908 42.37 -11.93 -17.97
N SER B 909 41.45 -12.89 -17.85
CA SER B 909 40.47 -12.85 -16.74
C SER B 909 40.70 -14.13 -15.96
N TYR B 910 41.64 -14.11 -15.01
CA TYR B 910 41.99 -15.38 -14.32
C TYR B 910 40.70 -16.14 -14.08
N PRO B 911 39.62 -15.51 -13.58
CA PRO B 911 38.36 -16.21 -13.41
C PRO B 911 38.04 -17.08 -14.63
N CYS B 912 38.14 -16.52 -15.84
CA CYS B 912 37.85 -17.28 -17.07
C CYS B 912 38.94 -18.32 -17.31
N SER B 913 40.17 -17.88 -17.52
CA SER B 913 41.29 -18.80 -17.81
C SER B 913 41.41 -19.87 -16.73
N MET B 914 41.05 -19.56 -15.49
CA MET B 914 41.01 -20.61 -14.46
C MET B 914 40.26 -21.81 -14.99
N LEU B 915 39.02 -21.58 -15.37
CA LEU B 915 38.14 -22.65 -15.81
C LEU B 915 38.52 -23.13 -17.21
N ASN B 916 38.69 -22.18 -18.14
CA ASN B 916 38.99 -22.54 -19.52
C ASN B 916 40.20 -23.46 -19.63
N TYR B 917 41.24 -23.21 -18.83
CA TYR B 917 42.34 -24.15 -18.75
C TYR B 917 41.86 -25.51 -18.26
N ARG B 918 41.09 -25.53 -17.17
CA ARG B 918 40.63 -26.79 -16.60
C ARG B 918 39.64 -27.50 -17.50
N VAL B 919 38.93 -26.79 -18.37
CA VAL B 919 38.10 -27.45 -19.38
C VAL B 919 39.00 -28.11 -20.44
N HIS B 920 39.98 -27.36 -20.93
CA HIS B 920 40.91 -27.87 -21.93
C HIS B 920 41.88 -28.91 -21.38
N GLN B 921 41.79 -29.23 -20.09
CA GLN B 921 42.60 -30.28 -19.49
C GLN B 921 41.82 -31.55 -19.23
N LYS B 922 40.49 -31.50 -19.16
CA LYS B 922 39.69 -32.67 -18.87
C LYS B 922 38.65 -32.99 -19.93
N PHE B 923 38.39 -32.08 -20.88
CA PHE B 923 37.31 -32.26 -21.86
C PHE B 923 37.80 -31.98 -23.27
N THR B 924 38.96 -32.50 -23.63
CA THR B 924 39.54 -32.30 -24.95
C THR B 924 39.58 -33.62 -25.69
N ASN B 925 39.19 -33.60 -26.97
CA ASN B 925 39.26 -34.78 -27.81
C ASN B 925 40.67 -34.94 -28.35
N HIS B 926 41.41 -35.92 -27.82
CA HIS B 926 42.70 -36.31 -28.37
C HIS B 926 42.58 -37.45 -29.38
N GLN B 927 41.36 -37.89 -29.69
CA GLN B 927 41.12 -38.93 -30.67
C GLN B 927 40.58 -38.37 -31.99
N TYR B 928 40.75 -37.07 -32.22
CA TYR B 928 40.18 -36.42 -33.40
C TYR B 928 41.01 -36.77 -34.64
N GLN B 929 40.37 -37.40 -35.62
CA GLN B 929 41.05 -37.83 -36.83
C GLN B 929 40.49 -37.10 -38.05
N GLU B 930 41.36 -36.91 -39.04
CA GLU B 930 40.97 -36.36 -40.33
C GLU B 930 41.82 -37.01 -41.41
N LEU B 931 41.30 -37.01 -42.63
CA LEU B 931 42.03 -37.57 -43.76
C LEU B 931 43.26 -36.72 -44.06
N LYS B 932 44.42 -37.36 -44.08
CA LYS B 932 45.67 -36.72 -44.50
C LYS B 932 46.00 -37.01 -45.96
N ASP B 933 45.79 -38.25 -46.40
CA ASP B 933 46.07 -38.68 -47.76
C ASP B 933 44.79 -39.30 -48.31
N PRO B 934 43.93 -38.51 -48.95
CA PRO B 934 42.66 -39.06 -49.45
C PRO B 934 42.82 -40.12 -50.51
N LEU B 935 43.89 -40.04 -51.30
CA LEU B 935 44.10 -41.05 -52.35
C LEU B 935 44.47 -42.41 -51.75
N ASN B 936 45.18 -42.42 -50.62
CA ASN B 936 45.63 -43.65 -49.99
C ASN B 936 44.91 -43.94 -48.69
N TYR B 937 43.90 -43.15 -48.33
CA TYR B 937 43.05 -43.39 -47.17
C TYR B 937 43.89 -43.46 -45.89
N ILE B 938 44.70 -42.43 -45.68
CA ILE B 938 45.63 -42.34 -44.56
C ILE B 938 45.17 -41.23 -43.64
N TYR B 939 44.80 -41.59 -42.41
CA TYR B 939 44.31 -40.65 -41.42
C TYR B 939 45.41 -40.27 -40.44
N GLU B 940 45.18 -39.17 -39.73
CA GLU B 940 46.05 -38.72 -38.66
C GLU B 940 45.20 -38.28 -37.48
N THR B 941 45.67 -38.59 -36.27
CA THR B 941 44.96 -38.26 -35.05
C THR B 941 45.60 -37.02 -34.41
N HIS B 942 44.76 -36.19 -33.78
CA HIS B 942 45.25 -34.97 -33.14
C HIS B 942 44.23 -34.54 -32.09
N SER B 943 44.51 -33.40 -31.47
CA SER B 943 43.76 -32.91 -30.31
C SER B 943 42.88 -31.74 -30.72
N GLU B 944 41.62 -31.76 -30.28
CA GLU B 944 40.66 -30.72 -30.61
C GLU B 944 39.83 -30.38 -29.39
N ASN B 945 39.67 -29.07 -29.13
CA ASN B 945 38.78 -28.58 -28.10
C ASN B 945 38.53 -27.11 -28.38
N THR B 946 37.26 -26.74 -28.56
CA THR B 946 36.88 -25.36 -28.84
C THR B 946 35.89 -24.83 -27.81
N ILE B 947 35.93 -25.40 -26.61
CA ILE B 947 35.04 -25.00 -25.51
C ILE B 947 35.75 -23.94 -24.68
N PHE B 948 35.19 -22.73 -24.67
CA PHE B 948 35.77 -21.60 -23.95
C PHE B 948 34.67 -20.85 -23.23
N PHE B 949 34.85 -20.63 -21.92
CA PHE B 949 33.97 -19.72 -21.20
C PHE B 949 34.27 -18.28 -21.60
N GLU B 950 33.27 -17.42 -21.44
CA GLU B 950 33.37 -16.00 -21.70
C GLU B 950 32.82 -15.27 -20.48
N VAL B 951 33.28 -14.03 -20.27
CA VAL B 951 33.03 -13.33 -19.03
C VAL B 951 32.19 -12.08 -19.30
N ASP B 952 31.21 -11.85 -18.44
CA ASP B 952 30.42 -10.63 -18.41
C ASP B 952 30.91 -9.76 -17.26
N GLY B 953 31.29 -8.51 -17.58
CA GLY B 953 31.99 -7.64 -16.66
C GLY B 953 31.26 -7.37 -15.37
N PRO B 954 32.03 -7.02 -14.32
CA PRO B 954 31.46 -6.87 -12.97
C PRO B 954 30.26 -5.93 -12.94
N TYR B 955 29.18 -6.39 -12.33
CA TYR B 955 27.91 -5.67 -12.37
C TYR B 955 27.63 -5.00 -11.03
N LYS B 956 26.75 -3.99 -11.09
CA LYS B 956 26.41 -3.22 -9.90
C LYS B 956 25.48 -3.99 -8.98
N ALA B 957 24.54 -4.75 -9.52
CA ALA B 957 23.58 -5.46 -8.70
C ALA B 957 23.05 -6.69 -9.43
N MET B 958 22.63 -7.68 -8.64
CA MET B 958 21.88 -8.82 -9.14
C MET B 958 20.86 -9.22 -8.08
N ILE B 959 19.61 -9.36 -8.50
CA ILE B 959 18.50 -9.63 -7.59
C ILE B 959 17.84 -10.94 -8.04
N LEU B 960 17.87 -11.94 -7.17
CA LEU B 960 17.31 -13.25 -7.46
C LEU B 960 16.10 -13.51 -6.58
N PRO B 961 14.98 -13.94 -7.14
CA PRO B 961 13.81 -14.25 -6.31
C PRO B 961 13.93 -15.62 -5.67
N SER B 962 12.97 -15.92 -4.80
CA SER B 962 12.95 -17.20 -4.09
C SER B 962 11.54 -17.78 -4.13
N SER B 963 11.46 -19.10 -3.92
CA SER B 963 10.20 -19.80 -3.99
C SER B 963 9.36 -19.53 -2.75
N LYS B 964 8.03 -19.64 -2.92
CA LYS B 964 7.14 -19.60 -1.77
C LYS B 964 7.21 -20.87 -0.96
N GLU B 965 7.52 -22.00 -1.61
CA GLU B 965 7.63 -23.28 -0.92
C GLU B 965 9.02 -23.44 -0.32
N GLU B 966 9.10 -24.25 0.73
CA GLU B 966 10.34 -24.40 1.47
C GLU B 966 11.35 -25.25 0.69
N GLY B 967 12.62 -24.87 0.79
CA GLY B 967 13.69 -25.63 0.18
C GLY B 967 13.90 -25.32 -1.28
N LYS B 968 12.81 -25.20 -2.03
CA LYS B 968 12.91 -24.92 -3.46
C LYS B 968 13.37 -23.49 -3.69
N GLY B 969 13.93 -23.27 -4.87
CA GLY B 969 14.28 -21.92 -5.31
C GLY B 969 13.53 -21.56 -6.57
N ILE B 970 13.95 -20.50 -7.25
CA ILE B 970 13.37 -20.10 -8.52
C ILE B 970 14.49 -19.99 -9.53
N LYS B 971 14.42 -20.77 -10.60
CA LYS B 971 15.39 -20.75 -11.67
C LYS B 971 14.88 -19.89 -12.82
N LYS B 972 15.82 -19.52 -13.70
CA LYS B 972 15.53 -18.82 -14.95
C LYS B 972 14.82 -17.48 -14.72
N ARG B 973 14.99 -16.88 -13.54
CA ARG B 973 14.40 -15.58 -13.23
C ARG B 973 15.37 -14.81 -12.36
N TYR B 974 15.66 -13.57 -12.75
CA TYR B 974 16.53 -12.66 -12.02
C TYR B 974 16.59 -11.34 -12.79
N ALA B 975 17.23 -10.35 -12.17
CA ALA B 975 17.49 -9.06 -12.81
C ALA B 975 18.89 -8.62 -12.45
N VAL B 976 19.63 -8.12 -13.43
CA VAL B 976 21.01 -7.69 -13.25
C VAL B 976 21.13 -6.24 -13.72
N PHE B 977 21.88 -5.44 -12.98
CA PHE B 977 22.07 -4.03 -13.27
C PHE B 977 23.56 -3.73 -13.48
N ASN B 978 23.83 -2.75 -14.33
CA ASN B 978 25.20 -2.34 -14.63
C ASN B 978 25.65 -1.23 -13.70
N GLU B 979 26.95 -0.94 -13.75
CA GLU B 979 27.53 0.10 -12.89
C GLU B 979 26.85 1.45 -13.09
N ASP B 980 26.40 1.73 -14.31
CA ASP B 980 25.63 2.95 -14.55
C ASP B 980 24.19 2.84 -14.07
N GLY B 981 23.82 1.74 -13.44
CA GLY B 981 22.44 1.54 -13.05
C GLY B 981 21.50 1.21 -14.19
N SER B 982 22.00 1.09 -15.41
CA SER B 982 21.19 0.56 -16.49
C SER B 982 20.88 -0.90 -16.24
N LEU B 983 19.69 -1.33 -16.63
CA LEU B 983 19.33 -2.74 -16.52
C LEU B 983 20.08 -3.53 -17.57
N ALA B 984 20.85 -4.53 -17.14
CA ALA B 984 21.60 -5.36 -18.06
C ALA B 984 20.80 -6.56 -18.52
N GLU B 985 20.25 -7.33 -17.59
CA GLU B 985 19.49 -8.53 -17.90
C GLU B 985 18.23 -8.58 -17.05
N LEU B 986 17.12 -8.90 -17.69
CA LEU B 986 15.85 -9.16 -17.02
C LEU B 986 15.29 -10.45 -17.59
N LYS B 987 15.32 -11.53 -16.81
CA LYS B 987 15.04 -12.86 -17.31
C LYS B 987 13.83 -13.45 -16.62
N GLY B 988 12.91 -14.01 -17.42
CA GLY B 988 11.83 -14.82 -16.90
C GLY B 988 10.61 -14.08 -16.39
N PHE B 989 10.84 -12.95 -15.71
CA PHE B 989 9.77 -12.29 -14.98
C PHE B 989 8.62 -11.89 -15.91
N GLU B 990 7.42 -11.78 -15.33
CA GLU B 990 6.21 -11.54 -16.10
C GLU B 990 6.26 -10.23 -16.88
N LEU B 991 7.11 -9.30 -16.47
CA LEU B 991 7.23 -8.02 -17.19
C LEU B 991 7.60 -8.23 -18.65
N LYS B 992 8.39 -9.25 -18.95
CA LYS B 992 8.81 -9.52 -20.33
C LYS B 992 7.95 -10.57 -21.02
N ARG B 993 7.15 -11.33 -20.27
CA ARG B 993 6.31 -12.36 -20.87
C ARG B 993 5.07 -11.75 -21.50
N ARG B 994 4.60 -12.37 -22.58
CA ARG B 994 3.40 -11.87 -23.26
C ARG B 994 2.19 -12.05 -22.35
N GLY B 995 1.40 -10.98 -22.23
CA GLY B 995 0.22 -11.04 -21.40
C GLY B 995 0.58 -10.87 -19.94
N GLU B 996 0.13 -11.83 -19.12
CA GLU B 996 0.28 -11.78 -17.66
C GLU B 996 -0.50 -10.60 -17.08
N LEU B 997 -0.77 -10.64 -15.78
CA LEU B 997 -1.53 -9.57 -15.14
C LEU B 997 -0.73 -8.27 -15.17
N GLN B 998 -1.33 -7.22 -15.73
CA GLN B 998 -0.62 -5.95 -15.88
C GLN B 998 -0.16 -5.40 -14.54
N LEU B 999 -0.93 -5.64 -13.47
CA LEU B 999 -0.54 -5.18 -12.15
C LEU B 999 0.84 -5.72 -11.76
N ILE B 1000 1.06 -7.02 -11.96
CA ILE B 1000 2.35 -7.63 -11.62
C ILE B 1000 3.44 -7.04 -12.50
N LYS B 1001 3.13 -6.78 -13.77
CA LYS B 1001 4.13 -6.21 -14.68
C LYS B 1001 4.55 -4.81 -14.24
N ASN B 1002 3.58 -3.92 -14.04
CA ASN B 1002 3.90 -2.56 -13.63
C ASN B 1002 4.59 -2.54 -12.27
N PHE B 1003 4.17 -3.44 -11.37
CA PHE B 1003 4.87 -3.57 -10.09
C PHE B 1003 6.33 -3.98 -10.30
N GLN B 1004 6.56 -4.98 -11.15
CA GLN B 1004 7.93 -5.42 -11.42
C GLN B 1004 8.72 -4.34 -12.13
N SER B 1005 8.08 -3.60 -13.05
CA SER B 1005 8.78 -2.49 -13.71
C SER B 1005 9.15 -1.39 -12.72
N ASP B 1006 8.38 -1.26 -11.63
CA ASP B 1006 8.67 -0.24 -10.63
C ASP B 1006 9.77 -0.66 -9.68
N ILE B 1007 9.80 -1.93 -9.27
CA ILE B 1007 10.54 -2.32 -8.08
C ILE B 1007 12.01 -2.63 -8.34
N PHE B 1008 12.36 -3.16 -9.51
CA PHE B 1008 13.69 -3.72 -9.69
C PHE B 1008 14.77 -2.65 -9.62
N LYS B 1009 14.51 -1.47 -10.19
CA LYS B 1009 15.48 -0.39 -10.10
C LYS B 1009 15.64 0.10 -8.66
N VAL B 1010 14.58 0.01 -7.86
CA VAL B 1010 14.63 0.48 -6.48
C VAL B 1010 15.58 -0.36 -5.63
N PHE B 1011 15.91 -1.58 -6.07
CA PHE B 1011 16.92 -2.37 -5.36
C PHE B 1011 18.29 -1.73 -5.39
N LEU B 1012 18.50 -0.71 -6.22
CA LEU B 1012 19.77 0.02 -6.23
C LEU B 1012 19.85 1.05 -5.11
N GLU B 1013 18.73 1.44 -4.52
CA GLU B 1013 18.72 2.44 -3.47
C GLU B 1013 19.07 1.80 -2.13
N GLY B 1014 19.32 2.66 -1.15
CA GLY B 1014 19.72 2.22 0.18
C GLY B 1014 21.23 2.21 0.35
N ASP B 1015 21.67 2.52 1.57
CA ASP B 1015 23.08 2.50 1.92
C ASP B 1015 23.52 1.18 2.56
N THR B 1016 22.57 0.35 3.00
CA THR B 1016 22.86 -0.95 3.56
C THR B 1016 21.80 -1.92 3.09
N LEU B 1017 22.04 -3.22 3.30
CA LEU B 1017 21.11 -4.25 2.85
C LEU B 1017 19.73 -4.05 3.46
N GLU B 1018 19.68 -3.58 4.71
CA GLU B 1018 18.40 -3.33 5.35
C GLU B 1018 17.75 -2.08 4.78
N GLY B 1019 18.54 -1.03 4.51
CA GLY B 1019 18.00 0.16 3.88
C GLY B 1019 17.57 -0.08 2.44
N CYS B 1020 18.20 -1.05 1.78
CA CYS B 1020 17.77 -1.42 0.43
C CYS B 1020 16.38 -2.05 0.46
N TYR B 1021 16.18 -3.04 1.33
CA TYR B 1021 14.88 -3.71 1.41
C TYR B 1021 13.78 -2.78 1.89
N SER B 1022 14.12 -1.76 2.69
CA SER B 1022 13.11 -0.81 3.11
C SER B 1022 12.72 0.12 1.97
N ALA B 1023 13.65 0.42 1.07
CA ALA B 1023 13.34 1.29 -0.06
C ALA B 1023 12.37 0.63 -1.03
N VAL B 1024 12.53 -0.68 -1.25
CA VAL B 1024 11.59 -1.38 -2.12
C VAL B 1024 10.28 -1.63 -1.38
N ALA B 1025 10.32 -1.78 -0.05
CA ALA B 1025 9.09 -1.96 0.72
C ALA B 1025 8.19 -0.74 0.59
N SER B 1026 8.77 0.45 0.48
CA SER B 1026 7.99 1.65 0.21
C SER B 1026 7.15 1.48 -1.03
N VAL B 1027 7.76 1.00 -2.11
CA VAL B 1027 7.03 0.78 -3.36
C VAL B 1027 6.02 -0.36 -3.20
N CYS B 1028 6.40 -1.40 -2.44
CA CYS B 1028 5.47 -2.51 -2.18
C CYS B 1028 4.21 -2.01 -1.51
N ASN B 1029 4.35 -1.29 -0.39
CA ASN B 1029 3.19 -0.84 0.36
C ASN B 1029 2.35 0.15 -0.43
N ARG B 1030 3.00 1.00 -1.23
CA ARG B 1030 2.26 1.90 -2.11
C ARG B 1030 1.38 1.11 -3.08
N TRP B 1031 1.90 0.00 -3.61
CA TRP B 1031 1.10 -0.86 -4.48
C TRP B 1031 0.02 -1.58 -3.69
N LEU B 1032 0.38 -2.10 -2.51
CA LEU B 1032 -0.62 -2.73 -1.65
C LEU B 1032 -1.75 -1.77 -1.32
N ASP B 1033 -1.41 -0.49 -1.14
CA ASP B 1033 -2.43 0.53 -0.87
C ASP B 1033 -3.47 0.58 -1.98
N VAL B 1034 -3.03 0.43 -3.23
CA VAL B 1034 -3.94 0.55 -4.36
C VAL B 1034 -4.97 -0.57 -4.35
N LEU B 1035 -4.56 -1.78 -3.94
CA LEU B 1035 -5.50 -2.89 -3.89
C LEU B 1035 -6.33 -2.89 -2.61
N ASP B 1036 -5.72 -2.52 -1.48
CA ASP B 1036 -6.49 -2.38 -0.26
C ASP B 1036 -7.50 -1.26 -0.36
N SER B 1037 -7.21 -0.25 -1.18
CA SER B 1037 -8.17 0.82 -1.46
C SER B 1037 -9.26 0.40 -2.44
N HIS B 1038 -9.21 -0.83 -2.94
CA HIS B 1038 -10.19 -1.33 -3.92
C HIS B 1038 -10.25 -0.42 -5.13
N GLY B 1039 -9.09 0.10 -5.53
CA GLY B 1039 -8.98 0.91 -6.73
C GLY B 1039 -9.54 2.31 -6.65
N LEU B 1040 -9.90 2.78 -5.45
CA LEU B 1040 -10.43 4.14 -5.31
C LEU B 1040 -9.36 5.20 -5.57
N MET B 1041 -8.08 4.86 -5.40
CA MET B 1041 -7.02 5.85 -5.59
C MET B 1041 -6.82 6.17 -7.07
N LEU B 1042 -6.99 5.18 -7.95
CA LEU B 1042 -6.68 5.34 -9.36
C LEU B 1042 -7.87 5.88 -10.13
N GLU B 1043 -7.58 6.55 -11.23
CA GLU B 1043 -8.62 7.02 -12.13
C GLU B 1043 -9.31 5.83 -12.81
N ASP B 1044 -10.38 6.13 -13.54
CA ASP B 1044 -11.11 5.06 -14.23
C ASP B 1044 -10.29 4.47 -15.37
N GLU B 1045 -9.54 5.31 -16.09
CA GLU B 1045 -8.72 4.81 -17.19
C GLU B 1045 -7.60 3.91 -16.68
N ASP B 1046 -6.88 4.35 -15.65
CA ASP B 1046 -5.74 3.60 -15.15
C ASP B 1046 -6.15 2.30 -14.47
N LEU B 1047 -7.40 2.20 -14.00
CA LEU B 1047 -7.80 0.98 -13.29
C LEU B 1047 -8.04 -0.17 -14.25
N VAL B 1048 -8.70 0.08 -15.38
CA VAL B 1048 -9.05 -1.01 -16.29
C VAL B 1048 -7.81 -1.64 -16.90
N SER B 1049 -6.77 -0.83 -17.14
CA SER B 1049 -5.56 -1.36 -17.75
C SER B 1049 -4.71 -2.11 -16.72
N LEU B 1050 -4.69 -1.64 -15.48
CA LEU B 1050 -3.84 -2.26 -14.46
C LEU B 1050 -4.38 -3.61 -14.05
N ILE B 1051 -5.71 -3.74 -13.93
CA ILE B 1051 -6.32 -4.98 -13.48
C ILE B 1051 -6.51 -5.98 -14.63
N CYS B 1052 -6.44 -5.53 -15.88
CA CYS B 1052 -6.61 -6.42 -17.02
C CYS B 1052 -5.47 -7.43 -17.11
N GLU B 1053 -5.83 -8.68 -17.39
CA GLU B 1053 -4.87 -9.73 -17.70
C GLU B 1053 -5.14 -10.23 -19.11
N ASN B 1054 -4.13 -10.16 -19.97
CA ASN B 1054 -4.24 -10.62 -21.35
C ASN B 1054 -3.58 -11.99 -21.49
N ARG B 1055 -4.25 -12.88 -22.21
CA ARG B 1055 -3.71 -14.22 -22.45
C ARG B 1055 -4.07 -14.65 -23.87
N SER B 1056 -3.08 -15.15 -24.60
CA SER B 1056 -3.28 -15.56 -25.99
C SER B 1056 -3.67 -17.04 -26.06
N MET B 1057 -4.63 -17.33 -26.93
CA MET B 1057 -5.08 -18.70 -27.19
C MET B 1057 -4.40 -19.18 -28.46
N SER B 1058 -3.45 -20.12 -28.32
CA SER B 1058 -2.68 -20.57 -29.48
C SER B 1058 -3.58 -21.12 -30.57
N LYS B 1059 -4.69 -21.77 -30.19
CA LYS B 1059 -5.64 -22.33 -31.13
C LYS B 1059 -6.98 -21.60 -30.99
N THR B 1060 -8.02 -22.21 -31.56
CA THR B 1060 -9.38 -21.70 -31.47
C THR B 1060 -10.15 -22.48 -30.40
N LEU B 1061 -11.09 -21.79 -29.76
CA LEU B 1061 -11.91 -22.33 -28.67
C LEU B 1061 -12.37 -23.78 -28.90
N LYS B 1062 -12.72 -24.11 -30.14
CA LYS B 1062 -13.24 -25.45 -30.42
C LYS B 1062 -12.21 -26.54 -30.13
N GLU B 1063 -10.92 -26.24 -30.27
CA GLU B 1063 -9.87 -27.22 -30.04
C GLU B 1063 -9.59 -27.45 -28.56
N TYR B 1064 -10.17 -26.65 -27.67
CA TYR B 1064 -9.92 -26.76 -26.22
C TYR B 1064 -11.05 -27.49 -25.51
N GLU B 1065 -11.55 -28.58 -26.08
CA GLU B 1065 -12.65 -29.31 -25.47
C GLU B 1065 -12.21 -29.96 -24.16
N GLY B 1066 -13.13 -30.01 -23.19
CA GLY B 1066 -12.84 -30.62 -21.91
C GLY B 1066 -11.75 -29.92 -21.13
N GLN B 1067 -11.39 -28.72 -21.56
CA GLN B 1067 -10.36 -27.92 -20.92
C GLN B 1067 -10.98 -26.67 -20.32
N LYS B 1068 -10.49 -26.28 -19.15
CA LYS B 1068 -10.99 -25.12 -18.43
C LYS B 1068 -9.86 -24.13 -18.24
N SER B 1069 -10.12 -22.86 -18.54
CA SER B 1069 -9.12 -21.82 -18.41
C SER B 1069 -9.82 -20.47 -18.34
N THR B 1070 -9.12 -19.50 -17.73
CA THR B 1070 -9.60 -18.13 -17.75
C THR B 1070 -9.77 -17.60 -19.17
N SER B 1071 -9.07 -18.18 -20.15
CA SER B 1071 -9.12 -17.76 -21.53
C SER B 1071 -10.28 -18.40 -22.30
N ILE B 1072 -10.50 -19.70 -22.11
CA ILE B 1072 -11.66 -20.36 -22.72
C ILE B 1072 -12.94 -19.67 -22.28
N THR B 1073 -13.07 -19.41 -20.97
CA THR B 1073 -14.23 -18.67 -20.47
C THR B 1073 -14.31 -17.28 -21.08
N THR B 1074 -13.19 -16.55 -21.05
CA THR B 1074 -13.16 -15.21 -21.63
C THR B 1074 -13.55 -15.25 -23.11
N ALA B 1075 -13.14 -16.30 -23.81
CA ALA B 1075 -13.41 -16.38 -25.24
C ALA B 1075 -14.88 -16.71 -25.51
N ARG B 1076 -15.41 -17.72 -24.81
CA ARG B 1076 -16.82 -18.08 -24.96
C ARG B 1076 -17.72 -16.88 -24.73
N ARG B 1077 -17.46 -16.14 -23.65
CA ARG B 1077 -18.27 -14.97 -23.33
C ARG B 1077 -18.13 -13.87 -24.38
N LEU B 1078 -16.93 -13.72 -24.94
CA LEU B 1078 -16.74 -12.76 -26.03
C LEU B 1078 -17.59 -13.11 -27.23
N GLY B 1079 -17.67 -14.40 -27.57
CA GLY B 1079 -18.52 -14.81 -28.67
C GLY B 1079 -20.00 -14.73 -28.34
N ASP B 1080 -20.36 -15.05 -27.10
CA ASP B 1080 -21.75 -14.91 -26.67
C ASP B 1080 -22.21 -13.47 -26.70
N PHE B 1081 -21.29 -12.53 -26.55
CA PHE B 1081 -21.58 -11.11 -26.47
C PHE B 1081 -21.31 -10.39 -27.78
N LEU B 1082 -20.20 -10.70 -28.46
CA LEU B 1082 -19.83 -10.01 -29.68
C LEU B 1082 -19.94 -10.88 -30.92
N GLY B 1083 -20.26 -12.16 -30.79
CA GLY B 1083 -20.41 -13.00 -31.97
C GLY B 1083 -19.38 -14.10 -32.08
N GLU B 1084 -19.82 -15.28 -32.54
CA GLU B 1084 -18.90 -16.40 -32.78
C GLU B 1084 -17.76 -16.00 -33.71
N ASP B 1085 -18.03 -15.12 -34.67
CA ASP B 1085 -16.99 -14.61 -35.57
C ASP B 1085 -15.82 -13.99 -34.83
N MET B 1086 -15.94 -13.77 -33.53
CA MET B 1086 -14.83 -13.32 -32.69
C MET B 1086 -13.95 -14.47 -32.20
N VAL B 1087 -14.47 -15.69 -32.20
CA VAL B 1087 -13.72 -16.85 -31.71
C VAL B 1087 -13.35 -17.80 -32.85
N LYS B 1088 -13.32 -17.30 -34.08
CA LYS B 1088 -13.08 -18.15 -35.25
C LYS B 1088 -11.60 -18.36 -35.54
N ASP B 1089 -10.78 -17.32 -35.43
CA ASP B 1089 -9.37 -17.42 -35.77
C ASP B 1089 -8.55 -17.78 -34.53
N LYS B 1090 -7.32 -18.19 -34.76
CA LYS B 1090 -6.41 -18.55 -33.68
C LYS B 1090 -5.67 -17.31 -33.18
N GLY B 1091 -5.09 -17.44 -31.99
CA GLY B 1091 -4.32 -16.35 -31.42
C GLY B 1091 -5.15 -15.23 -30.82
N LEU B 1092 -6.39 -15.50 -30.43
CA LEU B 1092 -7.22 -14.46 -29.83
C LEU B 1092 -6.63 -14.04 -28.49
N GLN B 1093 -6.43 -12.73 -28.33
CA GLN B 1093 -5.95 -12.17 -27.08
C GLN B 1093 -7.14 -12.02 -26.13
N CYS B 1094 -7.19 -12.86 -25.10
CA CYS B 1094 -8.31 -12.87 -24.16
C CYS B 1094 -7.99 -11.91 -23.02
N LYS B 1095 -8.55 -10.71 -23.10
CA LYS B 1095 -8.40 -9.70 -22.06
C LYS B 1095 -9.58 -9.81 -21.10
N TYR B 1096 -9.29 -10.08 -19.83
CA TYR B 1096 -10.34 -10.37 -18.86
C TYR B 1096 -9.98 -9.78 -17.50
N ILE B 1097 -11.01 -9.64 -16.67
CA ILE B 1097 -10.88 -9.38 -15.25
C ILE B 1097 -11.56 -10.53 -14.50
N ILE B 1098 -11.19 -10.69 -13.25
CA ILE B 1098 -11.74 -11.75 -12.40
C ILE B 1098 -12.80 -11.13 -11.49
N SER B 1099 -14.02 -11.66 -11.60
CA SER B 1099 -15.15 -11.15 -10.80
C SER B 1099 -15.25 -11.90 -9.47
N SER B 1100 -16.07 -11.39 -8.56
CA SER B 1100 -16.26 -12.02 -7.24
C SER B 1100 -17.68 -12.55 -7.11
N LYS B 1101 -18.65 -11.89 -7.74
CA LYS B 1101 -20.08 -12.26 -7.53
C LYS B 1101 -20.47 -13.72 -7.80
N PRO B 1102 -19.77 -14.51 -8.64
CA PRO B 1102 -20.21 -15.87 -8.89
C PRO B 1102 -19.45 -16.58 -7.76
N PHE B 1103 -19.81 -16.29 -6.51
CA PHE B 1103 -19.09 -16.83 -5.33
C PHE B 1103 -19.19 -18.35 -5.28
N ASN B 1104 -18.23 -19.00 -4.60
CA ASN B 1104 -18.24 -20.49 -4.46
C ASN B 1104 -17.97 -21.11 -5.84
N ALA B 1105 -17.56 -20.28 -6.79
CA ALA B 1105 -17.31 -20.79 -8.13
C ALA B 1105 -15.84 -20.67 -8.48
N PRO B 1106 -15.31 -21.58 -9.30
CA PRO B 1106 -13.89 -21.53 -9.64
C PRO B 1106 -13.50 -20.23 -10.32
N VAL B 1107 -12.19 -19.94 -10.29
CA VAL B 1107 -11.68 -18.72 -10.91
C VAL B 1107 -11.94 -18.73 -12.41
N THR B 1108 -11.84 -19.91 -13.04
CA THR B 1108 -12.06 -20.00 -14.47
C THR B 1108 -13.49 -19.68 -14.86
N GLU B 1109 -14.43 -19.75 -13.93
CA GLU B 1109 -15.83 -19.44 -14.21
C GLU B 1109 -16.17 -17.98 -13.93
N ARG B 1110 -15.19 -17.17 -13.50
CA ARG B 1110 -15.42 -15.78 -13.15
C ARG B 1110 -14.61 -14.82 -14.03
N ALA B 1111 -14.11 -15.30 -15.16
CA ALA B 1111 -13.34 -14.47 -16.09
C ALA B 1111 -14.30 -13.70 -16.98
N ILE B 1112 -14.36 -12.38 -16.80
CA ILE B 1112 -15.29 -11.52 -17.51
C ILE B 1112 -14.50 -10.73 -18.55
N PRO B 1113 -14.85 -10.81 -19.82
CA PRO B 1113 -14.18 -9.98 -20.84
C PRO B 1113 -14.34 -8.50 -20.53
N VAL B 1114 -13.22 -7.79 -20.49
CA VAL B 1114 -13.23 -6.37 -20.16
C VAL B 1114 -13.91 -5.52 -21.22
N ALA B 1115 -14.19 -6.09 -22.39
CA ALA B 1115 -14.87 -5.34 -23.44
C ALA B 1115 -16.34 -5.09 -23.12
N ILE B 1116 -16.93 -5.84 -22.19
CA ILE B 1116 -18.32 -5.61 -21.84
C ILE B 1116 -18.50 -4.26 -21.19
N PHE B 1117 -17.49 -3.77 -20.47
CA PHE B 1117 -17.60 -2.49 -19.78
C PHE B 1117 -17.36 -1.31 -20.71
N SER B 1118 -17.24 -1.58 -22.01
CA SER B 1118 -17.30 -0.55 -23.04
C SER B 1118 -18.52 -0.71 -23.93
N ALA B 1119 -19.40 -1.68 -23.65
CA ALA B 1119 -20.61 -1.86 -24.41
C ALA B 1119 -21.69 -0.90 -23.91
N ASP B 1120 -22.79 -0.83 -24.67
CA ASP B 1120 -23.93 -0.04 -24.25
C ASP B 1120 -24.48 -0.58 -22.93
N ILE B 1121 -25.01 0.32 -22.11
CA ILE B 1121 -25.51 0.00 -20.77
C ILE B 1121 -26.43 -1.21 -20.78
N PRO B 1122 -27.39 -1.33 -21.72
CA PRO B 1122 -28.22 -2.55 -21.74
C PRO B 1122 -27.42 -3.82 -21.91
N ILE B 1123 -26.53 -3.88 -22.90
CA ILE B 1123 -25.76 -5.10 -23.11
C ILE B 1123 -24.84 -5.35 -21.92
N LYS B 1124 -24.20 -4.30 -21.42
CA LYS B 1124 -23.36 -4.43 -20.23
C LYS B 1124 -24.14 -5.04 -19.06
N ARG B 1125 -25.39 -4.62 -18.87
CA ARG B 1125 -26.17 -5.16 -17.76
C ARG B 1125 -26.58 -6.60 -18.01
N SER B 1126 -27.01 -6.93 -19.23
CA SER B 1126 -27.61 -8.24 -19.49
C SER B 1126 -26.59 -9.35 -19.27
N PHE B 1127 -25.36 -9.15 -19.71
CA PHE B 1127 -24.35 -10.19 -19.62
C PHE B 1127 -23.70 -10.24 -18.24
N LEU B 1128 -23.43 -9.07 -17.64
CA LEU B 1128 -22.90 -9.07 -16.28
C LEU B 1128 -23.85 -9.79 -15.34
N ARG B 1129 -25.15 -9.57 -15.48
CA ARG B 1129 -26.13 -10.32 -14.69
C ARG B 1129 -26.01 -11.82 -14.94
N ARG B 1130 -25.81 -12.21 -16.20
CA ARG B 1130 -25.70 -13.63 -16.52
C ARG B 1130 -24.42 -14.23 -15.98
N TRP B 1131 -23.30 -13.51 -16.13
CA TRP B 1131 -22.01 -14.06 -15.69
C TRP B 1131 -21.88 -14.03 -14.18
N THR B 1132 -22.41 -12.98 -13.53
CA THR B 1132 -22.39 -12.92 -12.07
C THR B 1132 -23.44 -13.82 -11.43
N LEU B 1133 -24.39 -14.34 -12.21
CA LEU B 1133 -25.51 -15.12 -11.69
C LEU B 1133 -26.30 -14.35 -10.64
N ASP B 1134 -26.32 -13.02 -10.78
CA ASP B 1134 -27.08 -12.13 -9.91
C ASP B 1134 -28.07 -11.37 -10.78
N PRO B 1135 -29.28 -11.89 -10.97
CA PRO B 1135 -30.26 -11.18 -11.81
C PRO B 1135 -30.63 -9.81 -11.29
N SER B 1136 -30.45 -9.57 -9.99
CA SER B 1136 -30.77 -8.29 -9.37
C SER B 1136 -29.68 -7.25 -9.56
N LEU B 1137 -28.70 -7.50 -10.43
CA LEU B 1137 -27.59 -6.58 -10.59
C LEU B 1137 -28.04 -5.29 -11.25
N GLU B 1138 -27.64 -4.16 -10.68
CA GLU B 1138 -28.00 -2.85 -11.21
C GLU B 1138 -26.76 -1.96 -11.34
N ASP B 1139 -25.78 -2.16 -10.47
CA ASP B 1139 -24.51 -1.45 -10.54
C ASP B 1139 -23.58 -2.17 -11.50
N LEU B 1140 -23.01 -1.42 -12.44
CA LEU B 1140 -22.18 -1.98 -13.51
C LEU B 1140 -20.78 -1.36 -13.51
N ASP B 1141 -20.30 -0.94 -12.35
CA ASP B 1141 -18.95 -0.40 -12.23
C ASP B 1141 -17.96 -1.51 -11.96
N ILE B 1142 -16.85 -1.52 -12.72
CA ILE B 1142 -15.82 -2.54 -12.58
C ILE B 1142 -15.36 -2.66 -11.14
N ARG B 1143 -15.32 -1.52 -10.46
CA ARG B 1143 -14.83 -1.51 -9.05
C ARG B 1143 -15.75 -2.35 -8.17
N THR B 1144 -17.00 -2.53 -8.59
CA THR B 1144 -17.95 -3.30 -7.79
C THR B 1144 -17.92 -4.79 -8.08
N ILE B 1145 -17.36 -5.20 -9.22
CA ILE B 1145 -17.38 -6.59 -9.64
C ILE B 1145 -16.04 -7.28 -9.46
N ILE B 1146 -14.95 -6.54 -9.25
CA ILE B 1146 -13.63 -7.15 -9.13
C ILE B 1146 -13.50 -7.89 -7.81
N ASP B 1147 -12.92 -9.10 -7.87
CA ASP B 1147 -12.50 -9.81 -6.66
C ASP B 1147 -11.15 -9.23 -6.24
N TRP B 1148 -11.22 -8.12 -5.50
CA TRP B 1148 -10.01 -7.41 -5.11
C TRP B 1148 -9.11 -8.27 -4.22
N GLY B 1149 -9.69 -9.20 -3.47
CA GLY B 1149 -8.88 -10.11 -2.70
C GLY B 1149 -8.05 -11.03 -3.57
N TYR B 1150 -8.60 -11.43 -4.72
CA TYR B 1150 -7.85 -12.25 -5.67
C TYR B 1150 -6.62 -11.53 -6.16
N TYR B 1151 -6.77 -10.27 -6.58
CA TYR B 1151 -5.62 -9.50 -7.03
C TYR B 1151 -4.70 -9.13 -5.89
N ARG B 1152 -5.25 -8.99 -4.67
CA ARG B 1152 -4.41 -8.77 -3.50
C ARG B 1152 -3.52 -9.98 -3.23
N GLU B 1153 -4.03 -11.19 -3.48
CA GLU B 1153 -3.23 -12.39 -3.29
C GLU B 1153 -2.13 -12.50 -4.34
N ARG B 1154 -2.44 -12.13 -5.59
CA ARG B 1154 -1.43 -12.17 -6.65
C ARG B 1154 -0.29 -11.21 -6.35
N LEU B 1155 -0.60 -9.94 -6.07
CA LEU B 1155 0.44 -8.98 -5.71
C LEU B 1155 1.18 -9.43 -4.45
N GLY B 1156 0.47 -10.07 -3.52
CA GLY B 1156 1.12 -10.59 -2.34
C GLY B 1156 2.14 -11.66 -2.66
N SER B 1157 1.79 -12.56 -3.58
CA SER B 1157 2.73 -13.60 -4.01
C SER B 1157 3.97 -12.99 -4.62
N ALA B 1158 3.80 -12.01 -5.51
CA ALA B 1158 4.94 -11.39 -6.18
C ALA B 1158 5.86 -10.71 -5.18
N ILE B 1159 5.28 -10.04 -4.18
CA ILE B 1159 6.10 -9.38 -3.16
C ILE B 1159 6.87 -10.43 -2.33
N GLN B 1160 6.22 -11.56 -2.05
CA GLN B 1160 6.88 -12.62 -1.29
C GLN B 1160 8.12 -13.14 -2.00
N LYS B 1161 7.99 -13.42 -3.30
CA LYS B 1161 9.06 -14.09 -4.02
C LYS B 1161 10.21 -13.15 -4.39
N ILE B 1162 9.92 -11.87 -4.62
CA ILE B 1162 10.97 -10.93 -5.00
C ILE B 1162 11.59 -10.24 -3.79
N ILE B 1163 10.82 -9.98 -2.74
CA ILE B 1163 11.28 -9.11 -1.66
C ILE B 1163 11.38 -9.85 -0.33
N THR B 1164 10.24 -10.21 0.25
CA THR B 1164 10.19 -10.60 1.66
C THR B 1164 10.97 -11.90 1.91
N ILE B 1165 10.59 -12.99 1.23
CA ILE B 1165 11.29 -14.26 1.45
C ILE B 1165 12.76 -14.17 1.12
N PRO B 1166 13.21 -13.51 0.04
CA PRO B 1166 14.66 -13.30 -0.12
C PRO B 1166 15.27 -12.50 1.01
N ALA B 1167 14.58 -11.49 1.52
CA ALA B 1167 15.08 -10.75 2.67
C ALA B 1167 15.26 -11.67 3.87
N ALA B 1168 14.30 -12.55 4.12
CA ALA B 1168 14.41 -13.47 5.24
C ALA B 1168 15.60 -14.40 5.08
N LEU B 1169 15.87 -14.85 3.85
CA LEU B 1169 17.04 -15.69 3.60
C LEU B 1169 18.34 -14.96 3.87
N GLN B 1170 18.34 -13.62 3.81
CA GLN B 1170 19.52 -12.82 4.09
C GLN B 1170 19.46 -12.16 5.47
N GLY B 1171 18.69 -12.75 6.39
CA GLY B 1171 18.66 -12.29 7.77
C GLY B 1171 17.92 -11.00 8.01
N VAL B 1172 17.15 -10.50 7.04
CA VAL B 1172 16.41 -9.26 7.19
C VAL B 1172 14.97 -9.61 7.56
N SER B 1173 14.50 -9.06 8.67
CA SER B 1173 13.10 -9.25 9.06
C SER B 1173 12.18 -8.61 8.02
N ASN B 1174 11.01 -9.23 7.83
CA ASN B 1174 10.02 -8.90 6.81
C ASN B 1174 9.90 -7.40 6.58
N PRO B 1175 10.44 -6.88 5.48
CA PRO B 1175 10.33 -5.44 5.21
C PRO B 1175 8.92 -5.01 4.82
N VAL B 1176 8.06 -5.94 4.42
CA VAL B 1176 6.66 -5.63 4.13
C VAL B 1176 5.78 -6.48 5.05
N PRO B 1177 5.61 -6.08 6.32
CA PRO B 1177 4.85 -6.92 7.26
C PRO B 1177 3.39 -7.10 6.89
N ARG B 1178 2.83 -6.22 6.05
CA ARG B 1178 1.47 -6.43 5.56
C ARG B 1178 1.36 -7.67 4.67
N VAL B 1179 2.48 -8.25 4.26
CA VAL B 1179 2.51 -9.49 3.50
C VAL B 1179 3.13 -10.55 4.40
N GLU B 1180 2.30 -11.43 4.94
CA GLU B 1180 2.73 -12.39 5.95
C GLU B 1180 3.63 -13.46 5.34
N HIS B 1181 4.67 -13.82 6.08
CA HIS B 1181 5.53 -14.93 5.69
C HIS B 1181 4.74 -16.24 5.69
N PRO B 1182 5.16 -17.22 4.91
CA PRO B 1182 4.52 -18.54 4.99
C PRO B 1182 4.77 -19.20 6.34
N ASP B 1183 3.93 -20.19 6.65
CA ASP B 1183 3.99 -20.82 7.97
C ASP B 1183 5.34 -21.49 8.21
N TRP B 1184 5.89 -22.16 7.20
CA TRP B 1184 7.20 -22.80 7.36
C TRP B 1184 8.29 -21.77 7.60
N LEU B 1185 8.13 -20.55 7.07
CA LEU B 1185 9.14 -19.52 7.28
C LEU B 1185 9.08 -18.95 8.69
N LYS B 1186 7.87 -18.76 9.22
CA LYS B 1186 7.73 -18.33 10.62
C LYS B 1186 8.31 -19.37 11.56
N ARG B 1187 8.04 -20.66 11.31
CA ARG B 1187 8.58 -21.71 12.15
C ARG B 1187 10.10 -21.76 12.05
N LYS B 1188 10.65 -21.38 10.91
CA LYS B 1188 12.11 -21.41 10.74
C LYS B 1188 12.78 -20.24 11.44
N ILE B 1189 12.15 -19.06 11.41
CA ILE B 1189 12.74 -17.92 12.12
C ILE B 1189 12.59 -18.09 13.62
N ALA B 1190 11.55 -18.80 14.07
CA ALA B 1190 11.38 -19.05 15.50
C ALA B 1190 12.53 -19.88 16.04
N THR B 1191 12.97 -20.88 15.28
CA THR B 1191 14.13 -21.68 15.67
C THR B 1191 15.42 -20.99 15.23
N1 DOC C 11 18.26 -21.89 -23.06
C2 DOC C 11 17.74 -22.94 -23.82
N3 DOC C 11 16.99 -22.63 -24.91
C4 DOC C 11 16.77 -21.37 -25.25
C5 DOC C 11 17.30 -20.29 -24.48
C6 DOC C 11 18.03 -20.60 -23.41
O2 DOC C 11 17.96 -24.10 -23.46
N4 DOC C 11 16.03 -21.13 -26.32
C1' DOC C 11 19.07 -22.22 -21.86
C2' DOC C 11 20.54 -22.47 -22.15
C3' DOC C 11 21.18 -21.13 -21.88
C4' DOC C 11 20.34 -20.60 -20.73
O4' DOC C 11 19.01 -21.11 -20.98
C5' DOC C 11 20.29 -19.11 -20.66
O5' DOC C 11 20.30 -18.68 -19.28
P DOC C 11 19.34 -17.48 -18.82
OP1 DOC C 11 19.76 -17.09 -17.44
OP2 DOC C 11 19.46 -16.39 -19.85
N1 DOC E 11 -18.05 22.60 23.61
C2 DOC E 11 -18.28 21.33 24.16
N3 DOC E 11 -17.55 20.93 25.21
C4 DOC E 11 -16.60 21.73 25.72
C5 DOC E 11 -16.35 23.00 25.18
C6 DOC E 11 -17.08 23.41 24.13
O2 DOC E 11 -19.17 20.63 23.65
N4 DOC E 11 -15.91 21.28 26.76
C1' DOC E 11 -18.85 23.04 22.45
C2' DOC E 11 -20.23 23.58 22.81
C3' DOC E 11 -20.04 25.07 22.73
C4' DOC E 11 -19.02 25.23 21.64
O4' DOC E 11 -18.14 24.09 21.82
C5' DOC E 11 -18.22 26.48 21.71
O5' DOC E 11 -17.85 26.89 20.37
P DOC E 11 -16.38 27.49 20.12
OP1 DOC E 11 -16.47 28.35 18.89
OP2 DOC E 11 -15.94 28.22 21.37
CA CA G . -21.23 32.67 26.31
CA CA H . 8.98 24.38 41.04
CA CA I . -23.68 28.92 25.58
PA TTP J . -21.12 26.56 26.10
O1A TTP J . -21.94 27.52 25.29
O2A TTP J . -19.65 26.74 26.15
O3A TTP J . -21.69 26.53 27.59
PB TTP J . -22.99 27.15 28.28
O1B TTP J . -23.94 27.57 27.21
O2B TTP J . -23.46 26.23 29.34
O3B TTP J . -22.38 28.46 28.95
PG TTP J . -22.43 29.98 28.50
O1G TTP J . -22.78 29.96 27.04
O2G TTP J . -23.50 30.61 29.34
O3G TTP J . -21.07 30.53 28.77
O5' TTP J . -21.46 25.06 25.63
C5' TTP J . -22.82 24.77 25.28
C4' TTP J . -23.23 23.45 25.88
O4' TTP J . -22.15 22.48 25.73
C3' TTP J . -23.48 23.47 27.38
O3' TTP J . -24.80 23.93 27.67
C2' TTP J . -23.34 21.99 27.72
C1' TTP J . -22.18 21.57 26.83
N1 TTP J . -20.88 21.62 27.49
C2 TTP J . -20.49 20.54 28.24
O2 TTP J . -21.17 19.53 28.35
N3 TTP J . -19.27 20.67 28.86
C4 TTP J . -18.42 21.75 28.80
O4 TTP J . -17.35 21.72 29.41
C5 TTP J . -18.89 22.86 28.00
C5M TTP J . -18.03 24.09 27.89
C6 TTP J . -20.08 22.75 27.40
C ACT K . 6.81 23.73 39.66
O ACT K . 7.46 22.65 39.67
OXT ACT K . 7.14 24.84 40.15
CH3 ACT K . 5.41 23.69 38.97
CA CA L . 26.41 -20.23 -24.19
CA CA M . 27.31 -15.64 -24.00
CA CA N . -0.66 -1.17 -39.50
PA TTP O . 23.13 -20.12 -25.05
O1A TTP O . 24.25 -20.03 -24.06
O2A TTP O . 22.08 -19.07 -25.01
O3A TTP O . 23.76 -20.17 -26.52
PB TTP O . 25.17 -20.56 -27.13
O1B TTP O . 26.05 -21.05 -26.03
O2B TTP O . 24.96 -21.41 -28.33
O3B TTP O . 25.71 -19.14 -27.60
PG TTP O . 26.44 -17.98 -26.77
O1G TTP O . 26.61 -18.52 -25.38
O2G TTP O . 27.74 -17.74 -27.46
O3G TTP O . 25.53 -16.79 -26.83
O5' TTP O . 22.46 -21.56 -24.97
C5' TTP O . 23.31 -22.67 -24.61
C4' TTP O . 22.92 -23.87 -25.44
O4' TTP O . 21.49 -24.07 -25.40
C3' TTP O . 23.24 -23.78 -26.93
O3' TTP O . 24.60 -24.09 -27.18
C2' TTP O . 22.31 -24.84 -27.47
C1' TTP O . 21.06 -24.62 -26.64
N1 TTP O . 20.12 -23.67 -27.25
C2 TTP O . 19.22 -24.13 -28.19
O2 TTP O . 19.16 -25.31 -28.50
N3 TTP O . 18.41 -23.18 -28.73
C4 TTP O . 18.40 -21.83 -28.44
O4 TTP O . 17.60 -21.09 -29.01
C5 TTP O . 19.37 -21.40 -27.46
C5M TTP O . 19.43 -19.95 -27.08
C6 TTP O . 20.18 -22.33 -26.92
C ACT P . 0.10 -3.62 -37.95
O ACT P . 1.31 -3.51 -38.28
OXT ACT P . -0.90 -2.92 -38.33
CH3 ACT P . -0.26 -4.76 -36.95
#